data_3O3C
#
_entry.id   3O3C
#
_cell.length_a   96.586
_cell.length_b   167.209
_cell.length_c   121.251
_cell.angle_alpha   90.00
_cell.angle_beta   102.66
_cell.angle_gamma   90.00
#
_symmetry.space_group_name_H-M   'P 1 21 1'
#
loop_
_entity.id
_entity.type
_entity.pdbx_description
1 polymer 'Glycogen [starch] synthase isoform 2'
2 non-polymer 'SULFATE ION'
3 non-polymer "URIDINE-5'-DIPHOSPHATE"
#
_entity_poly.entity_id   1
_entity_poly.type   'polypeptide(L)'
_entity_poly.pdbx_seq_one_letter_code
;MGSSHHHHHHSSGLVPRGSHMSRDLQNHLLFETATEVANRVGGIYSVLKSKAPITVAQYKDHYHLIGPLNKATYQNEVDI
LDWKKPEAFSDEMRPVQHALQTMESRGVHFVYGRWLIEGAPKVILFDLDSVRGYSNEWKGDLWSLVGIPSPENDFETNDA
ILLGYTVAWFLGEVAHLDSQHAIVAHFHEWLAGVALPLCRKRRIDVVTIFTTHATLLGRYLCASGSFDFYNCLESVDVDH
EAGRFGIYHRYCIERAAAHSADVFTTVSQITAFEAEHLLKRKPDGILPNGLNVIKFQAFHEFQNLHALKKEKINDFVRGH
FHGCFDFDLDNTLYFFIAGRYEYKNKGADMFIEALARLNYRLKVSGSKKTVVAFIVMPAKNNSFTVEALKGQAEVRALEN
TVHEVTTSIGKRIFDHAIRYPHNGLTTELPTDLGELLKSSDKVMLKRRILALRRPEGQLPPIVTHNMVDDANDLILNKIR
QVQLFNSPSDRVKMIFHPEFLNANNPILGLDYDEFVRGCHLGVFPSYYEPWGYTPAECTVMGVPSITTNVSGFGSYMEDL
IETNQAKDYGIYIVDRRFKAPDESVEQLVDYMEEFVKKTAAQAINQRNRTERLSDLLDWKRMGLEYVKARQLALRRGYPD
QFRELVGEELNDSNMDALAGGKKLKVARPLSVPGSPRDLRSNSTVYMTPGDLGTLQEVNNADDYFSLGVNPAADDDDDGP
YADDS
;
_entity_poly.pdbx_strand_id   A,B,C,D
#
# COMPACT_ATOMS: atom_id res chain seq x y z
N SER A 22 -19.82 20.65 -60.59
CA SER A 22 -19.51 19.26 -60.23
C SER A 22 -18.66 19.12 -58.96
N ARG A 23 -19.09 18.22 -58.08
CA ARG A 23 -18.62 18.16 -56.70
C ARG A 23 -17.66 17.00 -56.41
N ASP A 24 -16.89 17.14 -55.35
CA ASP A 24 -15.89 16.13 -55.00
C ASP A 24 -16.49 15.07 -54.09
N LEU A 25 -16.77 13.91 -54.67
CA LEU A 25 -17.28 12.78 -53.92
C LEU A 25 -16.20 12.27 -52.98
N GLN A 26 -14.96 12.31 -53.47
CA GLN A 26 -13.80 11.84 -52.72
C GLN A 26 -13.71 12.52 -51.35
N ASN A 27 -13.42 13.81 -51.37
CA ASN A 27 -13.33 14.62 -50.15
C ASN A 27 -14.63 15.41 -49.91
N HIS A 28 -15.48 14.87 -49.05
CA HIS A 28 -16.83 15.39 -48.84
C HIS A 28 -17.06 15.82 -47.40
N LEU A 29 -18.28 16.28 -47.14
CA LEU A 29 -18.68 16.85 -45.86
C LEU A 29 -19.71 15.97 -45.13
N LEU A 30 -19.56 15.83 -43.82
CA LEU A 30 -20.49 14.98 -43.04
C LEU A 30 -21.22 15.75 -41.94
N PHE A 31 -22.54 15.75 -42.00
CA PHE A 31 -23.37 16.33 -40.95
C PHE A 31 -24.31 15.28 -40.35
N GLU A 32 -24.01 14.86 -39.13
CA GLU A 32 -24.81 13.84 -38.45
C GLU A 32 -25.74 14.55 -37.49
N THR A 33 -27.04 14.31 -37.64
CA THR A 33 -28.04 15.03 -36.89
C THR A 33 -28.89 14.12 -36.03
N ALA A 34 -29.00 14.40 -34.73
CA ALA A 34 -29.88 13.64 -33.83
C ALA A 34 -30.29 14.48 -32.65
N THR A 35 -31.41 14.11 -32.03
CA THR A 35 -31.90 14.83 -30.85
C THR A 35 -30.94 14.79 -29.70
N GLU A 36 -30.09 13.77 -29.66
CA GLU A 36 -29.26 13.51 -28.50
C GLU A 36 -27.92 14.25 -28.43
N VAL A 37 -27.43 14.76 -29.57
CA VAL A 37 -26.07 15.31 -29.62
C VAL A 37 -25.44 15.63 -28.28
N ALA A 38 -25.69 16.81 -27.72
CA ALA A 38 -24.98 17.10 -26.48
C ALA A 38 -25.90 17.05 -25.29
N ASN A 39 -26.76 16.04 -25.24
CA ASN A 39 -27.58 15.79 -24.06
C ASN A 39 -28.12 14.37 -23.95
N ARG A 40 -27.68 13.64 -22.93
CA ARG A 40 -28.18 12.30 -22.70
C ARG A 40 -29.68 12.35 -22.48
N VAL A 41 -30.43 11.81 -23.43
CA VAL A 41 -31.87 11.72 -23.33
C VAL A 41 -32.22 10.32 -23.77
N GLY A 42 -31.46 9.81 -24.74
CA GLY A 42 -31.66 8.46 -25.24
C GLY A 42 -30.43 7.59 -25.11
N GLY A 43 -30.42 6.49 -25.85
CA GLY A 43 -29.25 5.63 -25.89
C GLY A 43 -28.41 6.03 -27.10
N ILE A 44 -29.01 6.81 -27.97
CA ILE A 44 -28.32 7.28 -29.15
C ILE A 44 -27.15 8.14 -28.71
N TYR A 45 -27.35 8.90 -27.65
CA TYR A 45 -26.28 9.68 -27.07
C TYR A 45 -25.05 8.79 -26.99
N SER A 46 -25.22 7.62 -26.40
CA SER A 46 -24.12 6.70 -26.28
C SER A 46 -23.51 6.32 -27.62
N VAL A 47 -24.35 5.84 -28.54
CA VAL A 47 -23.88 5.55 -29.90
C VAL A 47 -22.99 6.65 -30.49
N LEU A 48 -23.55 7.85 -30.66
CA LEU A 48 -22.82 8.97 -31.22
C LEU A 48 -21.55 9.32 -30.44
N LYS A 49 -21.62 9.35 -29.11
CA LYS A 49 -20.46 9.69 -28.29
C LYS A 49 -19.29 8.72 -28.48
N SER A 50 -19.60 7.44 -28.62
CA SER A 50 -18.55 6.44 -28.75
C SER A 50 -18.12 6.21 -30.20
N LYS A 51 -18.88 6.74 -31.13
CA LYS A 51 -18.51 6.70 -32.55
C LYS A 51 -17.72 7.93 -32.96
N ALA A 52 -17.74 8.96 -32.12
CA ALA A 52 -17.07 10.22 -32.41
C ALA A 52 -15.58 10.03 -32.72
N PRO A 53 -14.83 9.41 -31.80
CA PRO A 53 -13.39 9.26 -31.95
C PRO A 53 -12.98 8.70 -33.30
N ILE A 54 -13.69 7.66 -33.74
CA ILE A 54 -13.38 7.07 -35.02
C ILE A 54 -13.73 7.95 -36.21
N THR A 55 -14.87 8.65 -36.15
CA THR A 55 -15.29 9.48 -37.29
C THR A 55 -14.61 10.88 -37.34
N VAL A 56 -14.17 11.37 -36.18
CA VAL A 56 -13.38 12.58 -36.15
C VAL A 56 -12.02 12.27 -36.74
N ALA A 57 -11.50 11.10 -36.37
CA ALA A 57 -10.25 10.62 -36.91
C ALA A 57 -10.28 10.63 -38.45
N GLN A 58 -11.38 10.16 -39.04
CA GLN A 58 -11.49 10.11 -40.49
C GLN A 58 -11.78 11.47 -41.11
N TYR A 59 -12.84 12.13 -40.65
CA TYR A 59 -13.30 13.36 -41.30
C TYR A 59 -12.69 14.67 -40.75
N LYS A 60 -11.85 14.57 -39.71
CA LYS A 60 -11.43 15.75 -38.95
C LYS A 60 -12.48 16.88 -38.84
N ASP A 61 -12.15 18.04 -39.38
CA ASP A 61 -13.00 19.23 -39.23
C ASP A 61 -14.05 19.40 -40.33
N HIS A 62 -14.20 18.35 -41.14
CA HIS A 62 -15.23 18.33 -42.17
C HIS A 62 -16.52 17.76 -41.56
N TYR A 63 -16.39 17.26 -40.34
CA TYR A 63 -17.47 16.57 -39.67
C TYR A 63 -18.13 17.41 -38.57
N HIS A 64 -19.42 17.67 -38.71
CA HIS A 64 -20.19 18.34 -37.66
C HIS A 64 -21.38 17.52 -37.15
N LEU A 65 -21.59 17.53 -35.85
CA LEU A 65 -22.81 16.97 -35.30
C LEU A 65 -23.79 18.12 -35.13
N ILE A 66 -25.06 17.89 -35.47
CA ILE A 66 -26.08 18.93 -35.36
C ILE A 66 -27.19 18.44 -34.47
N GLY A 67 -27.74 19.31 -33.63
CA GLY A 67 -28.85 18.92 -32.80
C GLY A 67 -29.50 20.09 -32.14
N PRO A 68 -30.60 19.85 -31.41
CA PRO A 68 -31.26 20.94 -30.70
C PRO A 68 -30.45 21.32 -29.49
N LEU A 69 -30.28 22.61 -29.27
CA LEU A 69 -29.69 23.09 -28.02
C LEU A 69 -30.63 22.84 -26.85
N ASN A 70 -30.08 22.24 -25.81
CA ASN A 70 -30.76 22.01 -24.55
C ASN A 70 -30.20 22.99 -23.54
N LYS A 71 -30.93 24.08 -23.29
CA LYS A 71 -30.43 25.17 -22.45
C LYS A 71 -30.16 24.75 -21.00
N ALA A 72 -30.47 23.52 -20.66
CA ALA A 72 -30.31 23.05 -19.29
C ALA A 72 -28.99 22.33 -19.01
N THR A 73 -28.38 21.79 -20.05
CA THR A 73 -27.23 20.90 -19.90
C THR A 73 -26.05 21.32 -20.77
N TYR A 74 -26.30 22.02 -21.86
CA TYR A 74 -25.28 22.25 -22.87
C TYR A 74 -24.00 22.80 -22.25
N GLN A 75 -24.14 23.55 -21.16
CA GLN A 75 -22.96 24.18 -20.53
C GLN A 75 -22.01 23.23 -19.83
N ASN A 76 -22.46 21.99 -19.59
CA ASN A 76 -21.63 20.98 -18.92
C ASN A 76 -20.91 20.09 -19.93
N GLU A 77 -21.38 20.09 -21.17
CA GLU A 77 -20.90 19.15 -22.19
C GLU A 77 -20.21 19.83 -23.36
N VAL A 78 -20.36 21.14 -23.45
CA VAL A 78 -19.87 21.84 -24.64
C VAL A 78 -18.87 22.97 -24.40
N ASP A 79 -17.68 22.78 -24.97
CA ASP A 79 -16.67 23.82 -25.06
C ASP A 79 -17.21 24.83 -26.07
N ILE A 80 -17.77 25.92 -25.59
CA ILE A 80 -18.27 26.94 -26.50
C ILE A 80 -17.15 27.63 -27.26
N LEU A 81 -17.36 27.86 -28.56
CA LEU A 81 -16.35 28.45 -29.40
C LEU A 81 -16.90 29.68 -30.08
N ASP A 82 -15.99 30.59 -30.42
CA ASP A 82 -16.33 31.75 -31.24
C ASP A 82 -16.17 31.40 -32.71
N TRP A 83 -17.31 31.29 -33.38
CA TRP A 83 -17.37 30.80 -34.77
C TRP A 83 -17.17 31.90 -35.80
N LYS A 84 -17.03 33.14 -35.31
CA LYS A 84 -16.88 34.29 -36.16
C LYS A 84 -15.41 34.63 -36.45
N LYS A 85 -14.51 34.28 -35.54
CA LYS A 85 -13.09 34.52 -35.79
C LYS A 85 -12.68 33.86 -37.09
N PRO A 86 -11.96 34.58 -37.94
CA PRO A 86 -11.48 34.01 -39.20
C PRO A 86 -10.78 32.68 -38.96
N GLU A 87 -10.20 32.51 -37.77
CA GLU A 87 -9.46 31.29 -37.45
C GLU A 87 -10.35 30.05 -37.30
N ALA A 88 -11.64 30.26 -36.99
CA ALA A 88 -12.55 29.17 -36.65
C ALA A 88 -12.71 28.10 -37.74
N PHE A 89 -12.40 28.45 -38.99
CA PHE A 89 -12.59 27.55 -40.13
C PHE A 89 -11.44 27.60 -41.14
N SER A 90 -11.00 26.42 -41.58
CA SER A 90 -10.06 26.35 -42.72
C SER A 90 -10.72 27.10 -43.87
N ASP A 91 -9.90 27.54 -44.83
CA ASP A 91 -10.48 28.24 -45.96
C ASP A 91 -11.41 27.33 -46.78
N GLU A 92 -11.01 26.07 -46.97
CA GLU A 92 -11.87 25.16 -47.72
C GLU A 92 -13.20 24.94 -47.00
N MET A 93 -13.22 25.20 -45.70
CA MET A 93 -14.41 25.05 -44.88
C MET A 93 -15.15 26.35 -44.64
N ARG A 94 -14.67 27.42 -45.25
CA ARG A 94 -15.36 28.72 -45.21
C ARG A 94 -16.89 28.65 -45.26
N PRO A 95 -17.41 27.98 -46.32
CA PRO A 95 -18.85 27.97 -46.65
C PRO A 95 -19.72 27.79 -45.42
N VAL A 96 -19.39 26.78 -44.61
CA VAL A 96 -20.13 26.48 -43.38
C VAL A 96 -20.21 27.73 -42.45
N GLN A 97 -19.14 28.51 -42.45
CA GLN A 97 -19.07 29.66 -41.55
C GLN A 97 -20.04 30.71 -42.03
N HIS A 98 -19.97 30.99 -43.32
CA HIS A 98 -20.87 31.96 -43.94
C HIS A 98 -22.33 31.48 -43.82
N ALA A 99 -22.51 30.16 -43.93
CA ALA A 99 -23.82 29.55 -43.75
C ALA A 99 -24.39 29.93 -42.37
N LEU A 100 -23.57 29.77 -41.34
CA LEU A 100 -23.99 30.17 -40.00
C LEU A 100 -24.20 31.68 -39.95
N GLN A 101 -23.27 32.42 -40.55
CA GLN A 101 -23.40 33.88 -40.61
C GLN A 101 -24.81 34.23 -41.10
N THR A 102 -25.14 33.70 -42.29
CA THR A 102 -26.45 33.89 -42.93
C THR A 102 -27.60 33.51 -42.01
N MET A 103 -27.43 32.38 -41.34
CA MET A 103 -28.43 31.88 -40.42
C MET A 103 -28.71 32.85 -39.26
N GLU A 104 -27.66 33.54 -38.84
CA GLU A 104 -27.78 34.50 -37.76
C GLU A 104 -28.56 35.74 -38.20
N SER A 105 -28.25 36.19 -39.43
CA SER A 105 -28.97 37.31 -40.06
C SER A 105 -30.46 37.18 -39.83
N ARG A 106 -31.01 36.06 -40.29
CA ARG A 106 -32.44 35.82 -40.30
C ARG A 106 -32.98 35.54 -38.89
N GLY A 107 -32.08 35.60 -37.89
CA GLY A 107 -32.46 35.59 -36.49
C GLY A 107 -32.49 34.23 -35.80
N VAL A 108 -31.74 33.29 -36.37
CA VAL A 108 -31.63 31.96 -35.80
C VAL A 108 -30.42 31.91 -34.86
N HIS A 109 -30.64 31.43 -33.63
CA HIS A 109 -29.56 31.41 -32.63
C HIS A 109 -29.06 30.01 -32.31
N PHE A 110 -27.77 29.88 -32.05
CA PHE A 110 -27.17 28.56 -31.93
C PHE A 110 -25.83 28.63 -31.22
N VAL A 111 -25.37 27.49 -30.73
CA VAL A 111 -24.07 27.37 -30.12
C VAL A 111 -23.12 26.59 -31.01
N TYR A 112 -22.03 27.21 -31.43
CA TYR A 112 -20.97 26.46 -32.10
C TYR A 112 -20.06 26.05 -30.96
N GLY A 113 -19.48 24.85 -31.04
CA GLY A 113 -18.58 24.37 -30.01
C GLY A 113 -18.04 22.96 -30.24
N ARG A 114 -17.10 22.58 -29.40
CA ARG A 114 -16.59 21.22 -29.36
C ARG A 114 -17.42 20.49 -28.30
N TRP A 115 -17.80 19.25 -28.60
CA TRP A 115 -18.48 18.44 -27.61
C TRP A 115 -17.39 17.74 -26.81
N LEU A 116 -17.37 18.00 -25.51
CA LEU A 116 -16.27 17.55 -24.67
C LEU A 116 -16.23 16.04 -24.44
N ILE A 117 -16.11 15.26 -25.51
CA ILE A 117 -15.88 13.81 -25.38
C ILE A 117 -14.54 13.46 -25.96
N GLU A 118 -14.12 12.21 -25.84
CA GLU A 118 -12.98 11.72 -26.57
C GLU A 118 -13.38 11.82 -28.01
N GLY A 119 -12.54 12.47 -28.80
CA GLY A 119 -12.86 12.82 -30.17
C GLY A 119 -13.01 14.33 -30.32
N ALA A 120 -13.72 14.95 -29.40
CA ALA A 120 -13.97 16.39 -29.40
C ALA A 120 -14.45 16.92 -30.75
N PRO A 121 -15.50 16.31 -31.30
CA PRO A 121 -16.07 16.67 -32.59
C PRO A 121 -16.77 18.02 -32.51
N LYS A 122 -16.75 18.76 -33.60
CA LYS A 122 -17.38 20.07 -33.61
C LYS A 122 -18.90 19.91 -33.73
N VAL A 123 -19.63 20.80 -33.07
CA VAL A 123 -21.04 20.60 -32.83
C VAL A 123 -21.81 21.89 -33.10
N ILE A 124 -22.96 21.78 -33.75
CA ILE A 124 -23.81 22.94 -33.99
C ILE A 124 -25.14 22.70 -33.30
N LEU A 125 -25.45 23.52 -32.29
CA LEU A 125 -26.65 23.30 -31.48
C LEU A 125 -27.68 24.42 -31.65
N PHE A 126 -28.68 24.19 -32.49
CA PHE A 126 -29.67 25.23 -32.79
C PHE A 126 -30.58 25.52 -31.60
N ASP A 127 -30.75 26.81 -31.32
CA ASP A 127 -31.61 27.28 -30.25
C ASP A 127 -33.06 27.30 -30.70
N LEU A 128 -33.79 26.23 -30.38
CA LEU A 128 -35.13 26.07 -30.93
C LEU A 128 -36.13 27.18 -30.58
N ASP A 129 -35.78 28.00 -29.59
CA ASP A 129 -36.61 29.14 -29.21
C ASP A 129 -36.54 30.28 -30.21
N SER A 130 -35.35 30.49 -30.76
CA SER A 130 -35.11 31.63 -31.64
C SER A 130 -35.75 31.43 -33.00
N VAL A 131 -36.66 30.46 -33.08
CA VAL A 131 -37.22 30.04 -34.37
C VAL A 131 -38.66 29.54 -34.15
N ARG A 132 -39.03 29.45 -32.88
CA ARG A 132 -40.35 28.99 -32.45
C ARG A 132 -41.51 29.83 -33.02
N GLY A 133 -41.18 31.00 -33.57
CA GLY A 133 -42.17 31.83 -34.20
C GLY A 133 -42.70 31.20 -35.47
N TYR A 134 -41.78 30.92 -36.40
CA TYR A 134 -42.12 30.24 -37.64
C TYR A 134 -42.88 28.90 -37.44
N SER A 135 -43.26 28.60 -36.20
CA SER A 135 -43.94 27.35 -35.86
C SER A 135 -45.23 27.10 -36.65
N ASN A 136 -46.14 28.06 -36.61
CA ASN A 136 -47.41 27.86 -37.30
C ASN A 136 -47.25 27.76 -38.79
N GLU A 137 -46.46 28.67 -39.35
CA GLU A 137 -46.18 28.65 -40.79
C GLU A 137 -45.63 27.29 -41.23
N TRP A 138 -44.74 26.73 -40.41
CA TRP A 138 -44.07 25.46 -40.71
C TRP A 138 -44.96 24.24 -40.53
N LYS A 139 -45.65 24.15 -39.39
CA LYS A 139 -46.61 23.05 -39.20
C LYS A 139 -47.51 22.90 -40.42
N GLY A 140 -47.86 24.05 -40.97
CA GLY A 140 -48.67 24.14 -42.18
C GLY A 140 -47.92 23.59 -43.37
N ASP A 141 -46.77 24.18 -43.67
CA ASP A 141 -46.00 23.79 -44.84
C ASP A 141 -45.76 22.28 -44.84
N LEU A 142 -45.53 21.72 -43.65
CA LEU A 142 -45.29 20.29 -43.51
C LEU A 142 -46.51 19.49 -44.00
N TRP A 143 -47.67 19.79 -43.42
CA TRP A 143 -48.94 19.17 -43.80
C TRP A 143 -49.20 19.18 -45.32
N SER A 144 -48.85 20.27 -45.96
CA SER A 144 -49.11 20.42 -47.38
C SER A 144 -47.88 20.14 -48.25
N LEU A 145 -47.01 19.26 -47.77
CA LEU A 145 -45.90 18.72 -48.59
C LEU A 145 -45.72 17.24 -48.31
N VAL A 146 -46.16 16.81 -47.13
CA VAL A 146 -45.99 15.44 -46.73
C VAL A 146 -47.22 14.93 -45.98
N GLY A 147 -48.19 15.81 -45.78
CA GLY A 147 -49.45 15.42 -45.17
C GLY A 147 -49.28 14.93 -43.75
N ILE A 148 -48.29 15.48 -43.07
CA ILE A 148 -48.00 15.12 -41.67
C ILE A 148 -48.74 16.00 -40.67
N PRO A 149 -49.80 15.44 -40.06
CA PRO A 149 -50.62 16.12 -39.06
C PRO A 149 -49.75 16.54 -37.90
N SER A 150 -50.20 17.47 -37.07
CA SER A 150 -49.38 17.95 -35.98
C SER A 150 -50.20 18.59 -34.88
N PRO A 151 -50.75 17.78 -33.96
CA PRO A 151 -51.50 18.34 -32.82
C PRO A 151 -50.59 19.30 -32.06
N GLU A 152 -51.19 20.26 -31.36
CA GLU A 152 -50.40 21.30 -30.68
C GLU A 152 -50.00 20.93 -29.25
N ASN A 153 -50.57 19.84 -28.74
CA ASN A 153 -50.24 19.34 -27.40
C ASN A 153 -49.09 18.34 -27.36
N ASP A 154 -48.50 18.07 -28.53
CA ASP A 154 -47.34 17.19 -28.66
C ASP A 154 -46.10 18.07 -28.80
N PHE A 155 -45.37 18.22 -27.72
CA PHE A 155 -44.25 19.15 -27.70
C PHE A 155 -43.03 18.57 -28.38
N GLU A 156 -42.88 17.24 -28.31
CA GLU A 156 -41.77 16.55 -28.94
C GLU A 156 -41.75 16.76 -30.47
N THR A 157 -42.92 16.62 -31.10
CA THR A 157 -43.03 16.80 -32.53
C THR A 157 -42.93 18.27 -32.94
N ASN A 158 -43.40 19.17 -32.08
CA ASN A 158 -43.24 20.60 -32.33
C ASN A 158 -41.75 20.89 -32.44
N ASP A 159 -41.03 20.42 -31.44
CA ASP A 159 -39.57 20.51 -31.43
C ASP A 159 -38.95 19.75 -32.59
N ALA A 160 -39.52 18.61 -32.94
CA ALA A 160 -39.00 17.81 -34.04
C ALA A 160 -39.19 18.49 -35.39
N ILE A 161 -40.29 19.26 -35.51
CA ILE A 161 -40.55 20.05 -36.71
C ILE A 161 -39.64 21.26 -36.75
N LEU A 162 -39.60 21.97 -35.62
CA LEU A 162 -38.72 23.12 -35.50
C LEU A 162 -37.28 22.76 -35.90
N LEU A 163 -36.77 21.71 -35.28
CA LEU A 163 -35.43 21.20 -35.58
C LEU A 163 -35.32 20.89 -37.06
N GLY A 164 -36.29 20.13 -37.57
CA GLY A 164 -36.30 19.76 -38.98
C GLY A 164 -36.16 20.93 -39.95
N TYR A 165 -37.05 21.90 -39.81
CA TYR A 165 -37.07 23.04 -40.73
C TYR A 165 -35.78 23.86 -40.69
N THR A 166 -35.25 23.97 -39.48
CA THR A 166 -34.05 24.73 -39.26
C THR A 166 -32.84 24.07 -39.93
N VAL A 167 -32.71 22.77 -39.70
CA VAL A 167 -31.58 22.01 -40.24
C VAL A 167 -31.60 21.90 -41.78
N ALA A 168 -32.79 21.62 -42.31
CA ALA A 168 -32.99 21.59 -43.75
C ALA A 168 -32.52 22.94 -44.32
N TRP A 169 -32.94 24.00 -43.61
CA TRP A 169 -32.61 25.38 -43.92
C TRP A 169 -31.09 25.60 -43.93
N PHE A 170 -30.43 25.11 -42.89
CA PHE A 170 -28.99 25.28 -42.74
C PHE A 170 -28.20 24.49 -43.81
N LEU A 171 -28.79 23.39 -44.26
CA LEU A 171 -28.14 22.57 -45.27
C LEU A 171 -28.39 23.21 -46.63
N GLY A 172 -29.58 23.77 -46.80
CA GLY A 172 -29.88 24.56 -47.98
C GLY A 172 -28.77 25.57 -48.22
N GLU A 173 -28.45 26.30 -47.15
CA GLU A 173 -27.42 27.35 -47.19
C GLU A 173 -26.02 26.85 -47.53
N VAL A 174 -25.64 25.75 -46.89
CA VAL A 174 -24.32 25.17 -47.11
C VAL A 174 -24.14 24.67 -48.55
N ALA A 175 -25.19 23.98 -49.04
CA ALA A 175 -25.23 23.40 -50.39
C ALA A 175 -25.14 24.54 -51.40
N HIS A 176 -25.73 25.66 -51.01
CA HIS A 176 -25.67 26.88 -51.80
C HIS A 176 -24.24 27.45 -51.86
N LEU A 177 -23.66 27.71 -50.69
CA LEU A 177 -22.37 28.40 -50.59
C LEU A 177 -21.17 27.52 -50.96
N ASP A 178 -21.21 26.26 -50.56
CA ASP A 178 -20.11 25.35 -50.87
C ASP A 178 -20.31 24.71 -52.24
N SER A 179 -19.27 24.75 -53.07
CA SER A 179 -19.38 24.19 -54.41
C SER A 179 -18.25 23.20 -54.73
N GLN A 180 -17.44 22.90 -53.71
CA GLN A 180 -16.29 22.03 -53.88
C GLN A 180 -16.58 20.61 -53.38
N HIS A 181 -17.15 20.51 -52.18
CA HIS A 181 -17.42 19.23 -51.56
C HIS A 181 -18.84 18.76 -51.85
N ALA A 182 -18.98 17.45 -52.07
CA ALA A 182 -20.29 16.83 -52.03
C ALA A 182 -20.71 16.89 -50.56
N ILE A 183 -22.02 16.81 -50.29
CA ILE A 183 -22.48 16.91 -48.90
C ILE A 183 -23.41 15.80 -48.42
N VAL A 184 -22.93 14.94 -47.53
CA VAL A 184 -23.77 13.87 -46.98
C VAL A 184 -24.29 14.21 -45.59
N ALA A 185 -25.59 14.02 -45.39
CA ALA A 185 -26.24 14.40 -44.14
C ALA A 185 -27.00 13.24 -43.52
N HIS A 186 -26.52 12.76 -42.37
CA HIS A 186 -27.03 11.57 -41.69
C HIS A 186 -27.99 12.00 -40.58
N PHE A 187 -29.16 11.35 -40.50
CA PHE A 187 -30.14 11.66 -39.44
C PHE A 187 -30.50 10.42 -38.61
N HIS A 188 -30.47 10.52 -37.28
CA HIS A 188 -30.80 9.38 -36.45
C HIS A 188 -32.13 9.54 -35.75
N GLU A 189 -33.05 8.61 -36.01
CA GLU A 189 -34.35 8.50 -35.33
C GLU A 189 -35.38 9.57 -35.73
N TRP A 190 -36.65 9.27 -35.54
CA TRP A 190 -37.70 10.09 -36.14
C TRP A 190 -37.72 11.54 -35.70
N LEU A 191 -37.35 11.80 -34.47
CA LEU A 191 -37.36 13.16 -33.95
C LEU A 191 -36.44 14.10 -34.74
N ALA A 192 -35.37 13.55 -35.31
CA ALA A 192 -34.46 14.38 -36.09
C ALA A 192 -34.74 14.18 -37.57
N GLY A 193 -35.93 13.70 -37.85
CA GLY A 193 -36.23 13.20 -39.19
C GLY A 193 -37.17 14.01 -40.04
N VAL A 194 -37.64 15.14 -39.51
CA VAL A 194 -38.51 16.02 -40.31
C VAL A 194 -37.71 16.71 -41.41
N ALA A 195 -36.43 16.91 -41.18
CA ALA A 195 -35.60 17.54 -42.19
C ALA A 195 -35.57 16.75 -43.51
N LEU A 196 -35.85 15.46 -43.45
CA LEU A 196 -35.60 14.58 -44.60
C LEU A 196 -36.55 14.79 -45.77
N PRO A 197 -37.87 14.86 -45.50
CA PRO A 197 -38.82 15.18 -46.58
C PRO A 197 -38.44 16.46 -47.28
N LEU A 198 -38.30 17.53 -46.50
CA LEU A 198 -37.92 18.84 -47.02
C LEU A 198 -36.78 18.73 -48.01
N CYS A 199 -35.70 18.07 -47.61
CA CYS A 199 -34.53 17.94 -48.49
C CYS A 199 -34.87 17.34 -49.84
N ARG A 200 -35.64 16.26 -49.84
CA ARG A 200 -35.99 15.62 -51.09
C ARG A 200 -36.92 16.55 -51.88
N LYS A 201 -37.91 17.12 -51.19
CA LYS A 201 -38.86 18.03 -51.83
C LYS A 201 -38.20 19.26 -52.49
N ARG A 202 -37.44 20.00 -51.71
CA ARG A 202 -36.73 21.17 -52.20
C ARG A 202 -35.54 20.85 -53.10
N ARG A 203 -35.36 19.57 -53.43
CA ARG A 203 -34.22 19.11 -54.25
C ARG A 203 -32.89 19.79 -53.88
N ILE A 204 -32.64 19.91 -52.57
CA ILE A 204 -31.39 20.43 -51.99
C ILE A 204 -30.23 19.54 -52.42
N ASP A 205 -29.04 20.09 -52.66
CA ASP A 205 -27.94 19.22 -53.11
C ASP A 205 -27.11 18.51 -52.02
N VAL A 206 -27.79 17.66 -51.25
CA VAL A 206 -27.16 16.77 -50.27
C VAL A 206 -27.70 15.35 -50.39
N VAL A 207 -26.83 14.36 -50.20
CA VAL A 207 -27.31 12.99 -50.15
C VAL A 207 -27.60 12.68 -48.68
N THR A 208 -28.74 12.02 -48.44
CA THR A 208 -29.27 11.87 -47.09
C THR A 208 -29.36 10.40 -46.64
N ILE A 209 -28.99 10.17 -45.38
CA ILE A 209 -29.10 8.84 -44.78
C ILE A 209 -29.98 8.90 -43.54
N PHE A 210 -30.94 8.00 -43.44
CA PHE A 210 -31.77 7.92 -42.24
C PHE A 210 -31.63 6.57 -41.54
N THR A 211 -31.10 6.59 -40.32
CA THR A 211 -31.04 5.39 -39.50
C THR A 211 -32.10 5.40 -38.41
N THR A 212 -32.73 4.26 -38.18
CA THR A 212 -33.71 4.17 -37.13
C THR A 212 -33.30 3.08 -36.13
N HIS A 213 -33.27 3.44 -34.85
CA HIS A 213 -32.76 2.58 -33.78
C HIS A 213 -33.90 1.85 -33.10
N ALA A 214 -35.01 1.72 -33.79
CA ALA A 214 -36.20 1.14 -33.22
C ALA A 214 -37.29 1.67 -34.10
N THR A 215 -38.50 1.17 -33.92
CA THR A 215 -39.62 1.73 -34.63
C THR A 215 -40.64 2.20 -33.61
N LEU A 216 -41.53 3.10 -34.01
CA LEU A 216 -42.54 3.58 -33.08
C LEU A 216 -43.54 2.50 -32.72
N LEU A 217 -44.03 1.81 -33.74
CA LEU A 217 -45.00 0.74 -33.54
C LEU A 217 -44.40 -0.47 -32.84
N GLY A 218 -43.14 -0.76 -33.10
CA GLY A 218 -42.45 -1.84 -32.40
C GLY A 218 -42.56 -1.64 -30.89
N ARG A 219 -42.11 -0.47 -30.43
CA ARG A 219 -42.15 -0.17 -29.00
C ARG A 219 -43.58 -0.32 -28.50
N TYR A 220 -44.52 0.40 -29.11
CA TYR A 220 -45.91 0.43 -28.61
C TYR A 220 -46.66 -0.90 -28.59
N LEU A 221 -46.33 -1.81 -29.51
CA LEU A 221 -47.00 -3.11 -29.53
C LEU A 221 -46.47 -3.99 -28.40
N CYS A 222 -45.15 -4.03 -28.27
CA CYS A 222 -44.51 -4.88 -27.27
C CYS A 222 -44.71 -4.45 -25.82
N ALA A 223 -45.28 -3.27 -25.62
CA ALA A 223 -45.44 -2.72 -24.27
C ALA A 223 -46.62 -3.30 -23.46
N SER A 224 -47.23 -4.38 -23.96
CA SER A 224 -48.36 -4.99 -23.25
C SER A 224 -48.13 -6.47 -22.83
N GLY A 225 -47.43 -7.24 -23.66
CA GLY A 225 -47.15 -8.64 -23.35
C GLY A 225 -47.81 -9.68 -24.26
N ASP A 228 -48.51 -10.39 -28.65
CA ASP A 228 -47.40 -11.01 -29.40
C ASP A 228 -46.94 -10.13 -30.57
N PHE A 229 -45.74 -10.41 -31.08
CA PHE A 229 -45.07 -9.50 -32.00
C PHE A 229 -44.48 -10.25 -33.18
N TYR A 230 -43.24 -10.68 -33.05
CA TYR A 230 -42.42 -11.10 -34.18
C TYR A 230 -43.09 -12.03 -35.19
N ASN A 231 -44.18 -12.68 -34.78
CA ASN A 231 -44.98 -13.51 -35.68
C ASN A 231 -45.96 -12.66 -36.48
N CYS A 232 -47.03 -12.25 -35.82
CA CYS A 232 -48.14 -11.54 -36.46
C CYS A 232 -47.89 -10.05 -36.75
N LEU A 233 -46.62 -9.64 -36.82
CA LEU A 233 -46.31 -8.23 -37.07
C LEU A 233 -46.34 -7.98 -38.57
N GLU A 234 -46.26 -9.05 -39.34
CA GLU A 234 -46.20 -8.92 -40.79
C GLU A 234 -47.58 -8.73 -41.37
N SER A 235 -48.56 -8.54 -40.50
CA SER A 235 -49.94 -8.61 -40.93
C SER A 235 -50.83 -7.66 -40.16
N VAL A 236 -50.23 -6.64 -39.56
CA VAL A 236 -51.01 -5.68 -38.80
C VAL A 236 -51.30 -4.47 -39.67
N ASP A 237 -52.46 -3.85 -39.47
CA ASP A 237 -52.79 -2.64 -40.20
C ASP A 237 -52.09 -1.44 -39.56
N VAL A 238 -50.97 -1.03 -40.16
CA VAL A 238 -50.15 0.02 -39.56
C VAL A 238 -50.96 1.28 -39.33
N ASP A 239 -51.62 1.78 -40.37
CA ASP A 239 -52.37 3.03 -40.26
C ASP A 239 -53.42 3.00 -39.12
N HIS A 240 -53.92 1.81 -38.78
CA HIS A 240 -54.96 1.68 -37.76
C HIS A 240 -54.36 1.52 -36.36
N GLU A 241 -53.30 0.74 -36.24
CA GLU A 241 -52.67 0.52 -34.95
C GLU A 241 -52.00 1.80 -34.46
N ALA A 242 -51.35 2.53 -35.36
CA ALA A 242 -50.76 3.83 -35.05
C ALA A 242 -51.87 4.73 -34.51
N GLY A 243 -53.03 4.66 -35.14
CA GLY A 243 -54.19 5.39 -34.65
C GLY A 243 -54.54 4.92 -33.25
N ARG A 244 -54.81 3.63 -33.12
CA ARG A 244 -55.21 3.08 -31.84
C ARG A 244 -54.37 3.58 -30.65
N PHE A 245 -53.11 3.93 -30.90
CA PHE A 245 -52.22 4.35 -29.82
C PHE A 245 -52.12 5.86 -29.64
N GLY A 246 -52.70 6.58 -30.59
CA GLY A 246 -52.62 8.03 -30.58
C GLY A 246 -51.25 8.47 -31.07
N ILE A 247 -50.75 7.75 -32.06
CA ILE A 247 -49.37 7.87 -32.47
C ILE A 247 -49.30 8.32 -33.92
N TYR A 248 -50.45 8.47 -34.55
CA TYR A 248 -50.45 8.60 -36.01
C TYR A 248 -49.42 9.60 -36.59
N HIS A 249 -49.47 10.83 -36.09
CA HIS A 249 -48.62 11.91 -36.59
C HIS A 249 -47.13 11.62 -36.42
N ARG A 250 -46.78 10.94 -35.32
CA ARG A 250 -45.41 10.52 -35.06
C ARG A 250 -45.02 9.45 -36.08
N TYR A 251 -45.90 8.46 -36.21
CA TYR A 251 -45.69 7.39 -37.16
C TYR A 251 -45.44 7.97 -38.56
N CYS A 252 -46.23 8.99 -38.91
CA CYS A 252 -46.11 9.60 -40.24
C CYS A 252 -44.74 10.21 -40.46
N ILE A 253 -44.18 10.79 -39.41
CA ILE A 253 -42.85 11.38 -39.52
C ILE A 253 -41.81 10.29 -39.67
N GLU A 254 -41.91 9.26 -38.82
CA GLU A 254 -40.96 8.16 -38.91
C GLU A 254 -40.98 7.53 -40.31
N ARG A 255 -42.17 7.40 -40.89
CA ARG A 255 -42.35 6.83 -42.22
C ARG A 255 -41.79 7.75 -43.30
N ALA A 256 -42.21 9.02 -43.27
CA ALA A 256 -41.73 10.02 -44.20
C ALA A 256 -40.22 10.06 -44.20
N ALA A 257 -39.65 10.07 -43.00
CA ALA A 257 -38.19 10.01 -42.84
C ALA A 257 -37.59 8.83 -43.60
N ALA A 258 -38.20 7.65 -43.46
CA ALA A 258 -37.66 6.43 -44.06
C ALA A 258 -37.76 6.38 -45.58
N HIS A 259 -38.75 7.07 -46.14
CA HIS A 259 -38.92 7.06 -47.59
C HIS A 259 -38.19 8.22 -48.32
N SER A 260 -38.04 9.36 -47.67
CA SER A 260 -37.35 10.49 -48.28
C SER A 260 -35.84 10.30 -48.34
N ALA A 261 -35.30 9.52 -47.42
CA ALA A 261 -33.86 9.34 -47.37
C ALA A 261 -33.33 8.59 -48.58
N ASP A 262 -32.11 8.92 -48.98
CA ASP A 262 -31.48 8.24 -50.09
C ASP A 262 -31.05 6.83 -49.69
N VAL A 263 -30.63 6.70 -48.43
CA VAL A 263 -30.26 5.41 -47.89
C VAL A 263 -30.98 5.22 -46.57
N PHE A 264 -31.71 4.13 -46.42
CA PHE A 264 -32.46 3.84 -45.20
C PHE A 264 -31.85 2.65 -44.45
N THR A 265 -31.51 2.84 -43.18
CA THR A 265 -30.83 1.81 -42.42
C THR A 265 -31.45 1.61 -41.03
N THR A 266 -31.07 0.53 -40.36
CA THR A 266 -31.37 0.33 -38.95
C THR A 266 -30.16 -0.25 -38.25
N VAL A 267 -30.18 -0.23 -36.92
CA VAL A 267 -29.07 -0.71 -36.12
C VAL A 267 -28.86 -2.24 -36.15
N SER A 268 -29.92 -3.00 -36.38
CA SER A 268 -29.83 -4.45 -36.20
C SER A 268 -30.57 -5.19 -37.28
N GLN A 269 -30.15 -6.43 -37.50
CA GLN A 269 -30.83 -7.28 -38.47
C GLN A 269 -32.30 -7.45 -38.12
N ILE A 270 -32.55 -7.76 -36.85
CA ILE A 270 -33.88 -8.02 -36.35
C ILE A 270 -34.78 -6.80 -36.52
N THR A 271 -34.28 -5.62 -36.16
CA THR A 271 -35.06 -4.40 -36.27
C THR A 271 -35.35 -4.06 -37.73
N ALA A 272 -34.51 -4.55 -38.63
CA ALA A 272 -34.66 -4.27 -40.05
C ALA A 272 -35.84 -5.02 -40.66
N PHE A 273 -36.13 -6.18 -40.09
CA PHE A 273 -37.27 -6.98 -40.50
C PHE A 273 -38.53 -6.30 -39.98
N GLU A 274 -38.45 -5.87 -38.74
CA GLU A 274 -39.50 -5.11 -38.08
C GLU A 274 -39.78 -3.86 -38.89
N ALA A 275 -38.71 -3.20 -39.31
CA ALA A 275 -38.82 -1.94 -40.04
C ALA A 275 -39.49 -2.16 -41.38
N GLU A 276 -39.05 -3.17 -42.11
CA GLU A 276 -39.56 -3.43 -43.46
C GLU A 276 -41.08 -3.51 -43.48
N HIS A 277 -41.64 -4.30 -42.58
CA HIS A 277 -43.08 -4.50 -42.56
C HIS A 277 -43.86 -3.37 -41.88
N LEU A 278 -43.21 -2.65 -40.97
CA LEU A 278 -43.91 -1.61 -40.20
C LEU A 278 -43.83 -0.21 -40.80
N LEU A 279 -42.71 0.14 -41.40
CA LEU A 279 -42.56 1.43 -42.04
C LEU A 279 -42.76 1.30 -43.54
N LYS A 280 -42.64 0.07 -44.03
CA LYS A 280 -42.87 -0.26 -45.44
C LYS A 280 -41.73 0.19 -46.34
N ARG A 281 -40.50 0.00 -45.88
CA ARG A 281 -39.35 0.07 -46.77
C ARG A 281 -38.22 -0.85 -46.30
N LYS A 282 -37.66 -1.62 -47.23
CA LYS A 282 -36.58 -2.51 -46.88
C LYS A 282 -35.27 -1.74 -46.69
N PRO A 283 -34.74 -1.77 -45.47
CA PRO A 283 -33.45 -1.19 -45.12
C PRO A 283 -32.37 -1.60 -46.11
N ASP A 284 -31.52 -0.66 -46.51
CA ASP A 284 -30.46 -0.93 -47.47
C ASP A 284 -29.24 -1.49 -46.77
N GLY A 285 -29.32 -1.59 -45.46
CA GLY A 285 -28.22 -2.11 -44.68
C GLY A 285 -28.40 -1.97 -43.18
N ILE A 286 -27.41 -2.47 -42.46
CA ILE A 286 -27.45 -2.50 -41.00
C ILE A 286 -26.29 -1.67 -40.52
N LEU A 287 -26.52 -0.92 -39.45
CA LEU A 287 -25.46 -0.14 -38.83
C LEU A 287 -25.35 -0.47 -37.34
N PRO A 288 -24.74 -1.63 -37.05
CA PRO A 288 -24.63 -2.18 -35.69
C PRO A 288 -23.79 -1.25 -34.82
N ASN A 289 -24.12 -1.15 -33.55
CA ASN A 289 -23.43 -0.25 -32.64
C ASN A 289 -22.15 -0.88 -32.06
N GLY A 290 -21.01 -0.29 -32.32
CA GLY A 290 -19.78 -0.78 -31.74
C GLY A 290 -19.48 0.00 -30.48
N LEU A 291 -18.37 -0.32 -29.81
CA LEU A 291 -17.98 0.37 -28.57
C LEU A 291 -16.56 0.88 -28.67
N ASN A 292 -16.18 1.77 -27.75
CA ASN A 292 -14.79 2.20 -27.67
C ASN A 292 -14.03 1.22 -26.79
N VAL A 293 -13.67 0.06 -27.34
CA VAL A 293 -13.16 -1.07 -26.55
C VAL A 293 -11.97 -0.75 -25.63
N ILE A 294 -11.11 0.17 -26.06
CA ILE A 294 -10.00 0.62 -25.24
C ILE A 294 -10.48 1.17 -23.89
N LYS A 295 -11.69 1.68 -23.88
CA LYS A 295 -12.30 2.31 -22.70
C LYS A 295 -12.66 1.29 -21.60
N PHE A 296 -12.47 0.01 -21.89
CA PHE A 296 -12.70 -1.02 -20.89
C PHE A 296 -11.38 -1.62 -20.45
N GLN A 297 -10.65 -2.22 -21.38
CA GLN A 297 -9.34 -2.82 -21.10
C GLN A 297 -8.22 -1.80 -21.27
N LEU A 305 -7.69 -9.63 -13.25
CA LEU A 305 -8.90 -8.88 -12.86
C LEU A 305 -10.06 -9.70 -12.30
N HIS A 306 -10.53 -10.68 -13.06
CA HIS A 306 -11.76 -11.38 -12.68
C HIS A 306 -11.73 -11.94 -11.26
N ALA A 307 -10.61 -12.55 -10.89
CA ALA A 307 -10.42 -13.06 -9.54
C ALA A 307 -10.49 -11.93 -8.54
N LEU A 308 -9.74 -10.86 -8.81
CA LEU A 308 -9.71 -9.71 -7.90
C LEU A 308 -11.10 -9.15 -7.62
N LYS A 309 -11.97 -9.20 -8.62
CA LYS A 309 -13.29 -8.59 -8.50
C LYS A 309 -14.30 -9.58 -7.97
N LYS A 310 -14.13 -10.85 -8.32
CA LYS A 310 -14.97 -11.92 -7.76
C LYS A 310 -14.90 -11.90 -6.21
N GLU A 311 -13.73 -11.57 -5.68
CA GLU A 311 -13.50 -11.50 -4.24
C GLU A 311 -14.34 -10.41 -3.56
N LYS A 312 -14.47 -9.27 -4.21
CA LYS A 312 -15.34 -8.21 -3.71
C LYS A 312 -16.79 -8.69 -3.65
N ILE A 313 -17.17 -9.56 -4.58
CA ILE A 313 -18.52 -10.12 -4.60
C ILE A 313 -18.70 -11.19 -3.55
N ASN A 314 -17.67 -12.03 -3.37
CA ASN A 314 -17.65 -12.96 -2.26
C ASN A 314 -17.93 -12.21 -0.96
N ASP A 315 -17.14 -11.16 -0.70
CA ASP A 315 -17.32 -10.30 0.46
C ASP A 315 -18.78 -9.85 0.65
N PHE A 316 -19.50 -9.57 -0.44
CA PHE A 316 -20.90 -9.19 -0.27
C PHE A 316 -21.75 -10.40 0.08
N VAL A 317 -21.56 -11.50 -0.63
CA VAL A 317 -22.36 -12.70 -0.40
C VAL A 317 -22.22 -13.22 1.02
N ARG A 318 -21.06 -13.01 1.65
CA ARG A 318 -20.85 -13.47 3.02
C ARG A 318 -21.57 -12.58 4.00
N GLY A 319 -21.50 -11.28 3.78
CA GLY A 319 -22.24 -10.35 4.62
C GLY A 319 -23.75 -10.52 4.50
N HIS A 320 -24.19 -11.11 3.39
CA HIS A 320 -25.62 -11.20 3.13
C HIS A 320 -26.22 -12.48 3.68
N PHE A 321 -25.51 -13.59 3.54
CA PHE A 321 -26.00 -14.85 4.03
C PHE A 321 -25.44 -15.15 5.41
N HIS A 322 -24.95 -14.13 6.10
CA HIS A 322 -24.43 -14.33 7.45
C HIS A 322 -25.42 -15.12 8.29
N GLY A 323 -24.90 -15.99 9.14
CA GLY A 323 -25.75 -16.74 10.04
C GLY A 323 -26.41 -17.94 9.40
N CYS A 324 -26.25 -18.09 8.09
CA CYS A 324 -26.62 -19.34 7.45
C CYS A 324 -25.91 -19.50 6.09
N PHE A 325 -24.59 -19.53 6.18
CA PHE A 325 -23.72 -19.63 5.02
C PHE A 325 -23.29 -21.08 4.79
N ASP A 326 -24.15 -21.82 4.10
CA ASP A 326 -24.03 -23.26 4.01
C ASP A 326 -23.50 -23.81 2.70
N PHE A 327 -22.82 -23.00 1.91
CA PHE A 327 -22.32 -23.48 0.62
C PHE A 327 -20.90 -23.05 0.35
N ASP A 328 -20.26 -23.67 -0.66
CA ASP A 328 -18.84 -23.44 -0.94
C ASP A 328 -18.62 -22.38 -2.03
N LEU A 329 -18.06 -21.25 -1.64
CA LEU A 329 -17.83 -20.19 -2.59
C LEU A 329 -16.90 -20.62 -3.72
N ASP A 330 -16.02 -21.57 -3.42
CA ASP A 330 -15.13 -22.15 -4.42
C ASP A 330 -15.93 -23.02 -5.38
N ASN A 331 -17.22 -23.15 -5.11
CA ASN A 331 -18.05 -24.03 -5.90
C ASN A 331 -19.39 -23.38 -6.19
N THR A 332 -19.43 -22.05 -6.17
CA THR A 332 -20.61 -21.29 -6.56
C THR A 332 -20.36 -20.34 -7.75
N LEU A 333 -21.39 -20.22 -8.59
CA LEU A 333 -21.33 -19.39 -9.80
C LEU A 333 -22.21 -18.15 -9.68
N TYR A 334 -21.74 -17.02 -10.18
CA TYR A 334 -22.53 -15.81 -10.11
C TYR A 334 -23.16 -15.49 -11.46
N PHE A 335 -24.48 -15.49 -11.52
CA PHE A 335 -25.25 -15.11 -12.71
C PHE A 335 -25.76 -13.70 -12.51
N PHE A 336 -25.96 -12.94 -13.59
CA PHE A 336 -26.53 -11.59 -13.48
C PHE A 336 -27.26 -11.09 -14.71
N ILE A 337 -28.36 -10.38 -14.48
CA ILE A 337 -29.06 -9.63 -15.50
C ILE A 337 -29.03 -8.18 -15.05
N ALA A 338 -28.90 -7.25 -15.98
CA ALA A 338 -28.80 -5.85 -15.61
C ALA A 338 -29.36 -4.90 -16.65
N GLY A 339 -29.53 -3.63 -16.28
CA GLY A 339 -30.01 -2.63 -17.21
C GLY A 339 -31.26 -1.90 -16.77
N ARG A 340 -31.88 -1.21 -17.71
CA ARG A 340 -33.10 -0.44 -17.46
C ARG A 340 -34.17 -1.38 -16.98
N TYR A 341 -35.08 -0.90 -16.15
CA TYR A 341 -36.12 -1.74 -15.60
C TYR A 341 -37.29 -1.85 -16.57
N GLU A 342 -37.19 -2.76 -17.54
CA GLU A 342 -38.32 -3.11 -18.39
C GLU A 342 -38.63 -4.59 -18.23
N TYR A 343 -39.48 -4.92 -17.26
CA TYR A 343 -39.78 -6.31 -16.88
C TYR A 343 -39.97 -7.23 -18.07
N LYS A 344 -40.94 -6.93 -18.92
CA LYS A 344 -41.21 -7.81 -20.07
C LYS A 344 -40.07 -7.77 -21.10
N ASN A 345 -39.71 -6.57 -21.55
CA ASN A 345 -38.79 -6.42 -22.67
C ASN A 345 -37.35 -6.88 -22.44
N LYS A 346 -36.81 -6.63 -21.25
CA LYS A 346 -35.44 -7.07 -20.91
C LYS A 346 -35.43 -8.57 -20.64
N GLY A 347 -36.62 -9.13 -20.48
CA GLY A 347 -36.77 -10.54 -20.20
C GLY A 347 -36.47 -10.95 -18.77
N ALA A 348 -36.83 -10.09 -17.82
CA ALA A 348 -36.66 -10.37 -16.40
C ALA A 348 -37.51 -11.58 -16.02
N ASP A 349 -38.75 -11.59 -16.50
CA ASP A 349 -39.67 -12.70 -16.27
C ASP A 349 -39.03 -14.05 -16.60
N MET A 350 -38.62 -14.23 -17.85
CA MET A 350 -37.99 -15.45 -18.26
C MET A 350 -36.80 -15.77 -17.40
N PHE A 351 -36.02 -14.76 -17.03
CA PHE A 351 -34.84 -14.96 -16.21
C PHE A 351 -35.20 -15.55 -14.87
N ILE A 352 -36.05 -14.86 -14.10
CA ILE A 352 -36.49 -15.42 -12.83
C ILE A 352 -37.08 -16.81 -13.00
N GLU A 353 -38.04 -16.95 -13.90
CA GLU A 353 -38.67 -18.24 -14.16
C GLU A 353 -37.66 -19.34 -14.45
N ALA A 354 -36.79 -19.11 -15.43
CA ALA A 354 -35.80 -20.11 -15.82
C ALA A 354 -34.90 -20.49 -14.66
N LEU A 355 -34.70 -19.57 -13.73
CA LEU A 355 -33.85 -19.84 -12.58
C LEU A 355 -34.55 -20.76 -11.61
N ALA A 356 -35.83 -20.53 -11.39
CA ALA A 356 -36.66 -21.43 -10.59
C ALA A 356 -36.54 -22.87 -11.11
N ARG A 357 -36.59 -23.00 -12.42
CA ARG A 357 -36.48 -24.30 -13.05
C ARG A 357 -35.07 -24.85 -12.94
N LEU A 358 -34.06 -23.98 -12.96
CA LEU A 358 -32.67 -24.42 -12.83
C LEU A 358 -32.41 -24.85 -11.39
N ASN A 359 -33.31 -24.46 -10.51
CA ASN A 359 -33.26 -24.85 -9.11
C ASN A 359 -33.67 -26.30 -8.98
N TYR A 360 -34.91 -26.58 -9.38
CA TYR A 360 -35.43 -27.93 -9.48
C TYR A 360 -34.34 -28.86 -10.00
N ARG A 361 -33.98 -28.69 -11.27
CA ARG A 361 -33.00 -29.57 -11.92
C ARG A 361 -31.73 -29.81 -11.12
N LEU A 362 -31.35 -28.85 -10.28
CA LEU A 362 -30.09 -28.94 -9.53
C LEU A 362 -30.27 -29.63 -8.19
N LYS A 363 -31.52 -29.71 -7.74
CA LYS A 363 -31.84 -30.45 -6.53
C LYS A 363 -32.00 -31.92 -6.88
N VAL A 364 -32.86 -32.20 -7.85
CA VAL A 364 -32.98 -33.53 -8.46
C VAL A 364 -31.62 -34.11 -8.88
N SER A 365 -30.94 -33.45 -9.81
CA SER A 365 -29.60 -33.88 -10.22
C SER A 365 -28.64 -33.88 -9.02
N GLY A 366 -29.19 -33.62 -7.84
CA GLY A 366 -28.43 -33.53 -6.60
C GLY A 366 -27.06 -32.90 -6.74
N SER A 367 -27.02 -31.63 -7.12
CA SER A 367 -25.74 -31.03 -7.50
C SER A 367 -25.01 -30.43 -6.32
N LYS A 368 -23.69 -30.40 -6.47
CA LYS A 368 -22.79 -29.95 -5.42
C LYS A 368 -22.65 -28.42 -5.42
N LYS A 369 -23.09 -27.81 -6.51
CA LYS A 369 -22.79 -26.43 -6.77
C LYS A 369 -23.91 -25.48 -6.32
N THR A 370 -23.62 -24.17 -6.33
CA THR A 370 -24.59 -23.14 -5.95
C THR A 370 -24.55 -21.94 -6.89
N VAL A 371 -25.72 -21.49 -7.35
CA VAL A 371 -25.77 -20.31 -8.20
C VAL A 371 -26.45 -19.13 -7.52
N VAL A 372 -25.71 -18.05 -7.31
CA VAL A 372 -26.28 -16.83 -6.73
C VAL A 372 -26.50 -15.83 -7.86
N ALA A 373 -27.73 -15.37 -8.02
CA ALA A 373 -28.09 -14.62 -9.22
C ALA A 373 -28.58 -13.23 -8.93
N PHE A 374 -27.88 -12.23 -9.46
CA PHE A 374 -28.18 -10.81 -9.22
C PHE A 374 -29.08 -10.19 -10.27
N ILE A 375 -30.04 -9.40 -9.84
CA ILE A 375 -30.83 -8.57 -10.74
C ILE A 375 -30.52 -7.12 -10.41
N VAL A 376 -29.64 -6.51 -11.19
CA VAL A 376 -29.26 -5.11 -11.03
C VAL A 376 -30.10 -4.25 -11.96
N MET A 377 -31.26 -3.80 -11.48
CA MET A 377 -32.22 -3.03 -12.28
C MET A 377 -32.87 -1.99 -11.40
N PRO A 378 -32.75 -0.70 -11.76
CA PRO A 378 -33.08 0.43 -10.87
C PRO A 378 -34.57 0.58 -10.63
N ALA A 379 -34.99 0.67 -9.37
CA ALA A 379 -36.40 0.79 -9.03
C ALA A 379 -36.59 1.86 -7.96
N LYS A 380 -37.82 2.29 -7.76
CA LYS A 380 -38.10 3.30 -6.74
C LYS A 380 -37.76 2.71 -5.37
N ASN A 381 -36.79 3.30 -4.68
CA ASN A 381 -36.40 2.76 -3.38
C ASN A 381 -36.07 3.79 -2.31
N ASN A 382 -35.99 3.33 -1.06
CA ASN A 382 -35.56 4.16 0.06
C ASN A 382 -34.22 3.72 0.61
N SER A 383 -33.19 3.68 -0.23
CA SER A 383 -31.89 3.15 0.18
C SER A 383 -31.94 1.76 0.83
N PHE A 384 -30.91 1.44 1.61
CA PHE A 384 -30.70 0.07 2.02
C PHE A 384 -31.56 -0.39 3.19
N THR A 385 -31.83 -1.69 3.23
CA THR A 385 -32.56 -2.27 4.35
C THR A 385 -31.64 -2.37 5.55
N VAL A 386 -32.13 -2.00 6.72
CA VAL A 386 -31.39 -2.18 7.94
C VAL A 386 -30.79 -3.59 7.98
N GLU A 387 -31.62 -4.58 7.67
CA GLU A 387 -31.17 -5.97 7.69
C GLU A 387 -29.89 -6.10 6.86
N ALA A 388 -29.98 -5.69 5.60
CA ALA A 388 -28.87 -5.87 4.65
C ALA A 388 -27.61 -5.13 5.06
N LEU A 389 -27.76 -4.03 5.78
CA LEU A 389 -26.59 -3.24 6.19
C LEU A 389 -25.90 -3.80 7.43
N LYS A 390 -26.69 -4.29 8.39
CA LYS A 390 -26.16 -4.99 9.55
C LYS A 390 -25.31 -6.14 9.05
N GLY A 391 -25.87 -6.93 8.14
CA GLY A 391 -25.15 -8.02 7.51
C GLY A 391 -23.70 -7.66 7.25
N GLN A 392 -23.47 -6.71 6.35
CA GLN A 392 -22.11 -6.40 5.95
C GLN A 392 -21.30 -5.86 7.11
N ALA A 393 -21.96 -5.07 7.96
CA ALA A 393 -21.24 -4.47 9.09
C ALA A 393 -20.61 -5.51 10.02
N GLU A 394 -21.41 -6.48 10.44
CA GLU A 394 -20.97 -7.47 11.42
C GLU A 394 -19.90 -8.37 10.83
N VAL A 395 -20.10 -8.74 9.57
CA VAL A 395 -19.12 -9.57 8.87
C VAL A 395 -17.80 -8.83 8.65
N ARG A 396 -17.85 -7.50 8.63
CA ARG A 396 -16.62 -6.74 8.47
C ARG A 396 -15.91 -6.66 9.81
N ALA A 397 -16.68 -6.51 10.88
CA ALA A 397 -16.11 -6.48 12.22
C ALA A 397 -15.47 -7.81 12.58
N LEU A 398 -16.02 -8.89 12.05
CA LEU A 398 -15.39 -10.19 12.19
C LEU A 398 -14.00 -10.13 11.55
N GLU A 399 -13.96 -9.73 10.29
CA GLU A 399 -12.70 -9.61 9.56
C GLU A 399 -11.65 -8.82 10.34
N ASN A 400 -12.01 -7.64 10.84
CA ASN A 400 -11.06 -6.90 11.68
C ASN A 400 -10.58 -7.70 12.86
N THR A 401 -11.50 -8.10 13.71
CA THR A 401 -11.11 -8.83 14.90
C THR A 401 -10.18 -10.00 14.55
N VAL A 402 -10.56 -10.82 13.57
CA VAL A 402 -9.70 -11.94 13.18
C VAL A 402 -8.31 -11.42 12.91
N HIS A 403 -8.23 -10.40 12.07
CA HIS A 403 -6.95 -9.80 11.72
C HIS A 403 -6.14 -9.34 12.95
N GLU A 404 -6.76 -8.51 13.79
CA GLU A 404 -6.13 -8.06 15.04
C GLU A 404 -5.59 -9.24 15.82
N VAL A 405 -6.44 -10.25 15.97
CA VAL A 405 -6.07 -11.44 16.70
C VAL A 405 -4.89 -12.17 16.06
N THR A 406 -4.96 -12.42 14.75
CA THR A 406 -3.89 -13.13 14.08
C THR A 406 -2.57 -12.38 14.15
N THR A 407 -2.59 -11.06 13.99
CA THR A 407 -1.33 -10.34 14.01
C THR A 407 -0.74 -10.32 15.41
N SER A 408 -1.59 -10.49 16.41
CA SER A 408 -1.10 -10.68 17.78
C SER A 408 -0.39 -12.02 17.88
N ILE A 409 -1.04 -13.09 17.39
CA ILE A 409 -0.39 -14.40 17.33
C ILE A 409 0.95 -14.26 16.62
N GLY A 410 0.93 -13.59 15.46
CA GLY A 410 2.14 -13.32 14.71
C GLY A 410 3.25 -12.83 15.61
N LYS A 411 3.04 -11.68 16.22
CA LYS A 411 4.07 -11.11 17.08
C LYS A 411 4.51 -12.09 18.14
N ARG A 412 3.56 -12.78 18.75
CA ARG A 412 3.91 -13.73 19.79
C ARG A 412 4.76 -14.90 19.26
N ILE A 413 4.36 -15.46 18.12
CA ILE A 413 5.12 -16.56 17.55
C ILE A 413 6.53 -16.12 17.25
N PHE A 414 6.67 -14.99 16.58
CA PHE A 414 7.96 -14.48 16.13
C PHE A 414 8.86 -14.18 17.30
N ASP A 415 8.35 -13.41 18.25
CA ASP A 415 9.13 -12.99 19.38
C ASP A 415 9.69 -14.16 20.18
N HIS A 416 8.98 -15.27 20.17
CA HIS A 416 9.46 -16.50 20.76
C HIS A 416 10.66 -17.04 19.96
N ALA A 417 10.48 -17.20 18.66
CA ALA A 417 11.52 -17.72 17.80
C ALA A 417 12.78 -16.87 17.83
N ILE A 418 12.63 -15.56 17.76
CA ILE A 418 13.79 -14.66 17.66
C ILE A 418 14.62 -14.72 18.95
N ARG A 419 13.98 -15.15 20.04
CA ARG A 419 14.61 -15.18 21.36
C ARG A 419 15.28 -16.51 21.65
N TYR A 420 14.94 -17.50 20.84
CA TYR A 420 15.45 -18.87 20.98
C TYR A 420 16.97 -18.97 21.01
N PRO A 421 17.52 -19.55 22.10
CA PRO A 421 16.71 -19.99 23.25
C PRO A 421 16.20 -18.82 24.10
N GLU A 435 -2.48 -23.41 22.93
CA GLU A 435 -3.28 -22.18 22.97
C GLU A 435 -2.42 -20.91 22.92
N LEU A 436 -2.39 -20.30 21.74
CA LEU A 436 -1.71 -19.04 21.46
C LEU A 436 -2.68 -17.87 21.55
N LEU A 437 -3.97 -18.21 21.61
CA LEU A 437 -5.06 -17.25 21.79
C LEU A 437 -5.34 -17.07 23.25
N LYS A 438 -4.99 -15.92 23.81
CA LYS A 438 -5.28 -15.68 25.20
C LYS A 438 -6.78 -15.52 25.40
N SER A 439 -7.20 -15.53 26.65
CA SER A 439 -8.60 -15.35 26.98
C SER A 439 -9.11 -14.08 26.31
N SER A 440 -8.36 -13.00 26.51
CA SER A 440 -8.69 -11.71 25.94
C SER A 440 -9.22 -11.82 24.51
N ASP A 441 -8.49 -12.54 23.68
CA ASP A 441 -8.79 -12.66 22.25
C ASP A 441 -9.98 -13.57 21.99
N LYS A 442 -10.04 -14.68 22.73
CA LYS A 442 -11.17 -15.60 22.65
C LYS A 442 -12.50 -14.88 22.87
N VAL A 443 -12.54 -13.97 23.84
CA VAL A 443 -13.75 -13.21 24.13
C VAL A 443 -14.25 -12.39 22.96
N MET A 444 -13.40 -11.47 22.46
CA MET A 444 -13.84 -10.64 21.35
C MET A 444 -14.05 -11.45 20.07
N LEU A 445 -13.43 -12.61 19.97
CA LEU A 445 -13.70 -13.49 18.85
C LEU A 445 -15.08 -14.09 18.99
N LYS A 446 -15.44 -14.45 20.22
CA LYS A 446 -16.68 -15.17 20.47
C LYS A 446 -17.83 -14.24 20.23
N ARG A 447 -17.61 -12.98 20.55
CA ARG A 447 -18.66 -11.98 20.46
C ARG A 447 -18.98 -11.68 19.01
N ARG A 448 -17.95 -11.70 18.19
CA ARG A 448 -18.10 -11.32 16.80
C ARG A 448 -18.78 -12.42 16.03
N ILE A 449 -18.65 -13.64 16.53
CA ILE A 449 -19.25 -14.83 15.92
C ILE A 449 -20.71 -14.90 16.31
N LEU A 450 -20.99 -14.43 17.51
CA LEU A 450 -22.35 -14.47 18.03
C LEU A 450 -23.20 -13.44 17.37
N ALA A 451 -22.56 -12.39 16.86
CA ALA A 451 -23.31 -11.32 16.26
C ALA A 451 -23.85 -11.73 14.89
N LEU A 452 -23.41 -12.89 14.40
CA LEU A 452 -23.85 -13.35 13.09
C LEU A 452 -25.16 -14.12 13.16
N ARG A 453 -25.46 -14.69 14.33
CA ARG A 453 -26.68 -15.46 14.51
C ARG A 453 -27.86 -14.65 13.98
N ARG A 454 -28.72 -15.27 13.17
CA ARG A 454 -29.92 -14.57 12.75
C ARG A 454 -31.19 -15.25 13.23
N PRO A 455 -32.15 -14.44 13.73
CA PRO A 455 -33.45 -14.81 14.29
C PRO A 455 -34.02 -16.06 13.66
N GLU A 456 -34.31 -17.08 14.45
CA GLU A 456 -34.68 -18.38 13.91
C GLU A 456 -35.64 -18.29 12.75
N GLY A 457 -35.35 -19.06 11.71
CA GLY A 457 -36.23 -19.20 10.57
C GLY A 457 -36.30 -17.98 9.66
N GLN A 458 -35.56 -16.93 10.00
CA GLN A 458 -35.43 -15.77 9.10
C GLN A 458 -34.41 -16.09 8.04
N LEU A 459 -34.79 -15.98 6.77
CA LEU A 459 -33.91 -16.29 5.67
C LEU A 459 -33.20 -15.06 5.11
N PRO A 460 -32.11 -15.27 4.36
CA PRO A 460 -31.47 -14.17 3.64
C PRO A 460 -32.49 -13.51 2.72
N PRO A 461 -32.56 -12.17 2.77
CA PRO A 461 -33.52 -11.41 1.97
C PRO A 461 -33.36 -11.63 0.47
N ILE A 462 -34.42 -11.40 -0.30
CA ILE A 462 -34.32 -11.43 -1.75
C ILE A 462 -34.10 -10.04 -2.32
N VAL A 463 -34.11 -9.04 -1.44
CA VAL A 463 -33.94 -7.67 -1.89
C VAL A 463 -33.02 -6.87 -0.97
N THR A 464 -32.18 -6.01 -1.54
CA THR A 464 -31.21 -5.27 -0.73
C THR A 464 -31.71 -3.88 -0.30
N HIS A 465 -32.84 -3.45 -0.85
CA HIS A 465 -33.34 -2.10 -0.56
C HIS A 465 -34.76 -2.01 0.01
N ASN A 466 -35.10 -0.82 0.48
CA ASN A 466 -36.45 -0.54 0.91
C ASN A 466 -37.27 -0.21 -0.31
N MET A 467 -38.10 -1.16 -0.73
CA MET A 467 -38.89 -1.04 -1.94
C MET A 467 -40.09 -0.14 -1.69
N VAL A 468 -40.27 0.85 -2.56
CA VAL A 468 -41.38 1.79 -2.42
C VAL A 468 -42.59 1.29 -3.17
N ASP A 469 -43.08 0.10 -2.80
CA ASP A 469 -44.19 -0.54 -3.48
C ASP A 469 -43.97 -2.04 -3.44
N ASP A 470 -43.66 -2.55 -2.26
CA ASP A 470 -43.25 -3.93 -2.12
C ASP A 470 -44.29 -4.91 -2.70
N ALA A 471 -45.53 -4.45 -2.86
CA ALA A 471 -46.63 -5.33 -3.22
C ALA A 471 -46.88 -5.40 -4.71
N ASN A 472 -46.53 -4.33 -5.43
CA ASN A 472 -46.85 -4.21 -6.85
C ASN A 472 -45.67 -4.37 -7.81
N ASP A 473 -44.45 -4.33 -7.29
CA ASP A 473 -43.24 -4.48 -8.08
C ASP A 473 -43.21 -5.81 -8.83
N LEU A 474 -42.89 -5.74 -10.11
CA LEU A 474 -42.99 -6.91 -10.98
C LEU A 474 -41.95 -7.96 -10.67
N ILE A 475 -40.75 -7.51 -10.31
CA ILE A 475 -39.62 -8.39 -10.07
C ILE A 475 -39.75 -9.16 -8.78
N LEU A 476 -40.15 -8.49 -7.71
CA LEU A 476 -40.37 -9.18 -6.44
C LEU A 476 -41.49 -10.21 -6.56
N ASN A 477 -42.61 -9.80 -7.15
CA ASN A 477 -43.76 -10.68 -7.25
C ASN A 477 -43.50 -11.94 -8.09
N LYS A 478 -42.66 -11.84 -9.10
CA LYS A 478 -42.30 -13.02 -9.84
C LYS A 478 -41.38 -13.92 -9.02
N ILE A 479 -40.45 -13.33 -8.27
CA ILE A 479 -39.55 -14.19 -7.50
C ILE A 479 -40.26 -14.75 -6.27
N ARG A 480 -41.45 -14.24 -5.99
CA ARG A 480 -42.34 -14.86 -5.00
C ARG A 480 -43.13 -15.98 -5.63
N GLN A 481 -43.86 -15.66 -6.70
CA GLN A 481 -44.56 -16.68 -7.46
C GLN A 481 -43.75 -17.97 -7.64
N VAL A 482 -42.44 -17.85 -7.85
CA VAL A 482 -41.59 -19.04 -8.02
C VAL A 482 -40.96 -19.55 -6.70
N GLN A 483 -41.15 -18.79 -5.63
CA GLN A 483 -40.75 -19.23 -4.29
C GLN A 483 -39.26 -19.49 -4.14
N LEU A 484 -38.47 -18.66 -4.80
CA LEU A 484 -37.03 -18.63 -4.59
C LEU A 484 -36.78 -17.71 -3.40
N PHE A 485 -36.63 -18.30 -2.22
CA PHE A 485 -36.56 -17.51 -1.01
C PHE A 485 -35.25 -17.63 -0.27
N ASN A 486 -34.30 -18.34 -0.86
CA ASN A 486 -32.95 -18.45 -0.31
C ASN A 486 -32.78 -19.38 0.88
N SER A 487 -33.72 -20.32 1.05
CA SER A 487 -33.56 -21.35 2.07
C SER A 487 -32.46 -22.31 1.60
N PRO A 488 -31.75 -22.92 2.56
CA PRO A 488 -30.51 -23.68 2.27
C PRO A 488 -30.74 -24.82 1.30
N SER A 489 -31.97 -25.31 1.27
CA SER A 489 -32.38 -26.37 0.35
C SER A 489 -32.23 -25.90 -1.10
N ASP A 490 -32.64 -24.66 -1.35
CA ASP A 490 -32.54 -23.97 -2.66
C ASP A 490 -31.12 -23.82 -3.19
N ARG A 491 -30.90 -24.29 -4.42
CA ARG A 491 -29.55 -24.32 -4.97
C ARG A 491 -29.23 -23.11 -5.82
N VAL A 492 -30.26 -22.33 -6.16
CA VAL A 492 -30.03 -21.01 -6.75
C VAL A 492 -30.58 -19.91 -5.85
N LYS A 493 -29.68 -19.05 -5.38
CA LYS A 493 -30.04 -17.96 -4.48
C LYS A 493 -30.37 -16.69 -5.28
N MET A 494 -31.20 -15.82 -4.73
CA MET A 494 -31.79 -14.74 -5.51
C MET A 494 -31.55 -13.38 -4.88
N ILE A 495 -30.82 -12.52 -5.57
CA ILE A 495 -30.49 -11.20 -5.03
C ILE A 495 -30.93 -10.06 -5.95
N PHE A 496 -31.91 -9.28 -5.51
CA PHE A 496 -32.41 -8.16 -6.28
C PHE A 496 -31.86 -6.86 -5.68
N HIS A 497 -31.14 -6.10 -6.50
CA HIS A 497 -30.47 -4.87 -6.08
C HIS A 497 -30.90 -3.74 -6.96
N PRO A 498 -32.05 -3.15 -6.64
CA PRO A 498 -32.79 -2.19 -7.44
C PRO A 498 -32.08 -0.85 -7.51
N GLU A 499 -30.84 -0.84 -7.96
CA GLU A 499 -30.05 0.40 -7.89
C GLU A 499 -28.77 0.20 -8.65
N PHE A 500 -28.33 1.17 -9.42
CA PHE A 500 -27.06 1.03 -10.13
C PHE A 500 -25.88 0.87 -9.18
N LEU A 501 -24.76 0.44 -9.72
CA LEU A 501 -23.64 0.06 -8.88
C LEU A 501 -22.58 1.16 -8.87
N ASN A 502 -22.05 1.44 -7.67
CA ASN A 502 -21.06 2.49 -7.42
C ASN A 502 -20.05 1.97 -6.41
N ALA A 503 -18.76 2.22 -6.59
CA ALA A 503 -17.75 1.62 -5.71
C ALA A 503 -17.90 1.98 -4.23
N ASN A 504 -18.67 3.02 -3.98
CA ASN A 504 -18.84 3.54 -2.63
C ASN A 504 -20.05 2.96 -1.88
N ASN A 505 -20.56 1.80 -2.29
CA ASN A 505 -21.74 1.23 -1.63
C ASN A 505 -21.43 0.38 -0.42
N PRO A 506 -22.12 0.68 0.69
CA PRO A 506 -22.00 -0.06 1.95
C PRO A 506 -22.17 -1.56 1.72
N ILE A 507 -23.08 -1.90 0.81
CA ILE A 507 -23.39 -3.30 0.51
C ILE A 507 -22.42 -3.92 -0.48
N LEU A 508 -22.35 -3.40 -1.70
CA LEU A 508 -21.63 -4.07 -2.78
C LEU A 508 -20.59 -3.16 -3.43
N GLY A 509 -19.36 -3.24 -2.94
CA GLY A 509 -18.37 -2.22 -3.19
C GLY A 509 -17.73 -2.11 -4.57
N LEU A 510 -18.55 -2.27 -5.61
CA LEU A 510 -18.02 -2.24 -6.99
C LEU A 510 -18.70 -1.17 -7.85
N ASP A 511 -18.02 -0.80 -8.93
CA ASP A 511 -18.68 -0.07 -9.99
C ASP A 511 -19.33 -1.15 -10.81
N TYR A 512 -20.14 -0.80 -11.80
CA TYR A 512 -20.80 -1.82 -12.62
C TYR A 512 -19.79 -2.60 -13.46
N ASP A 513 -18.84 -1.91 -14.06
CA ASP A 513 -17.83 -2.61 -14.85
C ASP A 513 -17.06 -3.60 -13.97
N GLU A 514 -16.70 -3.19 -12.77
CA GLU A 514 -16.02 -4.06 -11.83
C GLU A 514 -16.84 -5.31 -11.58
N PHE A 515 -18.12 -5.11 -11.27
CA PHE A 515 -19.05 -6.18 -10.94
C PHE A 515 -19.21 -7.15 -12.09
N VAL A 516 -19.48 -6.62 -13.27
CA VAL A 516 -19.64 -7.49 -14.45
C VAL A 516 -18.47 -8.47 -14.54
N ARG A 517 -17.26 -7.94 -14.48
CA ARG A 517 -16.06 -8.75 -14.62
C ARG A 517 -15.98 -9.84 -13.57
N GLY A 518 -16.40 -9.53 -12.36
CA GLY A 518 -16.32 -10.48 -11.27
C GLY A 518 -17.29 -11.64 -11.39
N CYS A 519 -18.22 -11.57 -12.34
CA CYS A 519 -19.26 -12.60 -12.46
C CYS A 519 -18.88 -13.71 -13.39
N HIS A 520 -19.79 -14.67 -13.55
CA HIS A 520 -19.44 -15.87 -14.30
C HIS A 520 -20.25 -15.92 -15.59
N LEU A 521 -21.43 -15.34 -15.57
CA LEU A 521 -22.30 -15.42 -16.74
C LEU A 521 -23.38 -14.34 -16.74
N GLY A 522 -23.42 -13.51 -17.77
CA GLY A 522 -24.49 -12.55 -17.88
C GLY A 522 -25.66 -13.21 -18.57
N VAL A 523 -26.88 -12.88 -18.17
CA VAL A 523 -28.05 -13.47 -18.80
C VAL A 523 -29.08 -12.42 -19.22
N PHE A 524 -29.23 -12.23 -20.52
CA PHE A 524 -30.08 -11.14 -21.03
C PHE A 524 -31.09 -11.63 -22.06
N PRO A 525 -32.16 -12.25 -21.58
CA PRO A 525 -33.26 -12.92 -22.27
C PRO A 525 -34.24 -11.94 -22.90
N SER A 526 -33.73 -10.97 -23.63
CA SER A 526 -34.54 -9.83 -24.06
C SER A 526 -35.60 -10.15 -25.10
N TYR A 527 -36.75 -9.51 -24.99
CA TYR A 527 -37.87 -9.74 -25.91
C TYR A 527 -38.03 -8.64 -26.91
N TYR A 528 -37.82 -7.40 -26.49
CA TYR A 528 -37.71 -6.27 -27.42
C TYR A 528 -36.46 -5.46 -27.12
N GLU A 529 -35.53 -5.44 -28.07
CA GLU A 529 -34.21 -4.87 -27.79
C GLU A 529 -33.50 -4.72 -29.10
N PRO A 530 -33.61 -3.52 -29.68
CA PRO A 530 -33.09 -3.16 -30.99
C PRO A 530 -31.58 -3.29 -31.09
N TRP A 531 -30.85 -3.08 -30.00
CA TRP A 531 -29.44 -3.44 -30.01
C TRP A 531 -29.06 -4.20 -28.76
N GLY A 532 -28.96 -3.48 -27.67
CA GLY A 532 -28.60 -4.13 -26.42
C GLY A 532 -27.16 -3.91 -26.07
N TYR A 533 -26.89 -2.78 -25.45
CA TYR A 533 -25.55 -2.50 -25.09
C TYR A 533 -25.10 -3.34 -23.91
N THR A 534 -26.04 -3.66 -22.99
CA THR A 534 -25.69 -4.43 -21.79
C THR A 534 -25.01 -5.76 -22.09
N PRO A 535 -25.57 -6.57 -23.01
CA PRO A 535 -24.90 -7.81 -23.40
C PRO A 535 -23.63 -7.59 -24.20
N ALA A 536 -23.64 -6.63 -25.11
CA ALA A 536 -22.47 -6.40 -25.94
C ALA A 536 -21.30 -5.90 -25.11
N GLU A 537 -21.56 -5.08 -24.10
CA GLU A 537 -20.47 -4.58 -23.29
C GLU A 537 -20.09 -5.68 -22.29
N CYS A 538 -21.03 -6.59 -22.07
CA CYS A 538 -20.75 -7.74 -21.24
C CYS A 538 -19.67 -8.56 -21.91
N THR A 539 -19.85 -8.75 -23.21
CA THR A 539 -18.92 -9.53 -24.03
C THR A 539 -17.56 -8.84 -24.18
N VAL A 540 -17.57 -7.53 -24.39
CA VAL A 540 -16.32 -6.81 -24.59
C VAL A 540 -15.44 -7.02 -23.36
N MET A 541 -16.07 -7.12 -22.19
CA MET A 541 -15.34 -7.24 -20.92
C MET A 541 -14.89 -8.66 -20.64
N GLY A 542 -15.12 -9.55 -21.60
CA GLY A 542 -14.64 -10.91 -21.50
C GLY A 542 -15.47 -11.81 -20.61
N VAL A 543 -16.77 -11.60 -20.61
CA VAL A 543 -17.65 -12.47 -19.83
C VAL A 543 -18.64 -13.21 -20.73
N PRO A 544 -18.78 -14.52 -20.53
CA PRO A 544 -19.79 -15.35 -21.20
C PRO A 544 -21.15 -14.75 -20.95
N SER A 545 -22.06 -14.90 -21.90
CA SER A 545 -23.36 -14.24 -21.81
C SER A 545 -24.43 -14.96 -22.60
N ILE A 546 -25.68 -14.83 -22.20
CA ILE A 546 -26.77 -15.39 -22.96
C ILE A 546 -27.68 -14.30 -23.47
N THR A 547 -27.83 -14.18 -24.79
CA THR A 547 -28.81 -13.24 -25.35
C THR A 547 -29.90 -13.98 -26.12
N THR A 548 -30.74 -13.26 -26.87
CA THR A 548 -31.79 -13.90 -27.67
C THR A 548 -31.65 -13.60 -29.16
N ASN A 549 -32.55 -14.16 -29.96
CA ASN A 549 -32.49 -13.97 -31.40
C ASN A 549 -33.47 -12.90 -31.84
N VAL A 550 -34.05 -12.23 -30.86
CA VAL A 550 -34.86 -11.04 -31.12
C VAL A 550 -34.14 -9.79 -30.61
N SER A 551 -32.98 -10.00 -29.98
CA SER A 551 -32.07 -8.94 -29.64
C SER A 551 -31.30 -8.53 -30.90
N GLY A 552 -31.08 -7.24 -31.06
CA GLY A 552 -30.28 -6.75 -32.15
C GLY A 552 -28.90 -7.35 -32.03
N PHE A 553 -28.34 -7.27 -30.83
CA PHE A 553 -27.00 -7.79 -30.59
C PHE A 553 -26.97 -9.28 -30.75
N GLY A 554 -28.03 -9.93 -30.34
CA GLY A 554 -28.21 -11.35 -30.65
C GLY A 554 -28.18 -11.58 -32.15
N SER A 555 -29.18 -11.03 -32.85
CA SER A 555 -29.25 -11.04 -34.30
C SER A 555 -27.86 -10.94 -34.92
N TYR A 556 -27.16 -9.85 -34.60
CA TYR A 556 -25.81 -9.62 -35.14
C TYR A 556 -24.82 -10.72 -34.79
N MET A 557 -24.86 -11.17 -33.54
CA MET A 557 -23.88 -12.11 -33.05
C MET A 557 -24.04 -13.44 -33.76
N GLU A 558 -25.29 -13.79 -34.06
CA GLU A 558 -25.62 -15.06 -34.70
C GLU A 558 -24.81 -15.30 -35.96
N ASP A 559 -24.45 -14.22 -36.63
CA ASP A 559 -23.78 -14.33 -37.91
C ASP A 559 -22.28 -14.45 -37.80
N LEU A 560 -21.79 -15.03 -36.70
CA LEU A 560 -20.34 -15.11 -36.48
C LEU A 560 -19.95 -16.28 -35.58
N ALA A 566 -19.67 -22.70 -32.23
CA ALA A 566 -20.68 -21.67 -32.00
C ALA A 566 -20.69 -21.08 -30.55
N LYS A 567 -21.43 -21.73 -29.64
CA LYS A 567 -21.53 -21.31 -28.23
C LYS A 567 -20.18 -21.36 -27.50
N ASP A 568 -19.23 -22.08 -28.08
CA ASP A 568 -17.92 -22.30 -27.47
C ASP A 568 -17.23 -20.98 -27.20
N TYR A 569 -17.68 -19.94 -27.89
CA TYR A 569 -17.07 -18.62 -27.79
C TYR A 569 -17.64 -17.75 -26.67
N GLY A 570 -18.56 -18.33 -25.90
CA GLY A 570 -19.08 -17.64 -24.74
C GLY A 570 -20.36 -16.90 -25.04
N ILE A 571 -20.95 -17.17 -26.21
CA ILE A 571 -22.23 -16.55 -26.52
C ILE A 571 -23.29 -17.60 -26.81
N TYR A 572 -24.24 -17.71 -25.90
CA TYR A 572 -25.38 -18.59 -26.10
C TYR A 572 -26.50 -17.72 -26.63
N ILE A 573 -27.27 -18.23 -27.58
CA ILE A 573 -28.37 -17.46 -28.12
C ILE A 573 -29.65 -18.24 -27.98
N VAL A 574 -30.54 -17.78 -27.11
CA VAL A 574 -31.84 -18.42 -26.93
C VAL A 574 -32.75 -18.02 -28.05
N ASP A 575 -33.49 -18.98 -28.60
CA ASP A 575 -34.45 -18.68 -29.67
C ASP A 575 -35.74 -18.21 -29.07
N ARG A 576 -36.04 -16.92 -29.22
CA ARG A 576 -37.26 -16.35 -28.64
C ARG A 576 -38.25 -16.04 -29.74
N ARG A 577 -37.84 -16.22 -30.99
CA ARG A 577 -38.64 -15.82 -32.15
C ARG A 577 -39.42 -16.97 -32.81
N PHE A 578 -38.89 -18.18 -32.73
CA PHE A 578 -39.49 -19.33 -33.40
C PHE A 578 -40.09 -20.36 -32.44
N LYS A 579 -39.33 -20.76 -31.42
CA LYS A 579 -39.85 -21.65 -30.35
C LYS A 579 -40.92 -20.95 -29.51
N ALA A 580 -41.81 -21.73 -28.91
CA ALA A 580 -42.91 -21.17 -28.13
C ALA A 580 -42.43 -20.64 -26.77
N PRO A 581 -43.21 -19.77 -26.13
CA PRO A 581 -42.78 -19.13 -24.88
C PRO A 581 -42.14 -20.11 -23.92
N ASP A 582 -42.67 -21.32 -23.85
CA ASP A 582 -42.17 -22.28 -22.89
C ASP A 582 -40.86 -22.95 -23.35
N GLU A 583 -40.80 -23.34 -24.61
CA GLU A 583 -39.60 -24.01 -25.10
C GLU A 583 -38.42 -23.07 -25.00
N SER A 584 -38.72 -21.77 -25.10
CA SER A 584 -37.71 -20.72 -24.97
C SER A 584 -37.13 -20.84 -23.59
N VAL A 585 -38.02 -20.76 -22.60
CA VAL A 585 -37.64 -20.88 -21.20
C VAL A 585 -36.78 -22.10 -20.97
N GLU A 586 -37.27 -23.25 -21.45
CA GLU A 586 -36.55 -24.50 -21.30
C GLU A 586 -35.16 -24.44 -21.94
N GLN A 587 -35.08 -23.87 -23.14
CA GLN A 587 -33.80 -23.73 -23.80
C GLN A 587 -32.86 -22.94 -22.90
N LEU A 588 -33.43 -21.99 -22.18
CA LEU A 588 -32.65 -21.14 -21.30
C LEU A 588 -32.06 -22.00 -20.19
N VAL A 589 -32.90 -22.83 -19.60
CA VAL A 589 -32.48 -23.65 -18.47
C VAL A 589 -31.38 -24.63 -18.87
N ASP A 590 -31.48 -25.14 -20.09
CA ASP A 590 -30.49 -26.07 -20.64
C ASP A 590 -29.14 -25.38 -20.74
N TYR A 591 -29.19 -24.13 -21.19
CA TYR A 591 -27.98 -23.35 -21.34
C TYR A 591 -27.31 -23.08 -20.00
N MET A 592 -28.11 -22.69 -19.01
CA MET A 592 -27.59 -22.46 -17.66
C MET A 592 -26.99 -23.75 -17.05
N GLU A 593 -27.76 -24.83 -17.10
CA GLU A 593 -27.31 -26.13 -16.63
C GLU A 593 -25.95 -26.49 -17.23
N GLU A 594 -25.88 -26.50 -18.55
CA GLU A 594 -24.62 -26.78 -19.22
C GLU A 594 -23.48 -25.96 -18.62
N PHE A 595 -23.78 -24.71 -18.28
CA PHE A 595 -22.74 -23.81 -17.76
C PHE A 595 -22.34 -24.24 -16.36
N VAL A 596 -23.33 -24.60 -15.55
CA VAL A 596 -23.04 -25.02 -14.19
C VAL A 596 -22.14 -26.26 -14.19
N LYS A 597 -22.44 -27.21 -15.08
CA LYS A 597 -21.72 -28.49 -15.13
C LYS A 597 -20.43 -28.38 -15.92
N LYS A 598 -19.82 -27.21 -15.92
CA LYS A 598 -18.59 -27.04 -16.64
C LYS A 598 -17.46 -27.25 -15.63
N THR A 599 -16.38 -27.87 -16.09
CA THR A 599 -15.21 -28.09 -15.24
C THR A 599 -14.42 -26.79 -15.09
N ALA A 600 -13.55 -26.73 -14.10
CA ALA A 600 -12.73 -25.54 -13.86
C ALA A 600 -11.97 -25.16 -15.13
N ALA A 601 -11.57 -26.17 -15.92
CA ALA A 601 -10.80 -25.95 -17.14
C ALA A 601 -11.68 -25.64 -18.36
N GLN A 602 -12.87 -26.24 -18.40
CA GLN A 602 -13.82 -25.96 -19.47
C GLN A 602 -14.28 -24.51 -19.45
N ALA A 603 -14.43 -23.95 -18.25
CA ALA A 603 -14.82 -22.57 -18.07
C ALA A 603 -13.69 -21.61 -18.46
N ILE A 604 -12.47 -21.89 -18.01
CA ILE A 604 -11.32 -21.05 -18.37
C ILE A 604 -11.04 -21.09 -19.87
N ASN A 605 -11.53 -22.14 -20.54
CA ASN A 605 -11.44 -22.22 -21.99
C ASN A 605 -12.32 -21.17 -22.67
N GLN A 606 -13.63 -21.27 -22.43
CA GLN A 606 -14.61 -20.31 -22.90
C GLN A 606 -14.20 -18.85 -22.66
N ARG A 607 -14.14 -18.48 -21.39
CA ARG A 607 -13.70 -17.15 -20.95
C ARG A 607 -12.54 -16.60 -21.77
N ASN A 608 -11.54 -17.43 -22.02
CA ASN A 608 -10.41 -17.00 -22.83
C ASN A 608 -10.82 -16.78 -24.28
N ARG A 609 -11.84 -17.52 -24.71
CA ARG A 609 -12.36 -17.40 -26.07
C ARG A 609 -13.22 -16.16 -26.30
N THR A 610 -14.17 -15.92 -25.40
CA THR A 610 -14.99 -14.73 -25.49
C THR A 610 -14.10 -13.48 -25.46
N GLU A 611 -13.05 -13.54 -24.65
CA GLU A 611 -12.19 -12.37 -24.42
C GLU A 611 -11.56 -11.87 -25.71
N ARG A 612 -11.42 -12.77 -26.68
CA ARG A 612 -10.84 -12.42 -27.97
C ARG A 612 -11.88 -11.89 -28.95
N LEU A 613 -13.15 -12.21 -28.70
CA LEU A 613 -14.25 -11.62 -29.45
C LEU A 613 -14.28 -10.10 -29.32
N SER A 614 -13.83 -9.62 -28.16
CA SER A 614 -13.94 -8.19 -27.82
C SER A 614 -13.59 -7.27 -29.01
N ASP A 615 -12.43 -7.50 -29.63
CA ASP A 615 -11.93 -6.60 -30.66
C ASP A 615 -12.81 -6.57 -31.91
N LEU A 616 -13.70 -7.55 -32.02
CA LEU A 616 -14.64 -7.55 -33.13
C LEU A 616 -15.68 -6.44 -33.03
N LEU A 617 -15.90 -5.94 -31.82
CA LEU A 617 -17.00 -5.02 -31.56
C LEU A 617 -16.54 -3.57 -31.45
N ASP A 618 -15.24 -3.32 -31.61
CA ASP A 618 -14.76 -1.94 -31.58
C ASP A 618 -15.26 -1.21 -32.82
N TRP A 619 -15.29 0.11 -32.77
CA TRP A 619 -15.73 0.91 -33.92
C TRP A 619 -14.81 0.73 -35.10
N LYS A 620 -13.52 0.55 -34.83
CA LYS A 620 -12.53 0.33 -35.87
C LYS A 620 -12.96 -0.71 -36.91
N ARG A 621 -13.82 -1.64 -36.51
CA ARG A 621 -14.36 -2.62 -37.45
C ARG A 621 -15.83 -2.33 -37.80
N MET A 622 -16.60 -1.90 -36.82
CA MET A 622 -18.04 -1.68 -37.01
C MET A 622 -18.30 -0.39 -37.78
N GLY A 623 -17.34 0.52 -37.72
CA GLY A 623 -17.47 1.79 -38.39
C GLY A 623 -17.52 1.63 -39.89
N LEU A 624 -17.05 0.49 -40.37
CA LEU A 624 -16.92 0.30 -41.81
C LEU A 624 -18.28 0.14 -42.45
N GLU A 625 -19.28 -0.14 -41.61
CA GLU A 625 -20.65 -0.27 -42.07
C GLU A 625 -21.25 1.09 -42.35
N TYR A 626 -20.76 2.11 -41.65
CA TYR A 626 -21.19 3.47 -41.86
C TYR A 626 -20.59 3.97 -43.18
N VAL A 627 -19.33 3.61 -43.41
CA VAL A 627 -18.70 3.98 -44.66
C VAL A 627 -19.47 3.38 -45.85
N LYS A 628 -19.87 2.11 -45.74
CA LYS A 628 -20.69 1.50 -46.77
C LYS A 628 -21.96 2.29 -46.97
N ALA A 629 -22.53 2.80 -45.89
CA ALA A 629 -23.79 3.52 -45.93
C ALA A 629 -23.63 4.85 -46.62
N ARG A 630 -22.65 5.63 -46.18
CA ARG A 630 -22.41 6.95 -46.73
C ARG A 630 -22.10 6.85 -48.23
N GLN A 631 -21.20 5.93 -48.59
CA GLN A 631 -20.80 5.74 -49.97
C GLN A 631 -21.93 5.24 -50.85
N LEU A 632 -22.80 4.38 -50.34
CA LEU A 632 -24.00 4.04 -51.11
C LEU A 632 -24.86 5.28 -51.34
N ALA A 633 -24.88 6.19 -50.38
CA ALA A 633 -25.66 7.42 -50.52
C ALA A 633 -25.11 8.32 -51.63
N LEU A 634 -23.79 8.30 -51.78
CA LEU A 634 -23.13 9.02 -52.87
C LEU A 634 -23.37 8.36 -54.23
N ARG A 635 -23.05 7.08 -54.35
CA ARG A 635 -23.34 6.31 -55.57
C ARG A 635 -24.78 6.45 -56.06
N ARG A 636 -25.72 6.67 -55.14
CA ARG A 636 -27.12 6.86 -55.54
C ARG A 636 -27.41 8.31 -55.93
N GLY A 637 -26.61 9.24 -55.41
CA GLY A 637 -26.85 10.65 -55.65
C GLY A 637 -26.22 11.18 -56.93
N TYR A 638 -25.04 10.67 -57.27
CA TYR A 638 -24.29 11.12 -58.43
C TYR A 638 -23.81 9.94 -59.26
N PRO A 639 -24.77 9.16 -59.80
CA PRO A 639 -24.47 7.83 -60.35
C PRO A 639 -23.33 7.92 -61.34
N ASP A 640 -23.29 9.04 -62.04
CA ASP A 640 -22.30 9.26 -63.07
C ASP A 640 -20.93 9.55 -62.46
N GLN A 641 -20.85 10.59 -61.63
CA GLN A 641 -19.57 10.95 -61.04
C GLN A 641 -18.92 9.78 -60.28
N PHE A 642 -19.78 8.90 -59.75
CA PHE A 642 -19.31 7.76 -58.98
C PHE A 642 -18.57 6.78 -59.88
N ARG A 643 -19.13 6.54 -61.06
CA ARG A 643 -18.53 5.63 -62.04
C ARG A 643 -17.10 6.04 -62.36
N GLU A 644 -16.89 7.35 -62.53
CA GLU A 644 -15.58 7.91 -62.85
C GLU A 644 -14.58 7.57 -61.76
N LEU A 645 -14.99 7.77 -60.52
CA LEU A 645 -14.11 7.58 -59.37
C LEU A 645 -13.77 6.08 -59.11
N VAL A 646 -14.61 5.17 -59.60
CA VAL A 646 -14.43 3.75 -59.34
C VAL A 646 -13.89 2.96 -60.54
N GLY A 647 -14.17 3.46 -61.74
CA GLY A 647 -13.68 2.85 -62.97
C GLY A 647 -14.64 1.86 -63.60
N GLU A 648 -15.85 1.80 -63.07
CA GLU A 648 -16.89 0.91 -63.57
C GLU A 648 -18.23 1.35 -63.01
N GLU A 649 -19.26 0.53 -63.17
CA GLU A 649 -20.53 0.77 -62.48
C GLU A 649 -20.88 -0.36 -61.49
N LEU A 650 -20.84 -0.02 -60.21
CA LEU A 650 -21.11 -0.96 -59.13
C LEU A 650 -22.59 -0.95 -58.79
N ASN A 651 -23.06 -2.03 -58.17
CA ASN A 651 -24.47 -2.19 -57.81
C ASN A 651 -24.92 -1.25 -56.67
N ASP A 652 -26.13 -0.71 -56.79
CA ASP A 652 -26.61 0.28 -55.83
C ASP A 652 -27.95 -0.09 -55.17
N SER A 653 -28.14 -1.36 -54.83
CA SER A 653 -29.37 -1.77 -54.15
C SER A 653 -29.19 -2.10 -52.66
N ASN A 654 -27.99 -2.53 -52.25
CA ASN A 654 -27.62 -2.59 -50.84
C ASN A 654 -26.27 -1.93 -50.60
N MET A 655 -25.89 -1.85 -49.34
CA MET A 655 -24.56 -1.37 -48.98
C MET A 655 -23.58 -2.52 -49.07
N ASP A 656 -24.11 -3.74 -48.91
CA ASP A 656 -23.30 -4.95 -49.12
C ASP A 656 -23.20 -5.24 -50.61
N ALA A 657 -24.30 -5.00 -51.33
CA ALA A 657 -24.30 -5.07 -52.78
C ALA A 657 -23.23 -4.16 -53.43
N LEU A 658 -22.94 -3.03 -52.77
CA LEU A 658 -21.93 -2.11 -53.27
C LEU A 658 -20.50 -2.63 -53.05
N ALA A 659 -20.16 -2.92 -51.80
CA ALA A 659 -18.83 -3.43 -51.46
C ALA A 659 -18.81 -4.95 -51.39
N SER B 22 7.39 -66.41 4.81
CA SER B 22 6.89 -65.69 3.63
C SER B 22 6.41 -64.26 3.94
N ARG B 23 6.84 -63.32 3.10
CA ARG B 23 6.73 -61.89 3.37
C ARG B 23 5.64 -61.18 2.57
N ASP B 24 5.21 -60.02 3.08
CA ASP B 24 4.15 -59.27 2.43
C ASP B 24 4.71 -58.28 1.40
N LEU B 25 4.59 -58.65 0.13
CA LEU B 25 5.02 -57.78 -0.95
C LEU B 25 4.13 -56.55 -1.00
N GLN B 26 2.85 -56.75 -0.69
CA GLN B 26 1.86 -55.69 -0.73
C GLN B 26 2.30 -54.53 0.15
N ASN B 27 2.29 -54.76 1.46
CA ASN B 27 2.69 -53.75 2.43
C ASN B 27 4.14 -53.98 2.88
N HIS B 28 5.05 -53.23 2.28
CA HIS B 28 6.48 -53.43 2.47
C HIS B 28 7.19 -52.22 3.06
N LEU B 29 8.50 -52.34 3.24
CA LEU B 29 9.32 -51.31 3.88
C LEU B 29 10.27 -50.63 2.88
N LEU B 30 10.46 -49.31 3.01
CA LEU B 30 11.34 -48.58 2.08
C LEU B 30 12.48 -47.84 2.78
N PHE B 31 13.72 -48.20 2.43
CA PHE B 31 14.89 -47.50 2.94
C PHE B 31 15.68 -46.90 1.79
N GLU B 32 15.63 -45.58 1.67
CA GLU B 32 16.36 -44.87 0.63
C GLU B 32 17.63 -44.27 1.20
N THR B 33 18.77 -44.68 0.63
CA THR B 33 20.07 -44.34 1.18
C THR B 33 20.90 -43.49 0.20
N ALA B 34 21.36 -42.33 0.63
CA ALA B 34 22.27 -41.50 -0.19
C ALA B 34 23.15 -40.64 0.70
N THR B 35 24.28 -40.20 0.14
CA THR B 35 25.21 -39.38 0.90
C THR B 35 24.60 -38.07 1.32
N GLU B 36 23.59 -37.63 0.58
CA GLU B 36 23.05 -36.29 0.73
C GLU B 36 21.95 -36.12 1.79
N VAL B 37 21.31 -37.21 2.22
CA VAL B 37 20.14 -37.09 3.10
C VAL B 37 19.96 -35.74 3.80
N ALA B 38 20.61 -35.51 4.93
CA ALA B 38 20.33 -34.24 5.60
C ALA B 38 21.48 -33.28 5.51
N ASN B 39 22.08 -33.20 4.32
CA ASN B 39 23.12 -32.20 4.06
C ASN B 39 23.35 -31.93 2.57
N ARG B 40 23.03 -30.70 2.15
CA ARG B 40 23.30 -30.28 0.79
C ARG B 40 24.78 -30.38 0.49
N VAL B 41 25.13 -31.33 -0.37
CA VAL B 41 26.49 -31.51 -0.83
C VAL B 41 26.40 -31.71 -2.33
N GLY B 42 25.34 -32.39 -2.76
CA GLY B 42 25.10 -32.60 -4.18
C GLY B 42 23.79 -32.01 -4.65
N GLY B 43 23.33 -32.46 -5.80
CA GLY B 43 22.04 -32.04 -6.30
C GLY B 43 21.03 -33.08 -5.91
N ILE B 44 21.54 -34.23 -5.47
CA ILE B 44 20.68 -35.31 -5.06
C ILE B 44 19.88 -34.85 -3.87
N TYR B 45 20.51 -34.06 -3.02
CA TYR B 45 19.82 -33.45 -1.90
C TYR B 45 18.50 -32.91 -2.41
N SER B 46 18.55 -32.15 -3.50
CA SER B 46 17.35 -31.58 -4.05
C SER B 46 16.35 -32.65 -4.45
N VAL B 47 16.79 -33.59 -5.27
CA VAL B 47 15.93 -34.70 -5.66
C VAL B 47 15.18 -35.32 -4.46
N LEU B 48 15.92 -35.85 -3.50
CA LEU B 48 15.32 -36.51 -2.35
C LEU B 48 14.36 -35.60 -1.58
N LYS B 49 14.78 -34.36 -1.34
CA LYS B 49 14.00 -33.38 -0.56
C LYS B 49 12.65 -33.07 -1.19
N SER B 50 12.63 -32.99 -2.52
CA SER B 50 11.39 -32.68 -3.22
C SER B 50 10.58 -33.93 -3.54
N LYS B 51 11.18 -35.10 -3.37
CA LYS B 51 10.45 -36.36 -3.59
C LYS B 51 9.87 -36.87 -2.28
N ALA B 52 10.33 -36.28 -1.18
CA ALA B 52 9.87 -36.69 0.14
C ALA B 52 8.35 -36.63 0.29
N PRO B 53 7.75 -35.45 0.10
CA PRO B 53 6.31 -35.25 0.28
C PRO B 53 5.48 -36.34 -0.38
N ILE B 54 5.82 -36.68 -1.61
CA ILE B 54 5.05 -37.70 -2.31
C ILE B 54 5.26 -39.09 -1.74
N THR B 55 6.49 -39.42 -1.34
CA THR B 55 6.76 -40.79 -0.87
C THR B 55 6.38 -41.02 0.60
N VAL B 56 6.37 -39.94 1.37
CA VAL B 56 5.93 -40.00 2.75
C VAL B 56 4.44 -40.19 2.72
N ALA B 57 3.81 -39.49 1.78
CA ALA B 57 2.38 -39.62 1.57
C ALA B 57 2.01 -41.09 1.32
N GLN B 58 2.79 -41.78 0.49
CA GLN B 58 2.51 -43.17 0.19
C GLN B 58 2.91 -44.11 1.34
N TYR B 59 4.18 -44.05 1.75
CA TYR B 59 4.70 -45.04 2.70
C TYR B 59 4.56 -44.69 4.18
N LYS B 60 3.98 -43.53 4.48
CA LYS B 60 4.04 -42.95 5.84
C LYS B 60 5.29 -43.30 6.67
N ASP B 61 5.09 -44.01 7.77
CA ASP B 61 6.20 -44.29 8.69
C ASP B 61 6.93 -45.60 8.38
N HIS B 62 6.64 -46.16 7.22
CA HIS B 62 7.34 -47.37 6.77
C HIS B 62 8.58 -46.97 5.99
N TYR B 63 8.69 -45.66 5.73
CA TYR B 63 9.74 -45.10 4.90
C TYR B 63 10.81 -44.37 5.71
N HIS B 64 12.05 -44.83 5.59
CA HIS B 64 13.17 -44.14 6.22
C HIS B 64 14.25 -43.73 5.21
N LEU B 65 14.79 -42.53 5.36
CA LEU B 65 15.97 -42.14 4.60
C LEU B 65 17.19 -42.46 5.45
N ILE B 66 18.23 -43.02 4.84
CA ILE B 66 19.45 -43.35 5.59
C ILE B 66 20.63 -42.63 4.99
N GLY B 67 21.55 -42.15 5.81
CA GLY B 67 22.71 -41.47 5.29
C GLY B 67 23.75 -41.21 6.36
N PRO B 68 24.92 -40.70 5.95
CA PRO B 68 25.97 -40.43 6.93
C PRO B 68 25.60 -39.19 7.70
N LEU B 69 25.77 -39.23 9.03
CA LEU B 69 25.63 -38.03 9.84
C LEU B 69 26.76 -37.07 9.54
N ASN B 70 26.39 -35.81 9.28
CA ASN B 70 27.33 -34.72 9.08
C ASN B 70 27.29 -33.83 10.30
N LYS B 71 28.28 -33.97 11.17
CA LYS B 71 28.24 -33.35 12.50
C LYS B 71 28.24 -31.80 12.44
N ALA B 72 28.38 -31.27 11.23
CA ALA B 72 28.50 -29.84 11.04
C ALA B 72 27.16 -29.12 10.74
N THR B 73 26.20 -29.87 10.22
CA THR B 73 24.96 -29.29 9.69
C THR B 73 23.70 -29.97 10.23
N TYR B 74 23.82 -31.20 10.69
CA TYR B 74 22.64 -31.99 11.03
C TYR B 74 21.72 -31.27 12.00
N GLN B 75 22.30 -30.44 12.87
CA GLN B 75 21.49 -29.71 13.85
C GLN B 75 20.58 -28.62 13.28
N ASN B 76 20.79 -28.24 12.03
CA ASN B 76 19.98 -27.20 11.40
C ASN B 76 18.85 -27.80 10.56
N GLU B 77 18.98 -29.08 10.23
CA GLU B 77 18.07 -29.73 9.31
C GLU B 77 17.25 -30.84 9.94
N VAL B 78 17.63 -31.27 11.14
CA VAL B 78 17.01 -32.44 11.75
C VAL B 78 16.35 -32.24 13.12
N ASP B 79 15.05 -32.49 13.16
CA ASP B 79 14.31 -32.61 14.40
C ASP B 79 14.76 -33.90 15.05
N ILE B 80 15.65 -33.80 16.03
CA ILE B 80 16.11 -34.99 16.72
C ILE B 80 14.99 -35.63 17.55
N LEU B 81 14.91 -36.95 17.48
CA LEU B 81 13.87 -37.69 18.18
C LEU B 81 14.48 -38.73 19.10
N ASP B 82 13.72 -39.09 20.14
CA ASP B 82 14.08 -40.17 21.03
C ASP B 82 13.49 -41.46 20.49
N TRP B 83 14.36 -42.32 20.00
CA TRP B 83 13.94 -43.53 19.28
C TRP B 83 13.71 -44.71 20.21
N LYS B 84 13.96 -44.47 21.50
CA LYS B 84 13.86 -45.52 22.50
C LYS B 84 12.48 -45.57 23.14
N LYS B 85 11.79 -44.43 23.19
CA LYS B 85 10.45 -44.42 23.77
C LYS B 85 9.58 -45.42 23.03
N PRO B 86 8.81 -46.23 23.79
CA PRO B 86 7.92 -47.19 23.16
C PRO B 86 7.03 -46.53 22.12
N GLU B 87 6.77 -45.24 22.30
CA GLU B 87 5.90 -44.51 21.39
C GLU B 87 6.53 -44.28 20.01
N ALA B 88 7.86 -44.33 19.92
CA ALA B 88 8.57 -43.95 18.69
C ALA B 88 8.22 -44.79 17.44
N PHE B 89 7.67 -45.99 17.65
CA PHE B 89 7.35 -46.92 16.57
C PHE B 89 6.02 -47.62 16.75
N SER B 90 5.23 -47.72 15.67
CA SER B 90 4.05 -48.57 15.66
C SER B 90 4.52 -49.97 16.00
N ASP B 91 3.60 -50.80 16.49
CA ASP B 91 4.00 -52.16 16.84
C ASP B 91 4.46 -52.93 15.60
N GLU B 92 3.78 -52.74 14.47
CA GLU B 92 4.19 -53.45 13.25
C GLU B 92 5.59 -53.01 12.82
N MET B 93 5.99 -51.82 13.27
CA MET B 93 7.30 -51.26 12.94
C MET B 93 8.35 -51.47 14.02
N ARG B 94 7.98 -52.19 15.07
CA ARG B 94 8.90 -52.58 16.13
C ARG B 94 10.31 -52.97 15.68
N PRO B 95 10.40 -53.90 14.72
CA PRO B 95 11.65 -54.52 14.28
C PRO B 95 12.75 -53.50 14.09
N VAL B 96 12.42 -52.43 13.37
CA VAL B 96 13.38 -51.36 13.07
C VAL B 96 13.96 -50.77 14.36
N GLN B 97 13.13 -50.69 15.39
CA GLN B 97 13.54 -50.12 16.66
C GLN B 97 14.54 -51.00 17.34
N HIS B 98 14.21 -52.29 17.39
CA HIS B 98 15.10 -53.29 17.98
C HIS B 98 16.40 -53.35 17.18
N ALA B 99 16.26 -53.18 15.86
CA ALA B 99 17.41 -53.14 14.98
C ALA B 99 18.40 -52.06 15.42
N LEU B 100 17.88 -50.85 15.63
CA LEU B 100 18.71 -49.76 16.12
C LEU B 100 19.24 -50.09 17.51
N GLN B 101 18.36 -50.64 18.35
CA GLN B 101 18.76 -51.07 19.69
C GLN B 101 20.04 -51.91 19.56
N THR B 102 19.92 -52.99 18.79
CA THR B 102 21.03 -53.92 18.53
C THR B 102 22.29 -53.20 18.03
N MET B 103 22.05 -52.27 17.12
CA MET B 103 23.13 -51.50 16.51
C MET B 103 23.89 -50.67 17.55
N GLU B 104 23.15 -50.17 18.53
CA GLU B 104 23.76 -49.39 19.59
C GLU B 104 24.66 -50.27 20.48
N SER B 105 24.15 -51.47 20.82
CA SER B 105 24.89 -52.48 21.60
C SER B 105 26.32 -52.57 21.13
N ARG B 106 26.47 -52.86 19.84
CA ARG B 106 27.78 -53.11 19.23
C ARG B 106 28.59 -51.82 19.04
N GLY B 107 28.01 -50.70 19.48
CA GLY B 107 28.75 -49.45 19.61
C GLY B 107 28.65 -48.48 18.43
N VAL B 108 27.58 -48.63 17.66
CA VAL B 108 27.34 -47.79 16.50
C VAL B 108 26.44 -46.64 16.91
N HIS B 109 26.85 -45.42 16.60
CA HIS B 109 26.10 -44.22 17.03
C HIS B 109 25.41 -43.52 15.87
N PHE B 110 24.22 -42.99 16.12
CA PHE B 110 23.41 -42.44 15.04
C PHE B 110 22.34 -41.51 15.56
N VAL B 111 21.79 -40.71 14.66
CA VAL B 111 20.71 -39.80 15.00
C VAL B 111 19.43 -40.27 14.37
N TYR B 112 18.41 -40.52 15.18
CA TYR B 112 17.09 -40.79 14.64
C TYR B 112 16.43 -39.44 14.66
N GLY B 113 15.66 -39.12 13.63
CA GLY B 113 14.94 -37.86 13.59
C GLY B 113 14.08 -37.64 12.35
N ARG B 114 13.31 -36.55 12.38
CA ARG B 114 12.56 -36.10 11.24
C ARG B 114 13.42 -35.09 10.51
N TRP B 115 13.47 -35.19 9.19
CA TRP B 115 14.21 -34.22 8.39
C TRP B 115 13.26 -33.07 8.13
N LEU B 116 13.64 -31.87 8.54
CA LEU B 116 12.71 -30.75 8.56
C LEU B 116 12.43 -30.18 7.18
N ILE B 117 11.86 -30.98 6.30
CA ILE B 117 11.34 -30.50 5.02
C ILE B 117 9.84 -30.70 4.94
N GLU B 118 9.22 -30.19 3.87
CA GLU B 118 7.85 -30.58 3.58
C GLU B 118 7.89 -32.07 3.36
N GLY B 119 7.02 -32.78 4.06
CA GLY B 119 7.04 -34.24 4.10
C GLY B 119 7.46 -34.75 5.47
N ALA B 120 8.51 -34.16 6.02
CA ALA B 120 9.06 -34.52 7.33
C ALA B 120 9.26 -36.01 7.49
N PRO B 121 9.99 -36.62 6.54
CA PRO B 121 10.27 -38.06 6.53
C PRO B 121 11.23 -38.43 7.65
N LYS B 122 11.08 -39.64 8.18
CA LYS B 122 11.95 -40.06 9.26
C LYS B 122 13.33 -40.45 8.68
N VAL B 123 14.37 -40.15 9.45
CA VAL B 123 15.73 -40.20 8.96
C VAL B 123 16.67 -40.91 9.95
N ILE B 124 17.53 -41.77 9.43
CA ILE B 124 18.52 -42.43 10.26
C ILE B 124 19.91 -42.00 9.81
N LEU B 125 20.63 -41.28 10.66
CA LEU B 125 21.92 -40.72 10.26
C LEU B 125 23.09 -41.32 11.02
N PHE B 126 23.78 -42.28 10.39
CA PHE B 126 24.86 -43.03 11.08
C PHE B 126 26.11 -42.16 11.32
N ASP B 127 26.59 -42.21 12.56
CA ASP B 127 27.76 -41.47 12.95
C ASP B 127 29.03 -42.22 12.52
N LEU B 128 29.58 -41.82 11.38
CA LEU B 128 30.66 -42.59 10.76
C LEU B 128 31.93 -42.72 11.62
N ASP B 129 32.01 -41.90 12.66
CA ASP B 129 33.14 -41.97 13.59
C ASP B 129 33.08 -43.16 14.52
N SER B 130 31.86 -43.48 14.95
CA SER B 130 31.64 -44.51 15.97
C SER B 130 31.85 -45.89 15.40
N VAL B 131 32.45 -45.95 14.20
CA VAL B 131 32.58 -47.20 13.46
C VAL B 131 33.87 -47.17 12.63
N ARG B 132 34.54 -46.03 12.67
CA ARG B 132 35.80 -45.81 11.95
C ARG B 132 36.93 -46.76 12.36
N GLY B 133 36.73 -47.49 13.45
CA GLY B 133 37.69 -48.48 13.90
C GLY B 133 37.71 -49.67 12.95
N TYR B 134 36.54 -50.27 12.74
CA TYR B 134 36.37 -51.38 11.83
C TYR B 134 36.87 -51.07 10.39
N SER B 135 37.47 -49.90 10.22
CA SER B 135 37.94 -49.46 8.90
C SER B 135 38.89 -50.42 8.19
N ASN B 136 39.95 -50.82 8.87
CA ASN B 136 40.95 -51.68 8.23
C ASN B 136 40.38 -53.06 7.95
N GLU B 137 39.68 -53.62 8.93
CA GLU B 137 39.05 -54.92 8.75
C GLU B 137 38.14 -54.92 7.52
N TRP B 138 37.39 -53.81 7.36
CA TRP B 138 36.41 -53.67 6.27
C TRP B 138 37.03 -53.43 4.91
N LYS B 139 37.96 -52.48 4.82
CA LYS B 139 38.66 -52.26 3.56
C LYS B 139 39.16 -53.59 3.00
N GLY B 140 39.58 -54.45 3.92
CA GLY B 140 40.08 -55.76 3.58
C GLY B 140 38.96 -56.61 3.06
N ASP B 141 37.93 -56.79 3.88
CA ASP B 141 36.81 -57.65 3.52
C ASP B 141 36.26 -57.27 2.15
N LEU B 142 36.26 -55.97 1.87
CA LEU B 142 35.75 -55.48 0.58
C LEU B 142 36.59 -56.02 -0.58
N TRP B 143 37.90 -55.78 -0.50
CA TRP B 143 38.84 -56.27 -1.50
C TRP B 143 38.67 -57.77 -1.80
N SER B 144 38.43 -58.55 -0.76
CA SER B 144 38.33 -59.99 -0.91
C SER B 144 36.91 -60.48 -1.00
N LEU B 145 36.02 -59.66 -1.55
CA LEU B 145 34.65 -60.09 -1.88
C LEU B 145 34.23 -59.46 -3.21
N VAL B 146 34.86 -58.34 -3.53
CA VAL B 146 34.52 -57.61 -4.73
C VAL B 146 35.76 -57.04 -5.40
N GLY B 147 36.92 -57.27 -4.79
CA GLY B 147 38.18 -56.86 -5.37
C GLY B 147 38.27 -55.38 -5.57
N ILE B 148 37.65 -54.63 -4.66
CA ILE B 148 37.66 -53.17 -4.74
C ILE B 148 38.81 -52.56 -3.94
N PRO B 149 39.82 -52.07 -4.66
CA PRO B 149 41.01 -51.44 -4.07
C PRO B 149 40.57 -50.23 -3.26
N SER B 150 41.41 -49.76 -2.35
CA SER B 150 41.03 -48.65 -1.49
C SER B 150 42.23 -47.92 -0.91
N PRO B 151 42.80 -46.98 -1.69
CA PRO B 151 43.93 -46.18 -1.17
C PRO B 151 43.49 -45.47 0.12
N GLU B 152 44.45 -45.14 0.98
CA GLU B 152 44.10 -44.57 2.28
C GLU B 152 44.01 -43.04 2.27
N ASN B 153 44.44 -42.44 1.18
CA ASN B 153 44.37 -40.98 1.00
C ASN B 153 43.07 -40.49 0.34
N ASP B 154 42.16 -41.41 0.06
CA ASP B 154 40.83 -41.09 -0.48
C ASP B 154 39.81 -41.17 0.63
N PHE B 155 39.45 -40.01 1.16
CA PHE B 155 38.60 -39.95 2.33
C PHE B 155 37.15 -40.23 1.99
N GLU B 156 36.75 -39.83 0.78
CA GLU B 156 35.38 -40.04 0.31
C GLU B 156 35.03 -41.53 0.28
N THR B 157 35.93 -42.34 -0.27
CA THR B 157 35.71 -43.77 -0.36
C THR B 157 35.83 -44.49 1.00
N ASN B 158 36.71 -43.97 1.87
CA ASN B 158 36.77 -44.48 3.23
C ASN B 158 35.40 -44.33 3.85
N ASP B 159 34.87 -43.10 3.75
CA ASP B 159 33.52 -42.81 4.23
C ASP B 159 32.46 -43.62 3.49
N ALA B 160 32.67 -43.79 2.19
CA ALA B 160 31.72 -44.56 1.39
C ALA B 160 31.72 -46.03 1.79
N ILE B 161 32.89 -46.55 2.19
CA ILE B 161 32.99 -47.91 2.69
C ILE B 161 32.40 -48.03 4.07
N LEU B 162 32.78 -47.11 4.95
CA LEU B 162 32.22 -47.07 6.29
C LEU B 162 30.68 -47.05 6.27
N LEU B 163 30.12 -46.13 5.48
CA LEU B 163 28.68 -46.03 5.32
C LEU B 163 28.11 -47.35 4.82
N GLY B 164 28.72 -47.87 3.77
CA GLY B 164 28.28 -49.12 3.17
C GLY B 164 28.17 -50.26 4.18
N TYR B 165 29.26 -50.50 4.91
CA TYR B 165 29.29 -51.66 5.80
C TYR B 165 28.27 -51.53 6.90
N THR B 166 28.09 -50.29 7.34
CA THR B 166 27.17 -50.00 8.43
C THR B 166 25.73 -50.22 8.00
N VAL B 167 25.39 -49.68 6.83
CA VAL B 167 24.04 -49.81 6.32
C VAL B 167 23.64 -51.25 5.98
N ALA B 168 24.56 -51.97 5.33
CA ALA B 168 24.35 -53.38 5.00
C ALA B 168 24.08 -54.12 6.31
N TRP B 169 24.88 -53.76 7.32
CA TRP B 169 24.76 -54.29 8.67
C TRP B 169 23.38 -54.02 9.26
N PHE B 170 22.93 -52.77 9.14
CA PHE B 170 21.64 -52.36 9.69
C PHE B 170 20.45 -53.04 8.98
N LEU B 171 20.62 -53.33 7.70
CA LEU B 171 19.58 -53.98 6.95
C LEU B 171 19.60 -55.46 7.31
N GLY B 172 20.81 -56.00 7.47
CA GLY B 172 20.97 -57.36 7.94
C GLY B 172 20.07 -57.58 9.14
N GLU B 173 20.18 -56.67 10.10
CA GLU B 173 19.44 -56.74 11.35
C GLU B 173 17.94 -56.65 11.19
N VAL B 174 17.50 -55.72 10.33
CA VAL B 174 16.09 -55.53 10.10
C VAL B 174 15.45 -56.73 9.44
N ALA B 175 16.15 -57.25 8.42
CA ALA B 175 15.73 -58.43 7.67
C ALA B 175 15.62 -59.62 8.61
N HIS B 176 16.52 -59.62 9.60
CA HIS B 176 16.51 -60.64 10.63
C HIS B 176 15.28 -60.52 11.55
N LEU B 177 15.09 -59.34 12.14
CA LEU B 177 14.03 -59.12 13.14
C LEU B 177 12.61 -59.03 12.57
N ASP B 178 12.48 -58.38 11.41
CA ASP B 178 11.17 -58.24 10.76
C ASP B 178 10.86 -59.45 9.87
N SER B 179 9.68 -60.04 10.04
CA SER B 179 9.32 -61.22 9.26
C SER B 179 7.97 -61.06 8.58
N GLN B 180 7.39 -59.87 8.70
CA GLN B 180 6.09 -59.57 8.12
C GLN B 180 6.18 -58.84 6.78
N HIS B 181 7.01 -57.80 6.73
CA HIS B 181 7.16 -57.00 5.54
C HIS B 181 8.31 -57.49 4.68
N ALA B 182 8.12 -57.40 3.36
CA ALA B 182 9.24 -57.50 2.43
C ALA B 182 10.02 -56.21 2.60
N ILE B 183 11.30 -56.21 2.24
CA ILE B 183 12.12 -55.02 2.44
C ILE B 183 12.87 -54.51 1.20
N VAL B 184 12.44 -53.38 0.64
CA VAL B 184 13.15 -52.78 -0.49
C VAL B 184 14.10 -51.63 -0.07
N ALA B 185 15.33 -51.69 -0.56
CA ALA B 185 16.35 -50.72 -0.16
C ALA B 185 16.98 -50.02 -1.38
N HIS B 186 16.72 -48.73 -1.50
CA HIS B 186 17.13 -47.90 -2.63
C HIS B 186 18.41 -47.15 -2.28
N PHE B 187 19.41 -47.18 -3.18
CA PHE B 187 20.66 -46.45 -2.99
C PHE B 187 20.92 -45.49 -4.16
N HIS B 188 21.26 -44.25 -3.86
CA HIS B 188 21.56 -43.28 -4.91
C HIS B 188 23.04 -42.92 -4.99
N GLU B 189 23.62 -43.14 -6.16
CA GLU B 189 25.01 -42.77 -6.46
C GLU B 189 26.09 -43.60 -5.77
N TRP B 190 27.29 -43.63 -6.36
CA TRP B 190 28.30 -44.60 -5.96
C TRP B 190 28.74 -44.51 -4.53
N LEU B 191 28.76 -43.30 -3.98
CA LEU B 191 29.19 -43.11 -2.60
C LEU B 191 28.33 -43.88 -1.58
N ALA B 192 27.07 -44.08 -1.91
CA ALA B 192 26.18 -44.82 -1.02
C ALA B 192 26.02 -46.23 -1.53
N GLY B 193 26.96 -46.64 -2.37
CA GLY B 193 26.80 -47.86 -3.13
C GLY B 193 27.63 -49.05 -2.71
N VAL B 194 28.45 -48.90 -1.67
CA VAL B 194 29.24 -50.02 -1.19
C VAL B 194 28.37 -51.08 -0.50
N ALA B 195 27.25 -50.64 0.05
CA ALA B 195 26.35 -51.56 0.71
C ALA B 195 25.78 -52.63 -0.23
N LEU B 196 25.79 -52.35 -1.52
CA LEU B 196 25.09 -53.19 -2.49
C LEU B 196 25.73 -54.55 -2.73
N PRO B 197 27.05 -54.57 -2.94
CA PRO B 197 27.73 -55.87 -3.08
C PRO B 197 27.44 -56.76 -1.87
N LEU B 198 27.74 -56.21 -0.69
CA LEU B 198 27.53 -56.93 0.56
C LEU B 198 26.15 -57.60 0.62
N CYS B 199 25.11 -56.83 0.34
CA CYS B 199 23.77 -57.40 0.37
C CYS B 199 23.60 -58.64 -0.50
N ARG B 200 24.08 -58.56 -1.74
CA ARG B 200 24.01 -59.68 -2.66
C ARG B 200 24.91 -60.83 -2.19
N LYS B 201 26.14 -60.51 -1.80
CA LYS B 201 27.04 -61.52 -1.26
C LYS B 201 26.49 -62.26 -0.02
N ARG B 202 26.14 -61.51 1.02
CA ARG B 202 25.58 -62.11 2.23
C ARG B 202 24.17 -62.65 2.09
N ARG B 203 23.63 -62.63 0.87
CA ARG B 203 22.25 -63.09 0.61
C ARG B 203 21.25 -62.60 1.67
N ILE B 204 21.36 -61.32 2.03
CA ILE B 204 20.44 -60.63 2.96
C ILE B 204 19.05 -60.57 2.35
N ASP B 205 17.99 -60.69 3.15
CA ASP B 205 16.66 -60.70 2.53
C ASP B 205 16.00 -59.32 2.24
N VAL B 206 16.65 -58.55 1.38
CA VAL B 206 16.11 -57.29 0.88
C VAL B 206 16.28 -57.22 -0.63
N VAL B 207 15.30 -56.65 -1.32
CA VAL B 207 15.49 -56.38 -2.74
C VAL B 207 16.08 -54.97 -2.94
N THR B 208 17.08 -54.86 -3.80
CA THR B 208 17.89 -53.64 -3.85
C THR B 208 17.79 -52.90 -5.18
N ILE B 209 17.72 -51.57 -5.10
CA ILE B 209 17.69 -50.71 -6.28
C ILE B 209 18.88 -49.73 -6.25
N PHE B 210 19.61 -49.64 -7.35
CA PHE B 210 20.67 -48.66 -7.46
C PHE B 210 20.42 -47.68 -8.62
N THR B 211 20.27 -46.40 -8.25
CA THR B 211 20.15 -45.33 -9.24
C THR B 211 21.42 -44.51 -9.32
N THR B 212 21.85 -44.20 -10.54
CA THR B 212 23.03 -43.38 -10.73
C THR B 212 22.66 -42.12 -11.51
N HIS B 213 23.01 -40.98 -10.93
CA HIS B 213 22.64 -39.67 -11.44
C HIS B 213 23.72 -39.09 -12.34
N ALA B 214 24.57 -39.95 -12.86
CA ALA B 214 25.73 -39.54 -13.61
C ALA B 214 26.65 -40.72 -13.53
N THR B 215 27.74 -40.68 -14.26
CA THR B 215 28.73 -41.73 -14.15
C THR B 215 30.05 -41.07 -13.82
N LEU B 216 30.98 -41.83 -13.26
CA LEU B 216 32.27 -41.27 -12.90
C LEU B 216 33.05 -40.91 -14.15
N LEU B 217 33.10 -41.84 -15.10
CA LEU B 217 33.84 -41.62 -16.35
C LEU B 217 33.21 -40.57 -17.23
N GLY B 218 31.89 -40.48 -17.23
CA GLY B 218 31.21 -39.41 -17.96
C GLY B 218 31.71 -38.04 -17.53
N ARG B 219 31.67 -37.77 -16.23
CA ARG B 219 32.16 -36.49 -15.71
C ARG B 219 33.61 -36.26 -16.17
N TYR B 220 34.50 -37.20 -15.81
CA TYR B 220 35.94 -37.03 -16.06
C TYR B 220 36.37 -36.88 -17.52
N LEU B 221 35.60 -37.46 -18.45
CA LEU B 221 35.95 -37.35 -19.86
C LEU B 221 35.55 -35.99 -20.37
N CYS B 222 34.32 -35.58 -20.07
CA CYS B 222 33.81 -34.31 -20.54
C CYS B 222 34.48 -33.07 -19.95
N ALA B 223 35.30 -33.25 -18.91
CA ALA B 223 35.94 -32.13 -18.21
C ALA B 223 37.15 -31.52 -18.95
N SER B 224 37.39 -31.97 -20.18
CA SER B 224 38.49 -31.41 -20.96
C SER B 224 38.04 -30.68 -22.25
N GLY B 225 36.95 -31.12 -22.86
CA GLY B 225 36.39 -30.46 -24.03
C GLY B 225 36.45 -31.24 -25.34
N ASP B 228 36.05 -35.29 -27.05
CA ASP B 228 34.68 -35.61 -27.47
C ASP B 228 34.14 -36.82 -26.72
N PHE B 229 32.82 -36.97 -26.74
CA PHE B 229 32.14 -37.91 -25.84
C PHE B 229 31.13 -38.76 -26.58
N TYR B 230 29.89 -38.27 -26.63
CA TYR B 230 28.73 -39.07 -27.02
C TYR B 230 28.90 -39.96 -28.26
N ASN B 231 29.90 -39.66 -29.08
CA ASN B 231 30.23 -40.51 -30.23
C ASN B 231 31.12 -41.66 -29.81
N CYS B 232 32.40 -41.34 -29.59
CA CYS B 232 33.41 -42.35 -29.31
C CYS B 232 33.42 -42.90 -27.87
N LEU B 233 32.31 -42.78 -27.16
CA LEU B 233 32.25 -43.27 -25.79
C LEU B 233 31.95 -44.77 -25.79
N GLU B 234 31.45 -45.25 -26.92
CA GLU B 234 31.03 -46.64 -27.02
C GLU B 234 32.23 -47.51 -27.28
N SER B 235 33.42 -46.95 -27.20
CA SER B 235 34.60 -47.63 -27.71
C SER B 235 35.83 -47.30 -26.90
N VAL B 236 35.65 -46.85 -25.68
CA VAL B 236 36.78 -46.48 -24.86
C VAL B 236 37.08 -47.62 -23.91
N ASP B 237 38.37 -47.83 -23.62
CA ASP B 237 38.74 -48.88 -22.67
C ASP B 237 38.48 -48.39 -21.25
N VAL B 238 37.36 -48.80 -20.66
CA VAL B 238 36.99 -48.30 -19.34
C VAL B 238 38.08 -48.52 -18.29
N ASP B 239 38.57 -49.75 -18.18
CA ASP B 239 39.56 -50.09 -17.15
C ASP B 239 40.84 -49.24 -17.28
N HIS B 240 41.13 -48.75 -18.48
CA HIS B 240 42.34 -47.95 -18.71
C HIS B 240 42.10 -46.46 -18.47
N GLU B 241 40.95 -45.97 -18.91
CA GLU B 241 40.66 -44.55 -18.76
C GLU B 241 40.44 -44.21 -17.29
N ALA B 242 39.72 -45.08 -16.58
CA ALA B 242 39.55 -44.96 -15.13
C ALA B 242 40.93 -44.88 -14.48
N GLY B 243 41.85 -45.71 -14.96
CA GLY B 243 43.23 -45.67 -14.50
C GLY B 243 43.84 -44.31 -14.80
N ARG B 244 43.80 -43.94 -16.07
CA ARG B 244 44.39 -42.67 -16.49
C ARG B 244 44.02 -41.47 -15.60
N PHE B 245 42.85 -41.50 -15.00
CA PHE B 245 42.38 -40.38 -14.18
C PHE B 245 42.67 -40.55 -12.69
N GLY B 246 43.11 -41.73 -12.29
CA GLY B 246 43.36 -42.02 -10.89
C GLY B 246 42.06 -42.29 -10.20
N ILE B 247 41.15 -42.91 -10.94
CA ILE B 247 39.76 -43.08 -10.53
C ILE B 247 39.40 -44.55 -10.31
N TYR B 248 40.34 -45.44 -10.57
CA TYR B 248 40.00 -46.86 -10.68
C TYR B 248 39.10 -47.40 -9.55
N HIS B 249 39.54 -47.23 -8.31
CA HIS B 249 38.84 -47.75 -7.14
C HIS B 249 37.42 -47.21 -7.00
N ARG B 250 37.24 -45.94 -7.38
CA ARG B 250 35.92 -45.32 -7.36
C ARG B 250 35.07 -45.95 -8.45
N TYR B 251 35.63 -46.02 -9.65
CA TYR B 251 34.97 -46.67 -10.77
C TYR B 251 34.50 -48.07 -10.37
N CYS B 252 35.37 -48.81 -9.68
CA CYS B 252 35.04 -50.19 -9.28
C CYS B 252 33.83 -50.25 -8.38
N ILE B 253 33.70 -49.27 -7.48
CA ILE B 253 32.54 -49.20 -6.61
C ILE B 253 31.29 -48.85 -7.41
N GLU B 254 31.39 -47.86 -8.29
CA GLU B 254 30.24 -47.50 -9.09
C GLU B 254 29.77 -48.69 -9.92
N ARG B 255 30.73 -49.45 -10.45
CA ARG B 255 30.42 -50.64 -11.25
C ARG B 255 29.78 -51.74 -10.39
N ALA B 256 30.47 -52.08 -9.30
CA ALA B 256 29.98 -53.10 -8.37
C ALA B 256 28.56 -52.79 -7.96
N ALA B 257 28.32 -51.53 -7.59
CA ALA B 257 26.99 -51.07 -7.21
C ALA B 257 25.97 -51.41 -8.29
N ALA B 258 26.33 -51.15 -9.56
CA ALA B 258 25.42 -51.32 -10.68
C ALA B 258 25.12 -52.78 -10.99
N HIS B 259 26.06 -53.67 -10.67
CA HIS B 259 25.85 -55.07 -10.97
C HIS B 259 25.22 -55.87 -9.82
N SER B 260 25.47 -55.46 -8.59
CA SER B 260 24.91 -56.16 -7.44
C SER B 260 23.43 -55.86 -7.24
N ALA B 261 22.99 -54.72 -7.72
CA ALA B 261 21.61 -54.30 -7.50
C ALA B 261 20.64 -55.17 -8.26
N ASP B 262 19.46 -55.36 -7.70
CA ASP B 262 18.43 -56.14 -8.36
C ASP B 262 17.82 -55.36 -9.52
N VAL B 263 17.72 -54.06 -9.35
CA VAL B 263 17.23 -53.17 -10.39
C VAL B 263 18.21 -52.03 -10.55
N PHE B 264 18.72 -51.81 -11.76
CA PHE B 264 19.67 -50.73 -12.02
C PHE B 264 19.05 -49.63 -12.87
N THR B 265 19.08 -48.40 -12.36
CA THR B 265 18.41 -47.30 -13.06
C THR B 265 19.30 -46.07 -13.16
N THR B 266 18.91 -45.12 -14.00
CA THR B 266 19.53 -43.78 -14.06
C THR B 266 18.44 -42.73 -14.17
N VAL B 267 18.82 -41.46 -13.99
CA VAL B 267 17.86 -40.35 -13.98
C VAL B 267 17.32 -39.99 -15.36
N SER B 268 18.11 -40.26 -16.40
CA SER B 268 17.77 -39.79 -17.74
C SER B 268 18.02 -40.82 -18.83
N GLN B 269 17.29 -40.68 -19.93
CA GLN B 269 17.51 -41.54 -21.07
C GLN B 269 18.95 -41.46 -21.57
N ILE B 270 19.44 -40.25 -21.73
CA ILE B 270 20.78 -40.00 -22.25
C ILE B 270 21.85 -40.62 -21.35
N THR B 271 21.73 -40.43 -20.04
CA THR B 271 22.69 -40.98 -19.08
C THR B 271 22.66 -42.52 -19.06
N ALA B 272 21.52 -43.09 -19.42
CA ALA B 272 21.34 -44.54 -19.44
C ALA B 272 22.14 -45.19 -20.55
N PHE B 273 22.27 -44.47 -21.67
CA PHE B 273 23.10 -44.91 -22.78
C PHE B 273 24.57 -44.83 -22.37
N GLU B 274 24.92 -43.70 -21.75
CA GLU B 274 26.25 -43.47 -21.22
C GLU B 274 26.56 -44.57 -20.21
N ALA B 275 25.59 -44.92 -19.39
CA ALA B 275 25.76 -45.89 -18.33
C ALA B 275 25.99 -47.28 -18.89
N GLU B 276 25.15 -47.67 -19.83
CA GLU B 276 25.25 -48.99 -20.47
C GLU B 276 26.67 -49.31 -20.95
N HIS B 277 27.26 -48.41 -21.72
CA HIS B 277 28.57 -48.65 -22.29
C HIS B 277 29.71 -48.44 -21.30
N LEU B 278 29.51 -47.60 -20.29
CA LEU B 278 30.59 -47.22 -19.37
C LEU B 278 30.67 -48.07 -18.11
N LEU B 279 29.52 -48.48 -17.59
CA LEU B 279 29.50 -49.34 -16.42
C LEU B 279 29.28 -50.78 -16.85
N LYS B 280 28.75 -50.95 -18.06
CA LYS B 280 28.55 -52.27 -18.65
C LYS B 280 27.32 -52.99 -18.09
N ARG B 281 26.24 -52.25 -17.87
CA ARG B 281 24.95 -52.87 -17.64
C ARG B 281 23.81 -52.00 -18.15
N LYS B 282 22.87 -52.60 -18.86
CA LYS B 282 21.76 -51.83 -19.39
C LYS B 282 20.72 -51.53 -18.29
N PRO B 283 20.55 -50.24 -17.98
CA PRO B 283 19.55 -49.76 -17.03
C PRO B 283 18.19 -50.38 -17.31
N ASP B 284 17.49 -50.77 -16.25
CA ASP B 284 16.18 -51.43 -16.39
C ASP B 284 15.08 -50.39 -16.50
N GLY B 285 15.47 -49.12 -16.39
CA GLY B 285 14.53 -48.04 -16.45
C GLY B 285 15.11 -46.66 -16.13
N ILE B 286 14.26 -45.66 -16.26
CA ILE B 286 14.66 -44.29 -16.04
C ILE B 286 13.88 -43.77 -14.87
N LEU B 287 14.54 -42.98 -14.04
CA LEU B 287 13.89 -42.31 -12.92
C LEU B 287 14.11 -40.80 -12.99
N PRO B 288 13.35 -40.13 -13.87
CA PRO B 288 13.49 -38.71 -14.14
C PRO B 288 13.12 -37.93 -12.89
N ASN B 289 13.78 -36.79 -12.67
CA ASN B 289 13.55 -35.95 -11.50
C ASN B 289 12.37 -34.99 -11.69
N GLY B 290 11.32 -35.14 -10.89
CA GLY B 290 10.23 -34.18 -10.93
C GLY B 290 10.45 -33.13 -9.88
N LEU B 291 9.52 -32.17 -9.79
CA LEU B 291 9.64 -31.08 -8.82
C LEU B 291 8.38 -30.98 -7.98
N ASN B 292 8.45 -30.21 -6.90
CA ASN B 292 7.25 -29.93 -6.11
C ASN B 292 6.54 -28.69 -6.67
N VAL B 293 5.84 -28.88 -7.79
CA VAL B 293 5.31 -27.77 -8.61
C VAL B 293 4.51 -26.71 -7.84
N ILE B 294 3.78 -27.14 -6.83
CA ILE B 294 3.02 -26.24 -5.98
C ILE B 294 3.93 -25.18 -5.37
N LYS B 295 5.20 -25.54 -5.21
CA LYS B 295 6.20 -24.69 -4.56
C LYS B 295 6.62 -23.49 -5.43
N PHE B 296 6.10 -23.46 -6.65
CA PHE B 296 6.35 -22.31 -7.54
C PHE B 296 5.09 -21.45 -7.71
N GLN B 297 4.05 -22.04 -8.30
CA GLN B 297 2.75 -21.38 -8.49
C GLN B 297 1.85 -21.50 -7.25
N LEU B 305 1.77 -12.06 -13.18
CA LEU B 305 3.16 -12.13 -12.73
C LEU B 305 4.21 -11.67 -13.72
N HIS B 306 4.25 -12.28 -14.90
CA HIS B 306 5.37 -12.02 -15.82
C HIS B 306 5.58 -10.52 -16.10
N ALA B 307 4.48 -9.81 -16.33
CA ALA B 307 4.56 -8.38 -16.56
C ALA B 307 5.12 -7.70 -15.33
N LEU B 308 4.57 -8.03 -14.17
CA LEU B 308 5.03 -7.41 -12.92
C LEU B 308 6.56 -7.54 -12.70
N LYS B 309 7.11 -8.68 -13.14
CA LYS B 309 8.52 -8.99 -12.89
C LYS B 309 9.39 -8.48 -14.02
N LYS B 310 8.87 -8.50 -15.24
CA LYS B 310 9.57 -7.91 -16.37
C LYS B 310 9.90 -6.44 -16.08
N GLU B 311 9.00 -5.75 -15.38
CA GLU B 311 9.19 -4.35 -15.02
C GLU B 311 10.37 -4.09 -14.10
N LYS B 312 10.58 -4.98 -13.14
CA LYS B 312 11.76 -4.92 -12.27
C LYS B 312 13.04 -5.06 -13.10
N ILE B 313 12.99 -5.87 -14.16
CA ILE B 313 14.12 -6.04 -15.06
C ILE B 313 14.33 -4.85 -15.97
N ASN B 314 13.23 -4.27 -16.45
CA ASN B 314 13.29 -3.01 -17.15
C ASN B 314 14.04 -1.99 -16.31
N ASP B 315 13.59 -1.83 -15.06
CA ASP B 315 14.24 -0.93 -14.13
C ASP B 315 15.76 -1.14 -14.06
N PHE B 316 16.23 -2.38 -14.13
CA PHE B 316 17.66 -2.61 -14.11
C PHE B 316 18.32 -2.19 -15.42
N VAL B 317 17.73 -2.60 -16.54
CA VAL B 317 18.28 -2.29 -17.84
C VAL B 317 18.44 -0.78 -18.05
N ARG B 318 17.53 0.00 -17.46
CA ARG B 318 17.57 1.45 -17.64
C ARG B 318 18.70 2.03 -16.83
N GLY B 319 18.89 1.53 -15.62
CA GLY B 319 19.97 2.00 -14.78
C GLY B 319 21.33 1.59 -15.32
N HIS B 320 21.34 0.56 -16.16
CA HIS B 320 22.59 0.04 -16.69
C HIS B 320 23.03 0.72 -17.99
N PHE B 321 22.08 0.97 -18.87
CA PHE B 321 22.40 1.63 -20.13
C PHE B 321 22.19 3.14 -20.04
N HIS B 322 22.15 3.68 -18.83
CA HIS B 322 21.92 5.11 -18.66
C HIS B 322 22.89 5.87 -19.53
N GLY B 323 22.45 7.00 -20.07
CA GLY B 323 23.34 7.81 -20.88
C GLY B 323 23.53 7.31 -22.29
N CYS B 324 23.00 6.14 -22.60
CA CYS B 324 22.90 5.72 -24.00
C CYS B 324 21.84 4.62 -24.20
N PHE B 325 20.61 5.00 -23.87
CA PHE B 325 19.46 4.12 -23.92
C PHE B 325 18.69 4.28 -25.23
N ASP B 326 19.15 3.58 -26.26
CA ASP B 326 18.71 3.86 -27.62
C ASP B 326 17.73 2.86 -28.21
N PHE B 327 17.07 2.07 -27.38
CA PHE B 327 16.18 1.05 -27.93
C PHE B 327 14.85 0.99 -27.19
N ASP B 328 13.86 0.33 -27.79
CA ASP B 328 12.50 0.30 -27.24
C ASP B 328 12.24 -0.91 -26.36
N LEU B 329 12.08 -0.68 -25.06
CA LEU B 329 11.84 -1.78 -24.14
C LEU B 329 10.56 -2.55 -24.50
N ASP B 330 9.61 -1.86 -25.13
CA ASP B 330 8.38 -2.50 -25.61
C ASP B 330 8.71 -3.39 -26.80
N ASN B 331 9.96 -3.37 -27.22
CA ASN B 331 10.36 -4.12 -28.40
C ASN B 331 11.71 -4.81 -28.19
N THR B 332 12.01 -5.10 -26.92
CA THR B 332 13.19 -5.90 -26.57
C THR B 332 12.84 -7.19 -25.80
N LEU B 333 13.61 -8.24 -26.08
CA LEU B 333 13.42 -9.55 -25.47
C LEU B 333 14.57 -9.89 -24.51
N TYR B 334 14.24 -10.53 -23.40
CA TYR B 334 15.26 -10.89 -22.42
C TYR B 334 15.58 -12.37 -22.49
N PHE B 335 16.81 -12.69 -22.88
CA PHE B 335 17.31 -14.07 -22.89
C PHE B 335 18.18 -14.30 -21.66
N PHE B 336 18.18 -15.53 -21.15
CA PHE B 336 19.02 -15.87 -19.98
C PHE B 336 19.49 -17.31 -19.88
N ILE B 337 20.75 -17.47 -19.47
CA ILE B 337 21.32 -18.75 -19.09
C ILE B 337 21.74 -18.64 -17.64
N ALA B 338 21.54 -19.71 -16.88
CA ALA B 338 21.83 -19.64 -15.45
C ALA B 338 22.31 -20.96 -14.88
N GLY B 339 22.82 -20.91 -13.65
CA GLY B 339 23.24 -22.12 -12.95
C GLY B 339 24.68 -22.11 -12.47
N ARG B 340 25.20 -23.31 -12.19
CA ARG B 340 26.57 -23.51 -11.75
C ARG B 340 27.53 -23.14 -12.85
N TYR B 341 28.69 -22.59 -12.47
CA TYR B 341 29.63 -22.08 -13.46
C TYR B 341 30.44 -23.23 -14.04
N GLU B 342 29.89 -23.94 -15.03
CA GLU B 342 30.66 -24.92 -15.80
C GLU B 342 30.70 -24.52 -17.27
N TYR B 343 31.70 -23.72 -17.63
CA TYR B 343 31.77 -23.09 -18.95
C TYR B 343 31.42 -24.06 -20.07
N LYS B 344 32.19 -25.15 -20.20
CA LYS B 344 31.95 -26.11 -21.30
C LYS B 344 30.61 -26.85 -21.15
N ASN B 345 30.40 -27.43 -19.97
CA ASN B 345 29.29 -28.36 -19.76
C ASN B 345 27.89 -27.75 -19.75
N LYS B 346 27.74 -26.54 -19.19
CA LYS B 346 26.45 -25.84 -19.21
C LYS B 346 26.19 -25.26 -20.60
N GLY B 347 27.25 -25.19 -21.41
CA GLY B 347 27.16 -24.71 -22.77
C GLY B 347 27.17 -23.19 -22.87
N ALA B 348 27.92 -22.54 -21.97
CA ALA B 348 28.07 -21.08 -21.96
C ALA B 348 28.71 -20.61 -23.26
N ASP B 349 29.79 -21.31 -23.65
CA ASP B 349 30.47 -21.06 -24.93
C ASP B 349 29.47 -20.97 -26.10
N MET B 350 28.73 -22.05 -26.35
CA MET B 350 27.76 -22.02 -27.42
C MET B 350 26.79 -20.87 -27.28
N PHE B 351 26.36 -20.61 -26.06
CA PHE B 351 25.44 -19.52 -25.81
C PHE B 351 26.03 -18.20 -26.28
N ILE B 352 27.15 -17.78 -25.70
CA ILE B 352 27.77 -16.54 -26.13
C ILE B 352 27.98 -16.50 -27.63
N GLU B 353 28.61 -17.55 -28.17
CA GLU B 353 28.87 -17.64 -29.60
C GLU B 353 27.61 -17.48 -30.43
N ALA B 354 26.58 -18.27 -30.14
CA ALA B 354 25.33 -18.21 -30.89
C ALA B 354 24.70 -16.82 -30.85
N LEU B 355 24.93 -16.09 -29.75
CA LEU B 355 24.40 -14.74 -29.62
C LEU B 355 25.12 -13.77 -30.53
N ALA B 356 26.44 -13.85 -30.56
CA ALA B 356 27.23 -13.10 -31.53
C ALA B 356 26.67 -13.26 -32.95
N ARG B 357 26.33 -14.49 -33.30
CA ARG B 357 25.80 -14.80 -34.62
C ARG B 357 24.37 -14.25 -34.79
N LEU B 358 23.58 -14.28 -33.70
CA LEU B 358 22.22 -13.74 -33.73
C LEU B 358 22.26 -12.21 -33.84
N ASN B 359 23.42 -11.65 -33.53
CA ASN B 359 23.65 -10.23 -33.67
C ASN B 359 23.77 -9.88 -35.15
N TYR B 360 24.79 -10.46 -35.79
CA TYR B 360 24.96 -10.37 -37.22
C TYR B 360 23.61 -10.44 -37.90
N ARG B 361 22.99 -11.61 -37.87
CA ARG B 361 21.71 -11.83 -38.54
C ARG B 361 20.65 -10.73 -38.32
N LEU B 362 20.72 -10.04 -37.17
CA LEU B 362 19.70 -9.04 -36.80
C LEU B 362 20.07 -7.64 -37.27
N LYS B 363 21.34 -7.46 -37.60
CA LYS B 363 21.81 -6.22 -38.21
C LYS B 363 21.56 -6.28 -39.72
N VAL B 364 22.08 -7.32 -40.37
CA VAL B 364 21.72 -7.64 -41.75
C VAL B 364 20.19 -7.63 -41.99
N SER B 365 19.44 -8.52 -41.34
CA SER B 365 17.99 -8.53 -41.49
C SER B 365 17.40 -7.18 -41.01
N GLY B 366 18.29 -6.24 -40.71
CA GLY B 366 17.93 -4.90 -40.25
C GLY B 366 16.74 -4.89 -39.33
N SER B 367 16.87 -5.53 -38.18
CA SER B 367 15.70 -5.75 -37.32
C SER B 367 15.46 -4.59 -36.35
N LYS B 368 14.18 -4.44 -36.03
CA LYS B 368 13.68 -3.36 -35.19
C LYS B 368 13.88 -3.67 -33.71
N LYS B 369 14.13 -4.94 -33.41
CA LYS B 369 14.07 -5.43 -32.05
C LYS B 369 15.44 -5.46 -31.37
N THR B 370 15.44 -5.69 -30.06
CA THR B 370 16.67 -5.77 -29.27
C THR B 370 16.64 -6.92 -28.25
N VAL B 371 17.71 -7.69 -28.20
CA VAL B 371 17.80 -8.78 -27.24
C VAL B 371 18.86 -8.53 -26.17
N VAL B 372 18.45 -8.39 -24.91
CA VAL B 372 19.40 -8.25 -23.82
C VAL B 372 19.53 -9.60 -23.15
N ALA B 373 20.75 -10.11 -23.03
CA ALA B 373 20.97 -11.50 -22.61
C ALA B 373 21.82 -11.63 -21.36
N PHE B 374 21.24 -12.21 -20.31
CA PHE B 374 21.87 -12.34 -18.99
C PHE B 374 22.56 -13.68 -18.81
N ILE B 375 23.76 -13.62 -18.24
CA ILE B 375 24.44 -14.82 -17.80
C ILE B 375 24.54 -14.76 -16.30
N VAL B 376 23.62 -15.45 -15.63
CA VAL B 376 23.62 -15.54 -14.16
C VAL B 376 24.36 -16.80 -13.70
N MET B 377 25.67 -16.68 -13.46
CA MET B 377 26.54 -17.82 -13.14
C MET B 377 27.59 -17.35 -12.16
N PRO B 378 27.66 -17.97 -10.97
CA PRO B 378 28.45 -17.45 -9.84
C PRO B 378 29.95 -17.57 -10.06
N ALA B 379 30.71 -16.48 -9.88
CA ALA B 379 32.15 -16.49 -10.08
C ALA B 379 32.83 -15.78 -8.93
N LYS B 380 34.13 -15.94 -8.78
CA LYS B 380 34.85 -15.22 -7.74
C LYS B 380 34.77 -13.72 -8.00
N ASN B 381 34.17 -12.97 -7.05
CA ASN B 381 34.02 -11.53 -7.25
C ASN B 381 34.22 -10.65 -6.01
N ASN B 382 34.35 -9.34 -6.23
CA ASN B 382 34.42 -8.38 -5.15
C ASN B 382 33.20 -7.46 -5.13
N SER B 383 32.01 -8.04 -5.04
CA SER B 383 30.77 -7.26 -5.14
C SER B 383 30.67 -6.34 -6.39
N PHE B 384 29.85 -5.31 -6.29
CA PHE B 384 29.47 -4.56 -7.48
C PHE B 384 30.48 -3.55 -7.95
N THR B 385 30.48 -3.28 -9.26
CA THR B 385 31.34 -2.25 -9.81
C THR B 385 30.75 -0.89 -9.49
N VAL B 386 31.59 0.04 -9.06
CA VAL B 386 31.17 1.41 -8.84
C VAL B 386 30.32 1.90 -10.01
N GLU B 387 30.81 1.67 -11.24
CA GLU B 387 30.09 2.08 -12.43
C GLU B 387 28.65 1.56 -12.35
N ALA B 388 28.49 0.25 -12.21
CA ALA B 388 27.17 -0.37 -12.23
C ALA B 388 26.26 0.13 -11.12
N LEU B 389 26.84 0.54 -9.99
CA LEU B 389 26.01 1.02 -8.88
C LEU B 389 25.56 2.47 -9.03
N LYS B 390 26.45 3.32 -9.53
CA LYS B 390 26.09 4.69 -9.87
C LYS B 390 24.92 4.67 -10.83
N GLY B 391 25.05 3.85 -11.87
CA GLY B 391 23.96 3.63 -12.80
C GLY B 391 22.60 3.58 -12.13
N GLN B 392 22.37 2.59 -11.28
CA GLN B 392 21.06 2.41 -10.72
C GLN B 392 20.68 3.56 -9.82
N ALA B 393 21.67 4.06 -9.09
CA ALA B 393 21.44 5.16 -8.18
C ALA B 393 20.86 6.41 -8.86
N GLU B 394 21.54 6.88 -9.92
CA GLU B 394 21.15 8.11 -10.59
C GLU B 394 19.81 7.96 -11.26
N VAL B 395 19.58 6.78 -11.86
CA VAL B 395 18.31 6.51 -12.51
C VAL B 395 17.17 6.44 -11.51
N ARG B 396 17.48 6.10 -10.26
CA ARG B 396 16.45 6.06 -9.25
C ARG B 396 16.14 7.47 -8.76
N ALA B 397 17.17 8.29 -8.63
CA ALA B 397 16.98 9.67 -8.23
C ALA B 397 16.17 10.43 -9.28
N LEU B 398 16.33 10.06 -10.54
CA LEU B 398 15.51 10.63 -11.60
C LEU B 398 14.04 10.32 -11.27
N GLU B 399 13.74 9.02 -11.11
CA GLU B 399 12.40 8.56 -10.78
C GLU B 399 11.76 9.35 -9.62
N ASN B 400 12.49 9.50 -8.51
CA ASN B 400 11.99 10.33 -7.41
C ASN B 400 11.67 11.74 -7.86
N THR B 401 12.67 12.43 -8.36
CA THR B 401 12.47 13.80 -8.78
C THR B 401 11.28 13.95 -9.73
N VAL B 402 11.20 13.11 -10.76
CA VAL B 402 10.04 13.15 -11.64
C VAL B 402 8.77 13.06 -10.82
N HIS B 403 8.68 12.02 -9.98
CA HIS B 403 7.51 11.85 -9.11
C HIS B 403 7.18 13.10 -8.26
N GLU B 404 8.13 13.58 -7.46
CA GLU B 404 7.96 14.81 -6.69
C GLU B 404 7.38 15.90 -7.58
N VAL B 405 8.01 16.09 -8.74
CA VAL B 405 7.60 17.14 -9.65
C VAL B 405 6.18 16.94 -10.14
N THR B 406 5.85 15.73 -10.57
CA THR B 406 4.52 15.48 -11.08
C THR B 406 3.45 15.66 -10.01
N THR B 407 3.71 15.20 -8.81
CA THR B 407 2.68 15.33 -7.79
C THR B 407 2.49 16.80 -7.44
N SER B 408 3.52 17.61 -7.64
CA SER B 408 3.39 19.06 -7.45
C SER B 408 2.45 19.59 -8.51
N ILE B 409 2.67 19.19 -9.77
CA ILE B 409 1.78 19.56 -10.86
C ILE B 409 0.36 19.14 -10.52
N GLY B 410 0.22 17.90 -10.08
CA GLY B 410 -1.06 17.40 -9.64
C GLY B 410 -1.77 18.38 -8.73
N LYS B 411 -1.17 18.66 -7.57
CA LYS B 411 -1.77 19.59 -6.61
C LYS B 411 -2.15 20.89 -7.28
N ARG B 412 -1.23 21.43 -8.09
CA ARG B 412 -1.47 22.72 -8.74
C ARG B 412 -2.63 22.67 -9.72
N ILE B 413 -2.68 21.63 -10.55
CA ILE B 413 -3.79 21.49 -11.48
C ILE B 413 -5.12 21.39 -10.72
N PHE B 414 -5.18 20.50 -9.74
CA PHE B 414 -6.39 20.26 -8.99
C PHE B 414 -6.85 21.52 -8.31
N ASP B 415 -5.96 22.12 -7.54
CA ASP B 415 -6.33 23.27 -6.72
C ASP B 415 -6.93 24.38 -7.57
N HIS B 416 -6.51 24.44 -8.82
CA HIS B 416 -7.06 25.41 -9.77
C HIS B 416 -8.49 25.06 -10.14
N ALA B 417 -8.70 23.80 -10.50
CA ALA B 417 -10.01 23.31 -10.87
C ALA B 417 -11.01 23.40 -9.73
N ILE B 418 -10.60 23.01 -8.53
CA ILE B 418 -11.53 22.98 -7.41
C ILE B 418 -12.00 24.40 -7.08
N ARG B 419 -11.19 25.39 -7.42
CA ARG B 419 -11.45 26.80 -7.07
C ARG B 419 -12.31 27.50 -8.10
N TYR B 420 -12.39 26.90 -9.28
CA TYR B 420 -13.11 27.44 -10.42
C TYR B 420 -14.57 27.79 -10.17
N PRO B 421 -14.96 29.01 -10.57
CA PRO B 421 -13.99 29.95 -11.16
C PRO B 421 -13.11 30.70 -10.13
N GLU B 435 3.29 26.49 -19.08
CA GLU B 435 4.32 26.09 -18.12
C GLU B 435 3.78 25.94 -16.70
N LEU B 436 3.56 24.68 -16.31
CA LEU B 436 3.12 24.29 -14.97
C LEU B 436 4.31 23.93 -14.12
N LEU B 437 5.46 23.78 -14.75
CA LEU B 437 6.73 23.51 -14.09
C LEU B 437 7.41 24.80 -13.74
N LYS B 438 7.46 25.14 -12.46
CA LYS B 438 8.17 26.35 -12.08
C LYS B 438 9.66 26.20 -12.30
N SER B 439 10.39 27.30 -12.24
CA SER B 439 11.84 27.28 -12.36
C SER B 439 12.41 26.25 -11.38
N SER B 440 12.01 26.37 -10.12
CA SER B 440 12.44 25.46 -9.07
C SER B 440 12.55 24.01 -9.54
N ASP B 441 11.47 23.53 -10.17
CA ASP B 441 11.36 22.14 -10.59
C ASP B 441 12.23 21.86 -11.83
N LYS B 442 12.25 22.81 -12.75
CA LYS B 442 13.09 22.68 -13.95
C LYS B 442 14.54 22.44 -13.56
N VAL B 443 15.00 23.13 -12.52
CA VAL B 443 16.38 22.99 -12.10
C VAL B 443 16.72 21.59 -11.64
N MET B 444 16.04 21.11 -10.61
CA MET B 444 16.34 19.77 -10.11
C MET B 444 16.04 18.67 -11.15
N LEU B 445 15.16 18.97 -12.11
CA LEU B 445 14.94 18.04 -13.21
C LEU B 445 16.16 18.02 -14.13
N LYS B 446 16.72 19.19 -14.36
CA LYS B 446 17.80 19.33 -15.33
C LYS B 446 19.02 18.66 -14.76
N ARG B 447 19.16 18.75 -13.45
CA ARG B 447 20.33 18.18 -12.79
C ARG B 447 20.31 16.67 -12.81
N ARG B 448 19.13 16.10 -12.71
CA ARG B 448 19.01 14.67 -12.63
C ARG B 448 19.23 14.06 -13.98
N ILE B 449 18.97 14.86 -15.03
CA ILE B 449 19.12 14.39 -16.40
C ILE B 449 20.58 14.43 -16.79
N LEU B 450 21.27 15.41 -16.22
CA LEU B 450 22.68 15.64 -16.53
C LEU B 450 23.55 14.60 -15.88
N ALA B 451 23.05 14.04 -14.79
CA ALA B 451 23.81 13.05 -14.07
C ALA B 451 23.85 11.72 -14.81
N LEU B 452 23.06 11.60 -15.87
CA LEU B 452 23.04 10.37 -16.66
C LEU B 452 24.12 10.33 -17.73
N ARG B 453 24.58 11.51 -18.17
CA ARG B 453 25.61 11.59 -19.19
C ARG B 453 26.77 10.67 -18.80
N ARG B 454 27.22 9.85 -19.72
CA ARG B 454 28.39 9.02 -19.44
C ARG B 454 29.56 9.38 -20.35
N PRO B 455 30.77 9.48 -19.75
CA PRO B 455 32.07 9.82 -20.35
C PRO B 455 32.21 9.37 -21.80
N GLU B 456 32.44 10.31 -22.71
CA GLU B 456 32.38 9.99 -24.15
C GLU B 456 33.00 8.64 -24.52
N GLY B 457 32.26 7.89 -25.34
CA GLY B 457 32.75 6.65 -25.89
C GLY B 457 32.87 5.51 -24.89
N GLN B 458 32.47 5.74 -23.64
CA GLN B 458 32.37 4.66 -22.65
C GLN B 458 31.05 3.94 -22.82
N LEU B 459 31.13 2.63 -23.04
CA LEU B 459 29.94 1.81 -23.28
C LEU B 459 29.37 1.18 -21.99
N PRO B 460 28.11 0.73 -22.06
CA PRO B 460 27.56 -0.06 -20.96
C PRO B 460 28.45 -1.27 -20.76
N PRO B 461 28.83 -1.55 -19.50
CA PRO B 461 29.69 -2.69 -19.14
C PRO B 461 29.09 -4.03 -19.52
N ILE B 462 29.93 -5.05 -19.66
CA ILE B 462 29.44 -6.41 -19.95
C ILE B 462 29.39 -7.22 -18.67
N VAL B 463 29.88 -6.62 -17.60
CA VAL B 463 29.88 -7.29 -16.31
C VAL B 463 29.43 -6.37 -15.14
N THR B 464 28.67 -6.92 -14.20
CA THR B 464 28.11 -6.12 -13.13
C THR B 464 28.98 -6.12 -11.87
N HIS B 465 29.98 -6.99 -11.84
CA HIS B 465 30.82 -7.13 -10.65
C HIS B 465 32.31 -6.88 -10.85
N ASN B 466 33.01 -6.77 -9.73
CA ASN B 466 34.47 -6.71 -9.72
C ASN B 466 35.00 -8.13 -9.82
N MET B 467 35.44 -8.51 -11.03
CA MET B 467 35.93 -9.85 -11.31
C MET B 467 37.32 -10.04 -10.71
N VAL B 468 37.47 -11.11 -9.94
CA VAL B 468 38.75 -11.43 -9.33
C VAL B 468 39.60 -12.31 -10.26
N ASP B 469 39.93 -11.80 -11.43
CA ASP B 469 40.63 -12.55 -12.47
C ASP B 469 40.12 -12.13 -13.82
N ASP B 470 40.05 -10.83 -14.04
CA ASP B 470 39.39 -10.29 -15.22
C ASP B 470 40.00 -10.87 -16.51
N ALA B 471 41.23 -11.38 -16.42
CA ALA B 471 41.98 -11.77 -17.61
C ALA B 471 41.81 -13.22 -17.99
N ASN B 472 41.52 -14.06 -16.99
CA ASN B 472 41.47 -15.52 -17.19
C ASN B 472 40.08 -16.13 -17.20
N ASP B 473 39.09 -15.38 -16.73
CA ASP B 473 37.70 -15.85 -16.71
C ASP B 473 37.19 -16.28 -18.10
N LEU B 474 36.56 -17.44 -18.15
CA LEU B 474 36.17 -18.03 -19.41
C LEU B 474 35.03 -17.30 -20.09
N ILE B 475 34.09 -16.82 -19.29
CA ILE B 475 32.92 -16.13 -19.80
C ILE B 475 33.22 -14.76 -20.38
N LEU B 476 34.00 -13.94 -19.65
CA LEU B 476 34.41 -12.65 -20.17
C LEU B 476 35.21 -12.78 -21.49
N ASN B 477 36.21 -13.66 -21.46
CA ASN B 477 37.06 -13.80 -22.61
C ASN B 477 36.34 -14.25 -23.87
N LYS B 478 35.30 -15.06 -23.72
CA LYS B 478 34.53 -15.46 -24.88
C LYS B 478 33.68 -14.28 -25.37
N ILE B 479 33.13 -13.49 -24.44
CA ILE B 479 32.31 -12.37 -24.89
C ILE B 479 33.19 -11.22 -25.38
N ARG B 480 34.49 -11.33 -25.16
CA ARG B 480 35.43 -10.45 -25.83
C ARG B 480 35.75 -10.96 -27.22
N GLN B 481 36.22 -12.21 -27.29
CA GLN B 481 36.48 -12.86 -28.56
C GLN B 481 35.39 -12.59 -29.61
N VAL B 482 34.13 -12.52 -29.19
CA VAL B 482 33.04 -12.24 -30.13
C VAL B 482 32.69 -10.74 -30.25
N GLN B 483 33.31 -9.92 -29.39
CA GLN B 483 33.19 -8.47 -29.48
C GLN B 483 31.77 -7.94 -29.31
N LEU B 484 31.03 -8.57 -28.40
CA LEU B 484 29.74 -8.09 -27.98
C LEU B 484 30.00 -7.11 -26.85
N PHE B 485 30.02 -5.82 -27.15
CA PHE B 485 30.46 -4.83 -26.18
C PHE B 485 29.38 -3.81 -25.81
N ASN B 486 28.21 -3.99 -26.38
CA ASN B 486 27.05 -3.18 -26.06
C ASN B 486 27.01 -1.81 -26.70
N SER B 487 27.71 -1.64 -27.82
CA SER B 487 27.59 -0.42 -28.61
C SER B 487 26.25 -0.43 -29.33
N PRO B 488 25.68 0.77 -29.55
CA PRO B 488 24.29 0.93 -29.98
C PRO B 488 23.99 0.17 -31.27
N SER B 489 25.04 0.02 -32.07
CA SER B 489 24.98 -0.70 -33.34
C SER B 489 24.55 -2.14 -33.11
N ASP B 490 25.14 -2.75 -32.07
CA ASP B 490 24.84 -4.12 -31.58
C ASP B 490 23.39 -4.37 -31.14
N ARG B 491 22.78 -5.39 -31.73
CA ARG B 491 21.35 -5.61 -31.52
C ARG B 491 21.08 -6.62 -30.40
N VAL B 492 22.13 -7.33 -29.99
CA VAL B 492 22.05 -8.13 -28.77
C VAL B 492 23.04 -7.62 -27.73
N LYS B 493 22.51 -7.17 -26.60
CA LYS B 493 23.34 -6.61 -25.53
C LYS B 493 23.69 -7.72 -24.54
N MET B 494 24.80 -7.56 -23.84
CA MET B 494 25.40 -8.67 -23.08
C MET B 494 25.60 -8.32 -21.61
N ILE B 495 24.91 -9.03 -20.73
CA ILE B 495 25.04 -8.75 -19.29
C ILE B 495 25.48 -9.98 -18.50
N PHE B 496 26.67 -9.91 -17.92
CA PHE B 496 27.18 -11.01 -17.11
C PHE B 496 27.10 -10.63 -15.65
N HIS B 497 26.34 -11.43 -14.88
CA HIS B 497 26.08 -11.17 -13.46
C HIS B 497 26.51 -12.36 -12.66
N PRO B 498 27.82 -12.41 -12.32
CA PRO B 498 28.52 -13.54 -11.70
C PRO B 498 28.13 -13.72 -10.24
N GLU B 499 26.84 -13.91 -9.97
CA GLU B 499 26.36 -13.94 -8.60
C GLU B 499 24.90 -14.32 -8.58
N PHE B 500 24.51 -15.20 -7.65
CA PHE B 500 23.11 -15.57 -7.57
C PHE B 500 22.21 -14.38 -7.27
N LEU B 501 20.91 -14.57 -7.48
CA LEU B 501 20.00 -13.46 -7.40
C LEU B 501 19.23 -13.47 -6.07
N ASN B 502 19.13 -12.27 -5.48
CA ASN B 502 18.49 -12.03 -4.19
C ASN B 502 17.69 -10.73 -4.25
N ALA B 503 16.47 -10.70 -3.71
CA ALA B 503 15.61 -9.52 -3.89
C ALA B 503 16.22 -8.22 -3.36
N ASN B 504 17.25 -8.37 -2.53
CA ASN B 504 17.85 -7.24 -1.83
C ASN B 504 19.08 -6.65 -2.56
N ASN B 505 19.21 -6.90 -3.87
CA ASN B 505 20.35 -6.39 -4.64
C ASN B 505 20.20 -5.00 -5.18
N PRO B 506 21.19 -4.15 -4.89
CA PRO B 506 21.25 -2.76 -5.35
C PRO B 506 21.04 -2.68 -6.86
N ILE B 507 21.55 -3.67 -7.56
CA ILE B 507 21.49 -3.73 -9.01
C ILE B 507 20.17 -4.33 -9.53
N LEU B 508 19.91 -5.59 -9.20
CA LEU B 508 18.81 -6.31 -9.82
C LEU B 508 17.87 -6.91 -8.78
N GLY B 509 16.84 -6.16 -8.44
CA GLY B 509 16.06 -6.44 -7.24
C GLY B 509 15.12 -7.63 -7.23
N LEU B 510 15.57 -8.77 -7.77
CA LEU B 510 14.72 -9.95 -7.82
C LEU B 510 15.34 -11.14 -7.13
N ASP B 511 14.51 -12.11 -6.77
CA ASP B 511 15.01 -13.42 -6.43
C ASP B 511 15.18 -14.10 -7.76
N TYR B 512 15.73 -15.31 -7.78
CA TYR B 512 15.93 -15.99 -9.06
C TYR B 512 14.60 -16.41 -9.66
N ASP B 513 13.69 -16.93 -8.85
CA ASP B 513 12.40 -17.32 -9.40
C ASP B 513 11.69 -16.12 -10.01
N GLU B 514 11.72 -14.98 -9.32
CA GLU B 514 11.17 -13.73 -9.85
C GLU B 514 11.76 -13.40 -11.22
N PHE B 515 13.08 -13.38 -11.27
CA PHE B 515 13.81 -13.06 -12.48
C PHE B 515 13.42 -13.98 -13.60
N VAL B 516 13.48 -15.28 -13.37
CA VAL B 516 13.18 -16.23 -14.43
C VAL B 516 11.85 -15.88 -15.10
N ARG B 517 10.83 -15.66 -14.28
CA ARG B 517 9.48 -15.37 -14.76
C ARG B 517 9.44 -14.09 -15.59
N GLY B 518 10.24 -13.10 -15.20
CA GLY B 518 10.26 -11.84 -15.91
C GLY B 518 10.89 -11.90 -17.28
N CYS B 519 11.51 -13.03 -17.62
CA CYS B 519 12.23 -13.13 -18.89
C CYS B 519 11.38 -13.69 -20.01
N HIS B 520 11.98 -13.84 -21.18
CA HIS B 520 11.21 -14.22 -22.35
C HIS B 520 11.62 -15.61 -22.84
N LEU B 521 12.87 -15.97 -22.57
CA LEU B 521 13.39 -17.23 -23.06
C LEU B 521 14.63 -17.68 -22.29
N GLY B 522 14.58 -18.86 -21.68
CA GLY B 522 15.76 -19.42 -21.07
C GLY B 522 16.54 -20.20 -22.11
N VAL B 523 17.86 -20.13 -22.06
CA VAL B 523 18.68 -20.84 -23.03
C VAL B 523 19.76 -21.70 -22.38
N PHE B 524 19.61 -23.02 -22.43
CA PHE B 524 20.52 -23.92 -21.72
C PHE B 524 21.09 -25.01 -22.63
N PRO B 525 22.10 -24.62 -23.39
CA PRO B 525 22.81 -25.38 -24.44
C PRO B 525 23.78 -26.40 -23.87
N SER B 526 23.30 -27.22 -22.95
CA SER B 526 24.19 -28.06 -22.15
C SER B 526 24.85 -29.20 -22.91
N TYR B 527 26.11 -29.46 -22.57
CA TYR B 527 26.88 -30.52 -23.22
C TYR B 527 26.99 -31.77 -22.36
N TYR B 528 27.21 -31.58 -21.06
CA TYR B 528 27.08 -32.68 -20.10
C TYR B 528 26.15 -32.32 -18.96
N GLU B 529 25.04 -33.05 -18.86
CA GLU B 529 23.98 -32.63 -17.96
C GLU B 529 22.98 -33.76 -17.81
N PRO B 530 23.19 -34.59 -16.79
CA PRO B 530 22.45 -35.82 -16.52
C PRO B 530 20.98 -35.56 -16.27
N TRP B 531 20.63 -34.41 -15.74
CA TRP B 531 19.22 -34.02 -15.70
C TRP B 531 19.04 -32.58 -16.12
N GLY B 532 19.42 -31.67 -15.24
CA GLY B 532 19.24 -30.26 -15.54
C GLY B 532 17.99 -29.70 -14.89
N TYR B 533 18.15 -29.26 -13.66
CA TYR B 533 17.02 -28.72 -12.96
C TYR B 533 16.72 -27.31 -13.45
N THR B 534 17.76 -26.57 -13.85
CA THR B 534 17.61 -25.18 -14.31
C THR B 534 16.61 -25.04 -15.45
N PRO B 535 16.74 -25.85 -16.51
CA PRO B 535 15.74 -25.81 -17.58
C PRO B 535 14.38 -26.34 -17.17
N ALA B 536 14.36 -27.41 -16.38
CA ALA B 536 13.10 -28.02 -16.00
C ALA B 536 12.30 -27.09 -15.09
N GLU B 537 13.00 -26.37 -14.22
CA GLU B 537 12.29 -25.45 -13.34
C GLU B 537 11.98 -24.17 -14.11
N CYS B 538 12.70 -23.97 -15.20
CA CYS B 538 12.41 -22.87 -16.10
C CYS B 538 11.05 -23.11 -16.72
N THR B 539 10.82 -24.36 -17.11
CA THR B 539 9.58 -24.77 -17.74
C THR B 539 8.41 -24.77 -16.76
N VAL B 540 8.64 -25.26 -15.56
CA VAL B 540 7.57 -25.33 -14.58
C VAL B 540 6.99 -23.94 -14.36
N MET B 541 7.87 -22.93 -14.41
CA MET B 541 7.48 -21.54 -14.14
C MET B 541 6.82 -20.87 -15.33
N GLY B 542 6.63 -21.63 -16.41
CA GLY B 542 5.90 -21.15 -17.56
C GLY B 542 6.71 -20.29 -18.47
N VAL B 543 7.98 -20.62 -18.64
CA VAL B 543 8.82 -19.87 -19.56
C VAL B 543 9.36 -20.77 -20.65
N PRO B 544 9.24 -20.33 -21.91
CA PRO B 544 9.88 -20.96 -23.06
C PRO B 544 11.38 -21.13 -22.83
N SER B 545 11.95 -22.21 -23.36
CA SER B 545 13.33 -22.56 -23.06
C SER B 545 13.94 -23.40 -24.15
N ILE B 546 15.26 -23.31 -24.29
CA ILE B 546 15.97 -24.13 -25.24
C ILE B 546 16.93 -25.03 -24.50
N THR B 547 16.79 -26.35 -24.67
CA THR B 547 17.76 -27.28 -24.09
C THR B 547 18.44 -28.06 -25.20
N THR B 548 19.18 -29.12 -24.85
CA THR B 548 19.79 -29.99 -25.86
C THR B 548 19.35 -31.45 -25.77
N ASN B 549 19.86 -32.28 -26.69
CA ASN B 549 19.47 -33.69 -26.72
C ASN B 549 20.53 -34.57 -26.06
N VAL B 550 21.48 -33.92 -25.40
CA VAL B 550 22.43 -34.59 -24.51
C VAL B 550 22.13 -34.23 -23.05
N SER B 551 21.15 -33.35 -22.86
CA SER B 551 20.60 -33.05 -21.55
C SER B 551 19.64 -34.15 -21.19
N GLY B 552 19.66 -34.56 -19.93
CA GLY B 552 18.72 -35.54 -19.42
C GLY B 552 17.33 -34.99 -19.61
N PHE B 553 17.13 -33.76 -19.18
CA PHE B 553 15.82 -33.13 -19.27
C PHE B 553 15.45 -32.97 -20.73
N GLY B 554 16.43 -32.61 -21.55
CA GLY B 554 16.25 -32.63 -22.99
C GLY B 554 15.76 -34.00 -23.45
N SER B 555 16.65 -35.00 -23.33
CA SER B 555 16.32 -36.40 -23.57
C SER B 555 14.86 -36.70 -23.20
N TYR B 556 14.51 -36.46 -21.93
CA TYR B 556 13.17 -36.77 -21.44
C TYR B 556 12.08 -35.99 -22.15
N MET B 557 12.36 -34.71 -22.40
CA MET B 557 11.35 -33.82 -22.96
C MET B 557 11.02 -34.23 -24.39
N GLU B 558 12.05 -34.69 -25.12
CA GLU B 558 11.92 -35.13 -26.51
C GLU B 558 10.79 -36.12 -26.73
N ASP B 559 10.56 -36.98 -25.75
CA ASP B 559 9.53 -38.01 -25.86
C ASP B 559 8.13 -37.52 -25.55
N LEU B 560 7.88 -36.23 -25.78
CA LEU B 560 6.57 -35.65 -25.60
C LEU B 560 6.39 -34.40 -26.49
N ALA B 566 5.34 -29.80 -31.86
CA ALA B 566 6.57 -30.04 -31.08
C ALA B 566 7.09 -28.81 -30.28
N LYS B 567 7.88 -27.95 -30.94
CA LYS B 567 8.43 -26.72 -30.34
C LYS B 567 7.32 -25.75 -29.90
N ASP B 568 6.14 -25.92 -30.48
CA ASP B 568 5.02 -25.02 -30.23
C ASP B 568 4.74 -24.90 -28.75
N TYR B 569 5.21 -25.89 -27.99
CA TYR B 569 4.94 -25.95 -26.56
C TYR B 569 5.96 -25.19 -25.71
N GLY B 570 6.89 -24.54 -26.39
CA GLY B 570 7.82 -23.68 -25.69
C GLY B 570 9.09 -24.39 -25.36
N ILE B 571 9.28 -25.57 -25.94
CA ILE B 571 10.53 -26.27 -25.72
C ILE B 571 11.23 -26.56 -27.03
N TYR B 572 12.34 -25.87 -27.23
CA TYR B 572 13.18 -26.09 -28.40
C TYR B 572 14.29 -27.03 -27.97
N ILE B 573 14.63 -27.99 -28.81
CA ILE B 573 15.71 -28.92 -28.49
C ILE B 573 16.78 -28.88 -29.55
N VAL B 574 17.93 -28.33 -29.19
CA VAL B 574 19.08 -28.31 -30.08
C VAL B 574 19.72 -29.69 -30.09
N ASP B 575 20.04 -30.16 -31.28
CA ASP B 575 20.75 -31.43 -31.43
C ASP B 575 22.24 -31.22 -31.22
N ARG B 576 22.74 -31.69 -30.08
CA ARG B 576 24.17 -31.54 -29.78
C ARG B 576 24.90 -32.86 -29.96
N ARG B 577 24.12 -33.93 -30.18
CA ARG B 577 24.66 -35.30 -30.20
C ARG B 577 25.00 -35.85 -31.61
N PHE B 578 24.25 -35.39 -32.60
CA PHE B 578 24.40 -35.89 -33.97
C PHE B 578 25.00 -34.86 -34.95
N LYS B 579 24.45 -33.65 -34.97
CA LYS B 579 25.03 -32.55 -35.76
C LYS B 579 26.40 -32.11 -35.22
N ALA B 580 27.24 -31.58 -36.10
CA ALA B 580 28.60 -31.20 -35.73
C ALA B 580 28.60 -29.93 -34.87
N PRO B 581 29.70 -29.69 -34.14
CA PRO B 581 29.76 -28.53 -33.24
C PRO B 581 29.19 -27.27 -33.87
N ASP B 582 29.47 -27.03 -35.15
CA ASP B 582 29.03 -25.79 -35.78
C ASP B 582 27.55 -25.80 -36.18
N GLU B 583 27.07 -26.89 -36.76
CA GLU B 583 25.66 -26.98 -37.13
C GLU B 583 24.79 -26.85 -35.89
N SER B 584 25.30 -27.32 -34.76
CA SER B 584 24.63 -27.19 -33.47
C SER B 584 24.43 -25.71 -33.21
N VAL B 585 25.54 -24.98 -33.17
CA VAL B 585 25.51 -23.54 -32.97
C VAL B 585 24.47 -22.91 -33.88
N GLU B 586 24.58 -23.19 -35.18
CA GLU B 586 23.67 -22.61 -36.17
C GLU B 586 22.22 -22.93 -35.90
N GLN B 587 21.94 -24.17 -35.50
CA GLN B 587 20.59 -24.56 -35.13
C GLN B 587 20.11 -23.68 -33.99
N LEU B 588 21.04 -23.32 -33.11
CA LEU B 588 20.72 -22.51 -31.95
C LEU B 588 20.25 -21.13 -32.43
N VAL B 589 21.03 -20.55 -33.34
CA VAL B 589 20.75 -19.21 -33.83
C VAL B 589 19.40 -19.14 -34.56
N ASP B 590 19.07 -20.20 -35.29
CA ASP B 590 17.80 -20.32 -36.00
C ASP B 590 16.66 -20.28 -34.99
N TYR B 591 16.86 -21.00 -33.88
CA TYR B 591 15.85 -21.07 -32.85
C TYR B 591 15.63 -19.72 -32.21
N MET B 592 16.73 -19.04 -31.88
CA MET B 592 16.62 -17.71 -31.30
C MET B 592 15.93 -16.72 -32.26
N GLU B 593 16.42 -16.68 -33.50
CA GLU B 593 15.85 -15.85 -34.55
C GLU B 593 14.33 -16.05 -34.61
N GLU B 594 13.91 -17.29 -34.83
CA GLU B 594 12.49 -17.60 -34.89
C GLU B 594 11.73 -16.97 -33.72
N PHE B 595 12.36 -16.96 -32.55
CA PHE B 595 11.73 -16.45 -31.34
C PHE B 595 11.60 -14.94 -31.39
N VAL B 596 12.67 -14.30 -31.85
CA VAL B 596 12.68 -12.84 -31.98
C VAL B 596 11.57 -12.38 -32.95
N LYS B 597 11.42 -13.08 -34.07
CA LYS B 597 10.46 -12.70 -35.10
C LYS B 597 9.06 -13.19 -34.79
N LYS B 598 8.76 -13.34 -33.52
CA LYS B 598 7.44 -13.79 -33.15
C LYS B 598 6.59 -12.56 -32.89
N THR B 599 5.31 -12.61 -33.28
CA THR B 599 4.39 -11.51 -33.04
C THR B 599 3.96 -11.49 -31.58
N ALA B 600 3.40 -10.38 -31.14
CA ALA B 600 2.94 -10.25 -29.76
C ALA B 600 1.99 -11.38 -29.39
N ALA B 601 1.19 -11.81 -30.37
CA ALA B 601 0.19 -12.86 -30.15
C ALA B 601 0.77 -14.28 -30.29
N GLN B 602 1.74 -14.45 -31.19
CA GLN B 602 2.44 -15.72 -31.35
C GLN B 602 3.19 -16.12 -30.07
N ALA B 603 3.77 -15.13 -29.39
CA ALA B 603 4.47 -15.34 -28.14
C ALA B 603 3.51 -15.69 -27.00
N ILE B 604 2.41 -14.93 -26.87
CA ILE B 604 1.42 -15.22 -25.84
C ILE B 604 0.76 -16.58 -26.05
N ASN B 605 0.83 -17.09 -27.28
CA ASN B 605 0.34 -18.44 -27.56
C ASN B 605 1.21 -19.51 -26.90
N GLN B 606 2.48 -19.54 -27.31
CA GLN B 606 3.50 -20.40 -26.72
C GLN B 606 3.48 -20.40 -25.19
N ARG B 607 3.83 -19.25 -24.62
CA ARG B 607 3.82 -19.04 -23.18
C ARG B 607 2.64 -19.71 -22.46
N ASN B 608 1.45 -19.56 -23.04
CA ASN B 608 0.27 -20.17 -22.46
C ASN B 608 0.32 -21.68 -22.60
N ARG B 609 1.00 -22.15 -23.64
CA ARG B 609 1.18 -23.58 -23.88
C ARG B 609 2.20 -24.25 -22.97
N THR B 610 3.37 -23.62 -22.83
CA THR B 610 4.38 -24.16 -21.92
C THR B 610 3.82 -24.20 -20.50
N GLU B 611 3.03 -23.19 -20.13
CA GLU B 611 2.53 -23.06 -18.77
C GLU B 611 1.69 -24.26 -18.35
N ARG B 612 1.12 -24.96 -19.33
CA ARG B 612 0.31 -26.14 -19.04
C ARG B 612 1.15 -27.41 -18.96
N LEU B 613 2.34 -27.37 -19.55
CA LEU B 613 3.32 -28.44 -19.40
C LEU B 613 3.73 -28.65 -17.94
N SER B 614 3.69 -27.57 -17.16
CA SER B 614 4.17 -27.59 -15.80
C SER B 614 3.74 -28.85 -15.02
N ASP B 615 2.44 -29.14 -15.04
CA ASP B 615 1.90 -30.23 -14.23
C ASP B 615 2.40 -31.61 -14.62
N LEU B 616 3.00 -31.70 -15.80
CA LEU B 616 3.60 -32.96 -16.24
C LEU B 616 4.84 -33.32 -15.45
N LEU B 617 5.48 -32.31 -14.85
CA LEU B 617 6.78 -32.50 -14.19
C LEU B 617 6.69 -32.62 -12.67
N ASP B 618 5.49 -32.52 -12.11
CA ASP B 618 5.33 -32.72 -10.67
C ASP B 618 5.65 -34.18 -10.33
N TRP B 619 5.98 -34.44 -9.08
CA TRP B 619 6.25 -35.80 -8.61
C TRP B 619 5.03 -36.67 -8.73
N LYS B 620 3.85 -36.10 -8.50
CA LYS B 620 2.58 -36.83 -8.64
C LYS B 620 2.50 -37.64 -9.93
N ARG B 621 3.23 -37.23 -10.96
CA ARG B 621 3.30 -38.04 -12.17
C ARG B 621 4.65 -38.76 -12.33
N MET B 622 5.73 -38.08 -11.95
CA MET B 622 7.06 -38.63 -12.15
C MET B 622 7.38 -39.71 -11.13
N GLY B 623 6.70 -39.65 -9.99
CA GLY B 623 6.91 -40.61 -8.91
C GLY B 623 6.52 -42.01 -9.31
N LEU B 624 5.66 -42.13 -10.32
CA LEU B 624 5.16 -43.44 -10.76
C LEU B 624 6.26 -44.28 -11.38
N GLU B 625 7.33 -43.62 -11.80
CA GLU B 625 8.49 -44.33 -12.32
C GLU B 625 9.26 -45.04 -11.22
N TYR B 626 9.22 -44.48 -10.02
CA TYR B 626 9.87 -45.09 -8.86
C TYR B 626 9.07 -46.31 -8.45
N VAL B 627 7.75 -46.19 -8.48
CA VAL B 627 6.90 -47.32 -8.18
C VAL B 627 7.17 -48.48 -9.14
N LYS B 628 7.30 -48.18 -10.43
CA LYS B 628 7.69 -49.21 -11.40
C LYS B 628 9.02 -49.84 -11.00
N ALA B 629 9.95 -49.04 -10.50
CA ALA B 629 11.27 -49.50 -10.17
C ALA B 629 11.22 -50.42 -8.97
N ARG B 630 10.60 -49.95 -7.90
CA ARG B 630 10.48 -50.74 -6.67
C ARG B 630 9.77 -52.06 -6.93
N GLN B 631 8.63 -52.01 -7.60
CA GLN B 631 7.86 -53.21 -7.89
C GLN B 631 8.61 -54.20 -8.80
N LEU B 632 9.39 -53.70 -9.76
CA LEU B 632 10.22 -54.61 -10.55
C LEU B 632 11.23 -55.31 -9.64
N ALA B 633 11.70 -54.58 -8.62
CA ALA B 633 12.66 -55.15 -7.66
C ALA B 633 12.03 -56.29 -6.86
N LEU B 634 10.74 -56.17 -6.55
CA LEU B 634 10.00 -57.22 -5.87
C LEU B 634 9.74 -58.41 -6.80
N ARG B 635 9.14 -58.16 -7.95
CA ARG B 635 8.91 -59.20 -8.94
C ARG B 635 10.18 -60.01 -9.23
N ARG B 636 11.36 -59.39 -9.13
CA ARG B 636 12.60 -60.10 -9.40
C ARG B 636 13.08 -60.87 -8.17
N GLY B 637 12.64 -60.43 -7.00
CA GLY B 637 13.13 -61.00 -5.76
C GLY B 637 12.34 -62.21 -5.29
N TYR B 638 11.03 -62.17 -5.55
CA TYR B 638 10.13 -63.22 -5.09
C TYR B 638 9.20 -63.65 -6.22
N PRO B 639 9.79 -64.17 -7.31
CA PRO B 639 9.08 -64.33 -8.59
C PRO B 639 7.77 -65.06 -8.38
N ASP B 640 7.80 -65.96 -7.41
CA ASP B 640 6.64 -66.77 -7.10
C ASP B 640 5.58 -65.97 -6.36
N GLN B 641 5.93 -65.40 -5.22
CA GLN B 641 4.96 -64.64 -4.44
C GLN B 641 4.30 -63.52 -5.26
N PHE B 642 5.04 -63.01 -6.24
CA PHE B 642 4.56 -61.93 -7.08
C PHE B 642 3.42 -62.43 -7.95
N ARG B 643 3.59 -63.61 -8.52
CA ARG B 643 2.59 -64.21 -9.38
C ARG B 643 1.23 -64.31 -8.69
N GLU B 644 1.27 -64.71 -7.41
CA GLU B 644 0.07 -64.86 -6.60
C GLU B 644 -0.65 -63.53 -6.47
N LEU B 645 0.10 -62.48 -6.19
CA LEU B 645 -0.48 -61.17 -5.97
C LEU B 645 -1.05 -60.53 -7.25
N VAL B 646 -0.59 -60.98 -8.41
CA VAL B 646 -1.00 -60.36 -9.67
C VAL B 646 -1.98 -61.23 -10.48
N GLY B 647 -1.89 -62.54 -10.29
CA GLY B 647 -2.82 -63.45 -10.94
C GLY B 647 -2.30 -64.03 -12.24
N GLU B 648 -1.02 -63.78 -12.51
CA GLU B 648 -0.39 -64.29 -13.73
C GLU B 648 1.12 -64.13 -13.56
N GLU B 649 1.88 -64.31 -14.64
CA GLU B 649 3.30 -63.98 -14.61
C GLU B 649 3.65 -62.86 -15.59
N LEU B 650 4.02 -61.70 -15.05
CA LEU B 650 4.35 -60.53 -15.84
C LEU B 650 5.85 -60.53 -16.18
N ASN B 651 6.22 -59.78 -17.21
CA ASN B 651 7.60 -59.71 -17.69
C ASN B 651 8.51 -58.93 -16.71
N ASP B 652 9.74 -59.41 -16.54
CA ASP B 652 10.65 -58.82 -15.57
C ASP B 652 11.99 -58.39 -16.16
N SER B 653 11.99 -57.85 -17.37
CA SER B 653 13.23 -57.36 -17.97
C SER B 653 13.38 -55.83 -18.02
N ASN B 654 12.26 -55.09 -18.03
CA ASN B 654 12.27 -53.65 -17.78
C ASN B 654 11.20 -53.29 -16.79
N MET B 655 11.20 -52.02 -16.39
CA MET B 655 10.15 -51.51 -15.52
C MET B 655 8.96 -51.13 -16.38
N ASP B 656 9.23 -50.83 -17.65
CA ASP B 656 8.17 -50.58 -18.61
C ASP B 656 7.61 -51.91 -19.08
N ALA B 657 8.51 -52.88 -19.24
CA ALA B 657 8.12 -54.24 -19.56
C ALA B 657 7.15 -54.83 -18.52
N LEU B 658 7.28 -54.39 -17.28
CA LEU B 658 6.39 -54.86 -16.22
C LEU B 658 5.00 -54.23 -16.33
N ALA B 659 4.96 -52.89 -16.36
CA ALA B 659 3.71 -52.16 -16.46
C ALA B 659 3.54 -51.58 -17.87
N SER C 22 30.65 58.99 -6.17
CA SER C 22 30.06 58.44 -4.95
C SER C 22 29.03 57.32 -5.14
N ARG C 23 29.17 56.25 -4.35
CA ARG C 23 28.53 54.97 -4.64
C ARG C 23 27.38 54.67 -3.69
N ASP C 24 26.48 53.79 -4.12
CA ASP C 24 25.32 53.45 -3.31
C ASP C 24 25.60 52.30 -2.34
N LEU C 25 25.80 52.63 -1.07
CA LEU C 25 26.02 51.61 -0.05
C LEU C 25 24.75 50.78 0.14
N GLN C 26 23.62 51.45 -0.02
CA GLN C 26 22.31 50.84 0.19
C GLN C 26 22.17 49.64 -0.72
N ASN C 27 22.06 49.89 -2.02
CA ASN C 27 21.92 48.84 -3.04
C ASN C 27 23.26 48.52 -3.68
N HIS C 28 23.90 47.45 -3.19
CA HIS C 28 25.28 47.14 -3.57
C HIS C 28 25.40 45.79 -4.23
N LEU C 29 26.63 45.40 -4.54
CA LEU C 29 26.94 44.19 -5.29
C LEU C 29 27.68 43.17 -4.41
N LEU C 30 27.36 41.88 -4.54
CA LEU C 30 28.03 40.86 -3.75
C LEU C 30 28.71 39.79 -4.59
N PHE C 31 30.03 39.64 -4.42
CA PHE C 31 30.78 38.57 -5.08
C PHE C 31 31.45 37.66 -4.06
N GLU C 32 30.90 36.46 -3.90
CA GLU C 32 31.44 35.53 -2.94
C GLU C 32 32.36 34.57 -3.70
N THR C 33 33.61 34.48 -3.26
CA THR C 33 34.61 33.68 -3.97
C THR C 33 35.16 32.55 -3.09
N ALA C 34 35.13 31.31 -3.59
CA ALA C 34 35.77 30.18 -2.91
C ALA C 34 36.16 29.10 -3.90
N THR C 35 37.11 28.24 -3.52
CA THR C 35 37.56 27.17 -4.39
C THR C 35 36.45 26.20 -4.72
N GLU C 36 35.47 26.12 -3.82
CA GLU C 36 34.45 25.07 -3.88
C GLU C 36 33.22 25.34 -4.77
N VAL C 37 32.97 26.61 -5.09
CA VAL C 37 31.74 26.98 -5.81
C VAL C 37 31.01 25.81 -6.48
N ALA C 38 31.34 25.44 -7.70
CA ALA C 38 30.54 24.38 -8.28
C ALA C 38 31.27 23.04 -8.31
N ASN C 39 31.95 22.69 -7.22
CA ASN C 39 32.55 21.36 -7.10
C ASN C 39 32.84 20.96 -5.66
N ARG C 40 32.17 19.90 -5.21
CA ARG C 40 32.42 19.37 -3.88
C ARG C 40 33.88 18.94 -3.80
N VAL C 41 34.65 19.66 -2.99
CA VAL C 41 36.02 19.31 -2.71
C VAL C 41 36.22 19.47 -1.22
N GLY C 42 35.53 20.46 -0.66
CA GLY C 42 35.59 20.73 0.77
C GLY C 42 34.22 20.62 1.43
N GLY C 43 34.13 21.22 2.62
CA GLY C 43 32.86 21.25 3.31
C GLY C 43 32.25 22.60 3.03
N ILE C 44 33.09 23.49 2.52
CA ILE C 44 32.63 24.83 2.18
C ILE C 44 31.57 24.77 1.11
N TYR C 45 31.73 23.81 0.21
CA TYR C 45 30.72 23.54 -0.79
C TYR C 45 29.36 23.49 -0.12
N SER C 46 29.27 22.73 0.96
CA SER C 46 28.02 22.62 1.69
C SER C 46 27.57 23.97 2.22
N VAL C 47 28.45 24.63 2.94
CA VAL C 47 28.14 25.97 3.44
C VAL C 47 27.53 26.83 2.34
N LEU C 48 28.30 27.11 1.30
CA LEU C 48 27.81 27.97 0.24
C LEU C 48 26.50 27.50 -0.38
N LYS C 49 26.37 26.19 -0.62
CA LYS C 49 25.20 25.65 -1.31
C LYS C 49 23.93 25.88 -0.49
N SER C 50 24.03 25.74 0.83
CA SER C 50 22.87 25.85 1.69
C SER C 50 22.58 27.29 2.10
N LYS C 51 23.52 28.19 1.84
CA LYS C 51 23.37 29.62 2.13
C LYS C 51 22.84 30.34 0.88
N ALA C 52 22.93 29.66 -0.26
CA ALA C 52 22.51 30.24 -1.52
C ALA C 52 21.08 30.76 -1.49
N PRO C 53 20.11 29.88 -1.19
CA PRO C 53 18.69 30.25 -1.16
C PRO C 53 18.40 31.55 -0.41
N ILE C 54 19.02 31.70 0.76
CA ILE C 54 18.78 32.90 1.55
C ILE C 54 19.40 34.13 0.93
N THR C 55 20.62 34.01 0.39
CA THR C 55 21.31 35.19 -0.14
C THR C 55 20.87 35.55 -1.57
N VAL C 56 20.34 34.58 -2.30
CA VAL C 56 19.76 34.87 -3.61
C VAL C 56 18.48 35.61 -3.36
N ALA C 57 17.77 35.18 -2.32
CA ALA C 57 16.53 35.82 -1.94
C ALA C 57 16.75 37.30 -1.66
N GLN C 58 17.82 37.60 -0.96
CA GLN C 58 18.13 38.99 -0.64
C GLN C 58 18.69 39.77 -1.83
N TYR C 59 19.76 39.26 -2.44
CA TYR C 59 20.50 40.02 -3.45
C TYR C 59 20.04 39.76 -4.88
N LYS C 60 19.06 38.88 -5.08
CA LYS C 60 18.72 38.41 -6.44
C LYS C 60 19.89 38.34 -7.44
N ASP C 61 19.80 39.11 -8.52
CA ASP C 61 20.81 39.03 -9.57
C ASP C 61 22.00 39.96 -9.35
N HIS C 62 22.11 40.54 -8.17
CA HIS C 62 23.27 41.35 -7.84
C HIS C 62 24.37 40.51 -7.22
N TYR C 63 24.02 39.25 -6.95
CA TYR C 63 24.91 38.32 -6.27
C TYR C 63 25.52 37.29 -7.23
N HIS C 64 26.83 37.23 -7.26
CA HIS C 64 27.51 36.20 -8.05
C HIS C 64 28.48 35.40 -7.18
N LEU C 65 28.53 34.09 -7.41
CA LEU C 65 29.57 33.27 -6.82
C LEU C 65 30.72 33.16 -7.83
N ILE C 66 31.96 33.27 -7.37
CA ILE C 66 33.12 33.14 -8.24
C ILE C 66 34.01 32.02 -7.78
N GLY C 67 34.53 31.24 -8.73
CA GLY C 67 35.47 30.19 -8.39
C GLY C 67 36.23 29.66 -9.60
N PRO C 68 37.17 28.75 -9.36
CA PRO C 68 37.89 28.10 -10.46
C PRO C 68 36.99 27.10 -11.16
N LEU C 69 37.04 27.07 -12.48
CA LEU C 69 36.29 26.06 -13.21
C LEU C 69 37.01 24.76 -13.05
N ASN C 70 36.23 23.72 -12.74
CA ASN C 70 36.72 22.34 -12.66
C ASN C 70 36.18 21.59 -13.85
N LYS C 71 37.01 21.43 -14.88
CA LYS C 71 36.57 20.90 -16.17
C LYS C 71 36.02 19.47 -16.07
N ALA C 72 36.12 18.87 -14.88
CA ALA C 72 35.73 17.49 -14.70
C ALA C 72 34.29 17.33 -14.22
N THR C 73 33.78 18.34 -13.54
CA THR C 73 32.49 18.23 -12.88
C THR C 73 31.51 19.33 -13.25
N TYR C 74 32.01 20.45 -13.73
CA TYR C 74 31.15 21.61 -13.92
C TYR C 74 29.91 21.29 -14.75
N GLN C 75 30.03 20.34 -15.67
CA GLN C 75 28.90 20.02 -16.54
C GLN C 75 27.71 19.36 -15.84
N ASN C 76 27.91 18.88 -14.62
CA ASN C 76 26.87 18.19 -13.87
C ASN C 76 26.18 19.14 -12.91
N GLU C 77 26.83 20.25 -12.62
CA GLU C 77 26.33 21.14 -11.58
C GLU C 77 25.89 22.49 -12.12
N VAL C 78 26.26 22.81 -13.34
CA VAL C 78 26.03 24.15 -13.87
C VAL C 78 25.17 24.25 -15.13
N ASP C 79 24.08 24.98 -14.99
CA ASP C 79 23.28 25.37 -16.15
C ASP C 79 24.09 26.42 -16.89
N ILE C 80 24.70 26.04 -17.99
CA ILE C 80 25.49 27.01 -18.74
C ILE C 80 24.59 28.04 -19.43
N LEU C 81 24.98 29.31 -19.34
CA LEU C 81 24.20 30.39 -19.91
C LEU C 81 25.01 31.18 -20.90
N ASP C 82 24.31 31.82 -21.84
CA ASP C 82 24.95 32.73 -22.78
C ASP C 82 24.97 34.13 -22.18
N TRP C 83 26.15 34.57 -21.79
CA TRP C 83 26.31 35.80 -21.06
C TRP C 83 26.42 36.99 -22.01
N LYS C 84 26.41 36.72 -23.31
CA LYS C 84 26.56 37.79 -24.30
C LYS C 84 25.24 38.37 -24.77
N LYS C 85 24.17 37.60 -24.71
CA LYS C 85 22.86 38.12 -25.11
C LYS C 85 22.55 39.34 -24.27
N PRO C 86 22.02 40.39 -24.91
CA PRO C 86 21.63 41.60 -24.19
C PRO C 86 20.70 41.28 -23.03
N GLU C 87 19.97 40.18 -23.14
CA GLU C 87 19.02 39.78 -22.11
C GLU C 87 19.68 39.29 -20.82
N ALA C 88 20.93 38.84 -20.92
CA ALA C 88 21.59 38.19 -19.79
C ALA C 88 21.73 39.04 -18.50
N PHE C 89 21.69 40.36 -18.66
CA PHE C 89 21.87 41.30 -17.55
C PHE C 89 20.89 42.48 -17.57
N SER C 90 20.35 42.83 -16.41
CA SER C 90 19.55 44.05 -16.27
C SER C 90 20.43 45.19 -16.68
N ASP C 91 19.84 46.32 -17.03
CA ASP C 91 20.67 47.42 -17.46
C ASP C 91 21.54 47.92 -16.32
N GLU C 92 21.01 47.95 -15.10
CA GLU C 92 21.81 48.41 -13.96
C GLU C 92 22.97 47.47 -13.69
N MET C 93 22.86 46.23 -14.17
CA MET C 93 23.91 45.22 -14.02
C MET C 93 24.81 45.09 -15.24
N ARG C 94 24.59 45.93 -16.26
CA ARG C 94 25.44 45.97 -17.44
C ARG C 94 26.90 45.79 -17.15
N PRO C 95 27.47 46.59 -16.22
CA PRO C 95 28.90 46.67 -15.97
C PRO C 95 29.54 45.32 -15.86
N VAL C 96 28.94 44.42 -15.10
CA VAL C 96 29.48 43.08 -14.97
C VAL C 96 29.61 42.39 -16.35
N GLN C 97 28.67 42.62 -17.24
CA GLN C 97 28.69 41.98 -18.53
C GLN C 97 29.89 42.47 -19.31
N HIS C 98 30.06 43.79 -19.38
CA HIS C 98 31.16 44.40 -20.10
C HIS C 98 32.47 43.98 -19.48
N ALA C 99 32.49 43.82 -18.17
CA ALA C 99 33.64 43.33 -17.44
C ALA C 99 34.05 41.98 -18.01
N LEU C 100 33.11 41.06 -18.12
CA LEU C 100 33.40 39.77 -18.72
C LEU C 100 33.81 39.93 -20.18
N GLN C 101 33.10 40.77 -20.91
CA GLN C 101 33.49 41.07 -22.29
C GLN C 101 34.97 41.41 -22.34
N THR C 102 35.38 42.42 -21.56
CA THR C 102 36.78 42.85 -21.46
C THR C 102 37.69 41.70 -21.12
N MET C 103 37.27 40.90 -20.16
CA MET C 103 38.07 39.76 -19.70
C MET C 103 38.31 38.76 -20.82
N GLU C 104 37.34 38.61 -21.69
CA GLU C 104 37.48 37.70 -22.82
C GLU C 104 38.48 38.22 -23.86
N SER C 105 38.47 39.53 -24.06
CA SER C 105 39.40 40.20 -24.97
C SER C 105 40.80 39.74 -24.70
N ARG C 106 41.22 39.91 -23.45
CA ARG C 106 42.60 39.65 -23.04
C ARG C 106 42.89 38.15 -22.94
N GLY C 107 41.89 37.32 -23.27
CA GLY C 107 42.09 35.90 -23.48
C GLY C 107 41.77 35.00 -22.30
N VAL C 108 40.98 35.50 -21.36
CA VAL C 108 40.59 34.76 -20.19
C VAL C 108 39.30 34.03 -20.49
N HIS C 109 39.24 32.74 -20.21
CA HIS C 109 38.05 31.94 -20.51
C HIS C 109 37.31 31.51 -19.26
N PHE C 110 36.00 31.41 -19.34
CA PHE C 110 35.19 31.19 -18.16
C PHE C 110 33.80 30.72 -18.52
N VAL C 111 33.10 30.14 -17.54
CA VAL C 111 31.73 29.70 -17.71
C VAL C 111 30.81 30.60 -16.91
N TYR C 112 29.83 31.22 -17.56
CA TYR C 112 28.80 31.96 -16.86
C TYR C 112 27.68 31.01 -16.83
N GLY C 113 26.97 30.98 -15.71
CA GLY C 113 25.83 30.09 -15.57
C GLY C 113 25.16 30.12 -14.21
N ARG C 114 24.06 29.38 -14.10
CA ARG C 114 23.36 29.14 -12.85
C ARG C 114 23.91 27.87 -12.24
N TRP C 115 24.15 27.89 -10.93
CA TRP C 115 24.56 26.69 -10.22
C TRP C 115 23.30 25.95 -9.80
N LEU C 116 23.17 24.70 -10.24
CA LEU C 116 21.89 23.98 -10.11
C LEU C 116 21.58 23.52 -8.68
N ILE C 117 21.47 24.46 -7.74
CA ILE C 117 20.98 24.16 -6.41
C ILE C 117 19.68 24.90 -6.16
N GLU C 118 19.08 24.65 -5.01
CA GLU C 118 17.98 25.47 -4.55
C GLU C 118 18.59 26.81 -4.31
N GLY C 119 18.02 27.82 -4.95
CA GLY C 119 18.56 29.17 -4.99
C GLY C 119 18.91 29.56 -6.41
N ALA C 120 19.60 28.65 -7.09
CA ALA C 120 20.05 28.83 -8.47
C ALA C 120 20.77 30.15 -8.68
N PRO C 121 21.79 30.40 -7.85
CA PRO C 121 22.57 31.64 -7.89
C PRO C 121 23.44 31.69 -9.15
N LYS C 122 23.70 32.87 -9.67
CA LYS C 122 24.50 32.96 -10.88
C LYS C 122 25.97 32.82 -10.49
N VAL C 123 26.73 32.18 -11.38
CA VAL C 123 28.07 31.70 -11.05
C VAL C 123 29.03 32.08 -12.16
N ILE C 124 30.23 32.54 -11.78
CA ILE C 124 31.30 32.80 -12.74
C ILE C 124 32.48 31.88 -12.47
N LEU C 125 32.79 30.98 -13.41
CA LEU C 125 33.80 29.97 -13.18
C LEU C 125 34.98 30.15 -14.11
N PHE C 126 36.07 30.75 -13.63
CA PHE C 126 37.23 31.07 -14.47
C PHE C 126 38.05 29.86 -14.86
N ASP C 127 38.36 29.76 -16.14
CA ASP C 127 39.12 28.64 -16.66
C ASP C 127 40.61 28.87 -16.40
N LEU C 128 41.11 28.34 -15.29
CA LEU C 128 42.48 28.61 -14.88
C LEU C 128 43.54 28.29 -15.91
N ASP C 129 43.19 27.51 -16.93
CA ASP C 129 44.13 27.14 -17.99
C ASP C 129 44.41 28.29 -18.94
N SER C 130 43.37 29.07 -19.22
CA SER C 130 43.43 30.13 -20.19
C SER C 130 44.20 31.31 -19.67
N VAL C 131 44.95 31.10 -18.60
CA VAL C 131 45.60 32.18 -17.87
C VAL C 131 46.86 31.65 -17.22
N ARG C 132 47.05 30.34 -17.34
CA ARG C 132 48.20 29.65 -16.78
C ARG C 132 49.53 30.17 -17.31
N GLY C 133 49.49 30.96 -18.39
CA GLY C 133 50.69 31.54 -18.99
C GLY C 133 51.32 32.63 -18.14
N TYR C 134 50.50 33.61 -17.78
CA TYR C 134 50.89 34.65 -16.85
C TYR C 134 51.44 34.10 -15.51
N SER C 135 51.55 32.77 -15.38
CA SER C 135 51.95 32.14 -14.11
C SER C 135 53.27 32.65 -13.55
N ASN C 136 54.31 32.67 -14.37
CA ASN C 136 55.61 33.06 -13.88
C ASN C 136 55.66 34.55 -13.55
N GLU C 137 55.08 35.36 -14.42
CA GLU C 137 55.01 36.78 -14.16
C GLU C 137 54.33 37.06 -12.82
N TRP C 138 53.24 36.35 -12.56
CA TRP C 138 52.44 36.56 -11.37
C TRP C 138 53.11 36.05 -10.10
N LYS C 139 53.64 34.83 -10.13
CA LYS C 139 54.34 34.27 -8.96
C LYS C 139 55.37 35.29 -8.48
N GLY C 140 55.98 35.96 -9.46
CA GLY C 140 56.95 37.01 -9.20
C GLY C 140 56.31 38.22 -8.54
N ASP C 141 55.32 38.79 -9.22
CA ASP C 141 54.63 39.97 -8.70
C ASP C 141 54.19 39.74 -7.27
N LEU C 142 53.73 38.54 -6.97
CA LEU C 142 53.22 38.23 -5.64
C LEU C 142 54.34 38.35 -4.61
N TRP C 143 55.45 37.68 -4.88
CA TRP C 143 56.63 37.73 -4.03
C TRP C 143 57.05 39.16 -3.72
N SER C 144 57.02 40.01 -4.74
CA SER C 144 57.48 41.38 -4.58
C SER C 144 56.35 42.38 -4.30
N LEU C 145 55.29 41.93 -3.63
CA LEU C 145 54.24 42.83 -3.13
C LEU C 145 53.83 42.35 -1.76
N VAL C 146 54.04 41.07 -1.50
CA VAL C 146 53.58 40.49 -0.26
C VAL C 146 54.61 39.49 0.28
N GLY C 147 55.66 39.27 -0.51
CA GLY C 147 56.73 38.37 -0.10
C GLY C 147 56.26 36.94 0.11
N ILE C 148 55.30 36.51 -0.69
CA ILE C 148 54.78 35.17 -0.59
C ILE C 148 55.51 34.22 -1.53
N PRO C 149 56.38 33.35 -0.96
CA PRO C 149 57.15 32.36 -1.70
C PRO C 149 56.20 31.41 -2.42
N SER C 150 56.68 30.70 -3.43
CA SER C 150 55.81 29.84 -4.22
C SER C 150 56.57 28.74 -4.93
N PRO C 151 56.85 27.63 -4.23
CA PRO C 151 57.54 26.51 -4.87
C PRO C 151 56.72 26.05 -6.07
N GLU C 152 57.36 25.45 -7.06
CA GLU C 152 56.66 25.08 -8.28
C GLU C 152 56.05 23.71 -8.23
N ASN C 153 56.34 22.96 -7.17
CA ASN C 153 55.75 21.63 -7.00
C ASN C 153 54.46 21.62 -6.18
N ASP C 154 54.00 22.81 -5.78
CA ASP C 154 52.74 22.95 -5.07
C ASP C 154 51.68 23.42 -6.03
N PHE C 155 50.88 22.49 -6.54
CA PHE C 155 49.90 22.80 -7.56
C PHE C 155 48.70 23.54 -7.00
N GLU C 156 48.34 23.29 -5.75
CA GLU C 156 47.23 23.99 -5.12
C GLU C 156 47.48 25.49 -5.01
N THR C 157 48.68 25.89 -4.64
CA THR C 157 49.00 27.31 -4.54
C THR C 157 49.21 27.97 -5.91
N ASN C 158 49.74 27.23 -6.88
CA ASN C 158 49.77 27.73 -8.25
C ASN C 158 48.37 28.13 -8.68
N ASP C 159 47.43 27.19 -8.52
CA ASP C 159 46.03 27.42 -8.81
C ASP C 159 45.47 28.54 -7.94
N ALA C 160 45.90 28.60 -6.70
CA ALA C 160 45.40 29.60 -5.79
C ALA C 160 45.88 30.97 -6.21
N ILE C 161 47.09 31.05 -6.75
CA ILE C 161 47.61 32.32 -7.25
C ILE C 161 46.91 32.67 -8.54
N LEU C 162 46.80 31.70 -9.44
CA LEU C 162 46.13 31.92 -10.71
C LEU C 162 44.73 32.44 -10.48
N LEU C 163 44.00 31.79 -9.58
CA LEU C 163 42.64 32.22 -9.24
C LEU C 163 42.64 33.63 -8.67
N GLY C 164 43.55 33.87 -7.75
CA GLY C 164 43.67 35.17 -7.12
C GLY C 164 43.88 36.30 -8.11
N TYR C 165 44.89 36.20 -8.96
CA TYR C 165 45.21 37.26 -9.90
C TYR C 165 44.08 37.53 -10.87
N THR C 166 43.39 36.48 -11.25
CA THR C 166 42.30 36.59 -12.20
C THR C 166 41.12 37.29 -11.57
N VAL C 167 40.79 36.93 -10.34
CA VAL C 167 39.63 37.47 -9.67
C VAL C 167 39.87 38.92 -9.32
N ALA C 168 41.04 39.22 -8.78
CA ALA C 168 41.41 40.58 -8.47
C ALA C 168 41.25 41.44 -9.71
N TRP C 169 41.75 40.89 -10.83
CA TRP C 169 41.65 41.47 -12.18
C TRP C 169 40.20 41.73 -12.61
N PHE C 170 39.33 40.76 -12.39
CA PHE C 170 37.93 40.86 -12.75
C PHE C 170 37.18 41.85 -11.87
N LEU C 171 37.64 42.02 -10.65
CA LEU C 171 37.00 43.00 -9.76
C LEU C 171 37.50 44.38 -10.13
N GLY C 172 38.77 44.47 -10.47
CA GLY C 172 39.34 45.70 -10.97
C GLY C 172 38.49 46.27 -12.08
N GLU C 173 38.11 45.41 -13.01
CA GLU C 173 37.30 45.79 -14.16
C GLU C 173 35.90 46.24 -13.79
N VAL C 174 35.27 45.53 -12.85
CA VAL C 174 33.91 45.84 -12.43
C VAL C 174 33.86 47.16 -11.69
N ALA C 175 34.81 47.35 -10.77
CA ALA C 175 34.96 48.60 -10.01
C ALA C 175 35.18 49.76 -10.96
N HIS C 176 35.88 49.47 -12.06
CA HIS C 176 36.11 50.47 -13.11
C HIS C 176 34.82 50.83 -13.84
N LEU C 177 34.13 49.82 -14.36
CA LEU C 177 32.98 50.05 -15.22
C LEU C 177 31.71 50.46 -14.49
N ASP C 178 31.48 49.88 -13.32
CA ASP C 178 30.30 50.21 -12.51
C ASP C 178 30.58 51.40 -11.59
N SER C 179 29.69 52.39 -11.62
CA SER C 179 29.90 53.60 -10.81
C SER C 179 28.69 53.93 -9.95
N GLN C 180 27.69 53.05 -9.97
CA GLN C 180 26.46 53.22 -9.21
C GLN C 180 26.47 52.44 -7.88
N HIS C 181 26.85 51.17 -7.92
CA HIS C 181 26.83 50.32 -6.74
C HIS C 181 28.18 50.31 -6.06
N ALA C 182 28.17 50.24 -4.73
CA ALA C 182 29.36 49.93 -3.96
C ALA C 182 29.59 48.46 -4.22
N ILE C 183 30.79 47.95 -3.98
CA ILE C 183 31.06 46.54 -4.31
C ILE C 183 31.71 45.77 -3.18
N VAL C 184 30.99 44.84 -2.59
CA VAL C 184 31.58 44.00 -1.54
C VAL C 184 31.98 42.60 -2.05
N ALA C 185 33.22 42.20 -1.77
CA ALA C 185 33.73 40.93 -2.25
C ALA C 185 34.19 40.02 -1.11
N HIS C 186 33.48 38.91 -0.92
CA HIS C 186 33.72 37.96 0.16
C HIS C 186 34.59 36.80 -0.34
N PHE C 187 35.62 36.44 0.44
CA PHE C 187 36.47 35.29 0.08
C PHE C 187 36.53 34.24 1.20
N HIS C 188 36.34 32.97 0.86
CA HIS C 188 36.35 31.90 1.87
C HIS C 188 37.60 31.02 1.75
N GLU C 189 38.39 30.99 2.82
CA GLU C 189 39.56 30.11 2.95
C GLU C 189 40.79 30.55 2.12
N TRP C 190 41.98 30.12 2.55
CA TRP C 190 43.21 30.64 1.97
C TRP C 190 43.42 30.44 0.47
N LEU C 191 42.90 29.35 -0.08
CA LEU C 191 43.06 29.03 -1.50
C LEU C 191 42.39 30.07 -2.41
N ALA C 192 41.35 30.72 -1.92
CA ALA C 192 40.69 31.76 -2.67
C ALA C 192 41.14 33.13 -2.16
N GLY C 193 42.26 33.15 -1.45
CA GLY C 193 42.61 34.35 -0.72
C GLY C 193 43.81 35.13 -1.23
N VAL C 194 44.34 34.73 -2.37
CA VAL C 194 45.45 35.48 -2.93
C VAL C 194 44.94 36.81 -3.48
N ALA C 195 43.68 36.85 -3.88
CA ALA C 195 43.09 38.05 -4.45
C ALA C 195 43.06 39.21 -3.46
N LEU C 196 43.18 38.91 -2.17
CA LEU C 196 42.97 39.92 -1.13
C LEU C 196 44.10 40.93 -1.01
N PRO C 197 45.35 40.46 -0.96
CA PRO C 197 46.48 41.41 -0.97
C PRO C 197 46.40 42.35 -2.16
N LEU C 198 46.32 41.79 -3.34
CA LEU C 198 46.21 42.58 -4.54
C LEU C 198 45.18 43.69 -4.41
N CYS C 199 43.98 43.37 -3.97
CA CYS C 199 42.94 44.39 -3.86
C CYS C 199 43.35 45.59 -3.00
N ARG C 200 43.92 45.30 -1.82
CA ARG C 200 44.40 46.34 -0.92
C ARG C 200 45.57 47.08 -1.53
N LYS C 201 46.53 46.34 -2.09
CA LYS C 201 47.69 46.97 -2.72
C LYS C 201 47.30 47.91 -3.89
N ARG C 202 46.57 47.39 -4.86
CA ARG C 202 46.12 48.18 -6.01
C ARG C 202 45.02 49.19 -5.68
N ARG C 203 44.66 49.30 -4.40
CA ARG C 203 43.62 50.23 -3.96
C ARG C 203 42.38 50.18 -4.88
N ILE C 204 41.96 48.97 -5.23
CA ILE C 204 40.76 48.72 -6.03
C ILE C 204 39.56 49.18 -5.22
N ASP C 205 38.52 49.71 -5.86
CA ASP C 205 37.36 50.18 -5.06
C ASP C 205 36.29 49.11 -4.67
N VAL C 206 36.71 48.13 -3.89
CA VAL C 206 35.79 47.14 -3.34
C VAL C 206 36.12 46.96 -1.88
N VAL C 207 35.12 46.76 -1.04
CA VAL C 207 35.36 46.39 0.35
C VAL C 207 35.40 44.86 0.49
N THR C 208 36.39 44.36 1.22
CA THR C 208 36.69 42.93 1.17
C THR C 208 36.47 42.23 2.52
N ILE C 209 35.90 41.03 2.47
CA ILE C 209 35.73 40.18 3.65
C ILE C 209 36.42 38.82 3.49
N PHE C 210 37.24 38.43 4.45
CA PHE C 210 37.87 37.12 4.41
C PHE C 210 37.39 36.26 5.57
N THR C 211 36.77 35.13 5.26
CA THR C 211 36.39 34.16 6.28
C THR C 211 37.29 32.94 6.21
N THR C 212 37.71 32.45 7.36
CA THR C 212 38.53 31.26 7.38
C THR C 212 37.82 30.17 8.21
N HIS C 213 37.65 29.00 7.62
CA HIS C 213 36.89 27.91 8.21
C HIS C 213 37.76 26.94 8.97
N ALA C 214 38.93 27.40 9.40
CA ALA C 214 39.94 26.54 9.99
C ALA C 214 41.20 27.33 9.80
N THR C 215 42.29 26.86 10.38
CA THR C 215 43.57 27.50 10.10
C THR C 215 44.53 26.42 9.61
N LEU C 216 45.59 26.82 8.89
CA LEU C 216 46.52 25.84 8.39
C LEU C 216 47.27 25.16 9.51
N LEU C 217 47.77 25.96 10.44
CA LEU C 217 48.52 25.42 11.57
C LEU C 217 47.66 24.61 12.55
N GLY C 218 46.43 25.04 12.74
CA GLY C 218 45.48 24.29 13.54
C GLY C 218 45.43 22.85 13.07
N ARG C 219 45.08 22.65 11.79
CA ARG C 219 45.02 21.30 11.23
C ARG C 219 46.32 20.54 11.46
N TYR C 220 47.44 21.13 11.04
CA TYR C 220 48.72 20.43 11.08
C TYR C 220 49.25 20.07 12.48
N LEU C 221 48.94 20.88 13.48
CA LEU C 221 49.38 20.57 14.84
C LEU C 221 48.57 19.40 15.38
N CYS C 222 47.25 19.47 15.26
CA CYS C 222 46.36 18.46 15.82
C CYS C 222 46.42 17.09 15.14
N ALA C 223 47.13 17.00 14.02
CA ALA C 223 47.20 15.75 13.26
C ALA C 223 48.19 14.72 13.83
N SER C 224 48.73 15.00 15.03
CA SER C 224 49.64 14.07 15.71
C SER C 224 49.04 13.37 16.97
N GLY C 225 48.43 14.13 17.87
CA GLY C 225 47.79 13.58 19.06
C GLY C 225 48.19 14.25 20.37
N ASP C 228 49.58 18.31 21.90
CA ASP C 228 48.51 19.09 22.53
C ASP C 228 48.35 20.42 21.81
N PHE C 229 47.19 21.02 22.01
CA PHE C 229 46.78 22.19 21.24
C PHE C 229 46.28 23.32 22.14
N TYR C 230 44.97 23.29 22.42
CA TYR C 230 44.27 24.48 22.92
C TYR C 230 44.92 25.22 24.09
N ASN C 231 45.84 24.53 24.77
CA ASN C 231 46.60 25.17 25.82
C ASN C 231 47.79 25.94 25.27
N CYS C 232 48.82 25.19 24.85
CA CYS C 232 50.09 25.77 24.46
C CYS C 232 50.14 26.34 23.02
N LEU C 233 48.96 26.65 22.46
CA LEU C 233 48.91 27.19 21.11
C LEU C 233 49.18 28.69 21.14
N GLU C 234 49.04 29.28 22.31
CA GLU C 234 49.16 30.72 22.44
C GLU C 234 50.62 31.08 22.53
N SER C 235 51.50 30.11 22.31
CA SER C 235 52.90 30.30 22.66
C SER C 235 53.84 29.59 21.69
N VAL C 236 53.34 29.27 20.52
CA VAL C 236 54.13 28.55 19.53
C VAL C 236 54.70 29.54 18.53
N ASP C 237 55.92 29.26 18.06
CA ASP C 237 56.53 30.13 17.06
C ASP C 237 55.95 29.80 15.67
N VAL C 238 55.03 30.64 15.22
CA VAL C 238 54.29 30.36 13.99
C VAL C 238 55.23 30.20 12.81
N ASP C 239 56.07 31.21 12.60
CA ASP C 239 57.01 31.14 11.49
C ASP C 239 57.88 29.87 11.47
N HIS C 240 58.14 29.29 12.63
CA HIS C 240 59.00 28.11 12.70
C HIS C 240 58.20 26.82 12.50
N GLU C 241 57.02 26.76 13.11
CA GLU C 241 56.20 25.56 13.00
C GLU C 241 55.69 25.38 11.57
N ALA C 242 55.27 26.48 10.95
CA ALA C 242 54.88 26.47 9.55
C ALA C 242 56.03 25.92 8.71
N GLY C 243 57.25 26.35 9.03
CA GLY C 243 58.43 25.79 8.39
C GLY C 243 58.52 24.29 8.63
N ARG C 244 58.54 23.90 9.90
CA ARG C 244 58.69 22.49 10.28
C ARG C 244 57.78 21.56 9.46
N PHE C 245 56.61 22.05 9.04
CA PHE C 245 55.67 21.22 8.31
C PHE C 245 55.78 21.32 6.79
N GLY C 246 56.56 22.29 6.31
CA GLY C 246 56.72 22.52 4.89
C GLY C 246 55.54 23.29 4.35
N ILE C 247 55.03 24.17 5.19
CA ILE C 247 53.75 24.81 4.97
C ILE C 247 53.93 26.31 4.81
N TYR C 248 55.17 26.78 4.90
CA TYR C 248 55.40 28.20 5.04
C TYR C 248 54.63 29.06 4.04
N HIS C 249 54.82 28.78 2.76
CA HIS C 249 54.22 29.59 1.70
C HIS C 249 52.68 29.61 1.77
N ARG C 250 52.10 28.49 2.16
CA ARG C 250 50.66 28.41 2.33
C ARG C 250 50.24 29.27 3.51
N TYR C 251 50.96 29.12 4.62
CA TYR C 251 50.71 29.91 5.82
C TYR C 251 50.78 31.39 5.50
N CYS C 252 51.73 31.79 4.65
CA CYS C 252 51.90 33.19 4.29
C CYS C 252 50.68 33.73 3.56
N ILE C 253 50.09 32.91 2.69
CA ILE C 253 48.90 33.31 1.98
C ILE C 253 47.72 33.45 2.94
N GLU C 254 47.56 32.47 3.84
CA GLU C 254 46.46 32.49 4.78
C GLU C 254 46.57 33.75 5.64
N ARG C 255 47.81 34.09 5.99
CA ARG C 255 48.06 35.25 6.84
C ARG C 255 47.77 36.53 6.06
N ALA C 256 48.39 36.65 4.89
CA ALA C 256 48.21 37.80 4.02
C ALA C 256 46.73 38.04 3.80
N ALA C 257 46.01 36.97 3.48
CA ALA C 257 44.57 37.05 3.31
C ALA C 257 43.91 37.74 4.51
N ALA C 258 44.28 37.30 5.72
CA ALA C 258 43.63 37.74 6.96
C ALA C 258 43.93 39.18 7.26
N HIS C 259 45.09 39.66 6.84
CA HIS C 259 45.45 41.04 7.15
C HIS C 259 45.00 42.05 6.10
N SER C 260 44.93 41.63 4.84
CA SER C 260 44.55 42.55 3.77
C SER C 260 43.06 42.84 3.78
N ALA C 261 42.28 41.92 4.34
CA ALA C 261 40.84 42.03 4.27
C ALA C 261 40.37 43.16 5.17
N ASP C 262 39.28 43.81 4.75
CA ASP C 262 38.70 44.89 5.53
C ASP C 262 37.99 44.35 6.77
N VAL C 263 37.38 43.17 6.62
CA VAL C 263 36.76 42.49 7.73
C VAL C 263 37.26 41.05 7.77
N PHE C 264 37.82 40.65 8.91
CA PHE C 264 38.31 39.28 9.05
C PHE C 264 37.41 38.46 9.98
N THR C 265 36.93 37.31 9.52
CA THR C 265 36.01 36.50 10.31
C THR C 265 36.40 35.03 10.33
N THR C 266 35.76 34.25 11.21
CA THR C 266 35.87 32.78 11.17
C THR C 266 34.49 32.21 11.44
N VAL C 267 34.35 30.89 11.24
CA VAL C 267 33.06 30.20 11.38
C VAL C 267 32.61 30.01 12.82
N SER C 268 33.58 29.94 13.74
CA SER C 268 33.27 29.58 15.10
C SER C 268 34.02 30.42 16.12
N GLN C 269 33.44 30.52 17.32
CA GLN C 269 34.11 31.18 18.43
C GLN C 269 35.47 30.56 18.73
N ILE C 270 35.49 29.23 18.85
CA ILE C 270 36.69 28.49 19.18
C ILE C 270 37.79 28.68 18.13
N THR C 271 37.43 28.60 16.85
CA THR C 271 38.39 28.82 15.77
C THR C 271 38.93 30.26 15.75
N ALA C 272 38.13 31.19 16.26
CA ALA C 272 38.51 32.60 16.26
C ALA C 272 39.66 32.85 17.24
N PHE C 273 39.65 32.10 18.32
CA PHE C 273 40.71 32.18 19.34
C PHE C 273 41.98 31.59 18.73
N GLU C 274 41.81 30.42 18.12
CA GLU C 274 42.85 29.74 17.39
C GLU C 274 43.43 30.70 16.36
N ALA C 275 42.54 31.42 15.68
CA ALA C 275 42.94 32.29 14.58
C ALA C 275 43.75 33.47 15.08
N GLU C 276 43.28 34.08 16.15
CA GLU C 276 43.89 35.27 16.71
C GLU C 276 45.38 35.03 16.99
N HIS C 277 45.69 33.93 17.64
CA HIS C 277 47.07 33.67 18.06
C HIS C 277 47.92 33.08 16.95
N LEU C 278 47.28 32.38 16.02
CA LEU C 278 48.01 31.68 14.95
C LEU C 278 48.24 32.52 13.67
N LEU C 279 47.26 33.35 13.30
CA LEU C 279 47.39 34.20 12.12
C LEU C 279 47.78 35.59 12.55
N LYS C 280 47.54 35.89 13.82
CA LYS C 280 47.91 37.17 14.42
C LYS C 280 46.97 38.31 14.00
N ARG C 281 45.67 38.04 13.98
CA ARG C 281 44.68 39.10 13.90
C ARG C 281 43.39 38.65 14.56
N LYS C 282 42.82 39.55 15.36
CA LYS C 282 41.58 39.23 16.04
C LYS C 282 40.39 39.37 15.11
N PRO C 283 39.69 38.25 14.88
CA PRO C 283 38.47 38.21 14.07
C PRO C 283 37.48 39.28 14.51
N ASP C 284 36.89 39.97 13.55
CA ASP C 284 35.93 41.03 13.85
C ASP C 284 34.56 40.46 14.13
N GLY C 285 34.45 39.14 13.99
CA GLY C 285 33.18 38.47 14.18
C GLY C 285 33.15 37.00 13.80
N ILE C 286 32.01 36.38 14.06
CA ILE C 286 31.83 34.96 13.81
C ILE C 286 30.77 34.79 12.75
N LEU C 287 30.99 33.85 11.85
CA LEU C 287 29.99 33.53 10.84
C LEU C 287 29.64 32.04 10.88
N PRO C 288 28.82 31.66 11.88
CA PRO C 288 28.45 30.27 12.14
C PRO C 288 27.64 29.68 11.00
N ASN C 289 27.82 28.41 10.73
CA ASN C 289 27.15 27.78 9.60
C ASN C 289 25.73 27.32 9.94
N GLY C 290 24.73 27.87 9.27
CA GLY C 290 23.37 27.40 9.45
C GLY C 290 23.03 26.36 8.41
N LEU C 291 21.81 25.81 8.46
CA LEU C 291 21.38 24.81 7.49
C LEU C 291 20.09 25.23 6.82
N ASN C 292 19.72 24.54 5.74
CA ASN C 292 18.42 24.74 5.13
C ASN C 292 17.37 23.84 5.81
N VAL C 293 16.95 24.24 7.01
CA VAL C 293 16.17 23.36 7.89
C VAL C 293 14.94 22.70 7.26
N ILE C 294 14.31 23.40 6.32
CA ILE C 294 13.15 22.87 5.62
C ILE C 294 13.51 21.55 4.90
N LYS C 295 14.78 21.44 4.54
CA LYS C 295 15.31 20.30 3.78
C LYS C 295 15.38 19.00 4.62
N PHE C 296 15.02 19.09 5.90
CA PHE C 296 14.95 17.92 6.76
C PHE C 296 13.49 17.57 7.10
N GLN C 297 12.81 18.49 7.78
CA GLN C 297 11.46 18.23 8.23
C GLN C 297 10.40 18.71 7.22
N LEU C 305 7.62 9.96 12.90
CA LEU C 305 8.94 9.47 12.47
C LEU C 305 9.89 8.62 13.32
N HIS C 306 10.34 9.15 14.46
CA HIS C 306 11.35 8.46 15.26
C HIS C 306 11.02 7.00 15.53
N ALA C 307 9.78 6.72 15.92
CA ALA C 307 9.34 5.33 16.13
C ALA C 307 9.44 4.51 14.86
N LEU C 308 8.93 5.05 13.76
CA LEU C 308 8.93 4.36 12.48
C LEU C 308 10.34 3.93 12.05
N LYS C 309 11.32 4.76 12.39
CA LYS C 309 12.71 4.55 11.97
C LYS C 309 13.47 3.70 12.98
N LYS C 310 13.16 3.88 14.26
CA LYS C 310 13.74 3.03 15.29
C LYS C 310 13.45 1.56 14.98
N GLU C 311 12.29 1.29 14.38
CA GLU C 311 11.88 -0.07 14.05
C GLU C 311 12.75 -0.71 12.98
N LYS C 312 13.14 0.07 11.98
CA LYS C 312 14.10 -0.38 10.98
C LYS C 312 15.44 -0.78 11.63
N ILE C 313 15.88 0.00 12.62
CA ILE C 313 17.07 -0.32 13.42
C ILE C 313 16.89 -1.54 14.30
N ASN C 314 15.73 -1.68 14.91
CA ASN C 314 15.42 -2.90 15.62
C ASN C 314 15.63 -4.10 14.72
N ASP C 315 15.03 -4.04 13.53
CA ASP C 315 15.16 -5.08 12.54
C ASP C 315 16.63 -5.46 12.27
N PHE C 316 17.52 -4.47 12.26
CA PHE C 316 18.94 -4.79 12.06
C PHE C 316 19.56 -5.45 13.29
N VAL C 317 19.33 -4.89 14.46
CA VAL C 317 19.85 -5.45 15.70
C VAL C 317 19.44 -6.91 15.94
N ARG C 318 18.26 -7.28 15.47
CA ARG C 318 17.79 -8.66 15.62
C ARG C 318 18.52 -9.61 14.69
N GLY C 319 18.71 -9.17 13.45
CA GLY C 319 19.44 -9.99 12.50
C GLY C 319 20.91 -10.12 12.87
N HIS C 320 21.38 -9.21 13.71
CA HIS C 320 22.81 -9.17 14.01
C HIS C 320 23.14 -9.98 15.24
N PHE C 321 22.28 -9.91 16.24
CA PHE C 321 22.48 -10.68 17.46
C PHE C 321 21.70 -11.99 17.42
N HIS C 322 21.31 -12.43 16.23
CA HIS C 322 20.57 -13.68 16.11
C HIS C 322 21.31 -14.79 16.83
N GLY C 323 20.56 -15.70 17.45
CA GLY C 323 21.17 -16.82 18.15
C GLY C 323 21.68 -16.49 19.54
N CYS C 324 21.64 -15.22 19.92
CA CYS C 324 21.92 -14.84 21.31
C CYS C 324 21.37 -13.44 21.62
N PHE C 325 20.06 -13.33 21.44
CA PHE C 325 19.34 -12.09 21.64
C PHE C 325 18.73 -12.03 23.05
N ASP C 326 19.55 -11.61 24.00
CA ASP C 326 19.23 -11.72 25.43
C ASP C 326 18.78 -10.44 26.14
N PHE C 327 18.37 -9.42 25.40
CA PHE C 327 17.98 -8.15 26.03
C PHE C 327 16.66 -7.61 25.48
N ASP C 328 16.09 -6.63 26.19
CA ASP C 328 14.78 -6.09 25.81
C ASP C 328 14.88 -4.82 24.95
N LEU C 329 14.44 -4.93 23.70
CA LEU C 329 14.52 -3.79 22.80
C LEU C 329 13.68 -2.60 23.29
N ASP C 330 12.63 -2.90 24.03
CA ASP C 330 11.82 -1.87 24.69
C ASP C 330 12.60 -1.19 25.81
N ASN C 331 13.81 -1.69 26.07
CA ASN C 331 14.60 -1.20 27.17
C ASN C 331 16.06 -1.02 26.77
N THR C 332 16.30 -0.82 25.47
CA THR C 332 17.64 -0.53 24.97
C THR C 332 17.71 0.82 24.27
N LEU C 333 18.83 1.49 24.43
CA LEU C 333 19.06 2.80 23.81
C LEU C 333 20.11 2.74 22.67
N TYR C 334 19.89 3.51 21.61
CA TYR C 334 20.84 3.53 20.50
C TYR C 334 21.70 4.78 20.49
N PHE C 335 22.99 4.59 20.71
CA PHE C 335 23.96 5.66 20.64
C PHE C 335 24.65 5.60 19.28
N PHE C 336 25.10 6.75 18.77
CA PHE C 336 25.84 6.77 17.51
C PHE C 336 26.79 7.94 17.35
N ILE C 337 27.98 7.63 16.80
CA ILE C 337 28.92 8.64 16.31
C ILE C 337 29.06 8.45 14.80
N ALA C 338 29.17 9.54 14.06
CA ALA C 338 29.23 9.42 12.61
C ALA C 338 30.11 10.50 11.96
N GLY C 339 30.44 10.31 10.69
CA GLY C 339 31.16 11.31 9.94
C GLY C 339 32.45 10.80 9.30
N ARG C 340 33.29 11.75 8.87
CA ARG C 340 34.55 11.44 8.24
C ARG C 340 35.40 10.66 9.21
N TYR C 341 36.20 9.72 8.71
CA TYR C 341 37.03 8.90 9.58
C TYR C 341 38.32 9.61 10.04
N GLU C 342 38.20 10.45 11.06
CA GLU C 342 39.37 11.07 11.69
C GLU C 342 39.42 10.62 13.14
N TYR C 343 40.08 9.49 13.39
CA TYR C 343 40.10 8.86 14.70
C TYR C 343 40.30 9.85 15.86
N LYS C 344 41.43 10.56 15.86
CA LYS C 344 41.70 11.49 16.95
C LYS C 344 40.73 12.69 16.95
N ASN C 345 40.64 13.37 15.81
CA ASN C 345 39.89 14.62 15.74
C ASN C 345 38.38 14.54 15.96
N LYS C 346 37.72 13.51 15.43
CA LYS C 346 36.27 13.35 15.61
C LYS C 346 35.99 12.86 17.02
N GLY C 347 37.05 12.35 17.66
CA GLY C 347 36.99 11.89 19.05
C GLY C 347 36.44 10.49 19.19
N ALA C 348 36.78 9.64 18.23
CA ALA C 348 36.36 8.23 18.22
C ALA C 348 36.95 7.51 19.41
N ASP C 349 38.23 7.80 19.68
CA ASP C 349 38.94 7.24 20.83
C ASP C 349 38.17 7.44 22.14
N MET C 350 37.93 8.69 22.50
CA MET C 350 37.13 9.02 23.67
C MET C 350 35.78 8.30 23.67
N PHE C 351 35.12 8.28 22.52
CA PHE C 351 33.82 7.63 22.40
C PHE C 351 33.92 6.16 22.80
N ILE C 352 34.74 5.39 22.09
CA ILE C 352 34.92 3.98 22.43
C ILE C 352 35.33 3.78 23.90
N GLU C 353 36.35 4.51 24.33
CA GLU C 353 36.80 4.45 25.71
C GLU C 353 35.67 4.73 26.72
N ALA C 354 34.98 5.87 26.58
CA ALA C 354 33.89 6.27 27.47
C ALA C 354 32.77 5.22 27.53
N LEU C 355 32.60 4.49 26.43
CA LEU C 355 31.59 3.44 26.37
C LEU C 355 32.00 2.21 27.17
N ALA C 356 33.28 1.82 27.05
CA ALA C 356 33.84 0.77 27.90
C ALA C 356 33.60 1.08 29.38
N ARG C 357 33.81 2.34 29.75
CA ARG C 357 33.56 2.79 31.13
C ARG C 357 32.07 2.83 31.50
N LEU C 358 31.21 3.19 30.55
CA LEU C 358 29.75 3.17 30.75
C LEU C 358 29.26 1.73 30.88
N ASN C 359 30.07 0.78 30.42
CA ASN C 359 29.77 -0.63 30.53
C ASN C 359 29.94 -1.07 31.97
N TYR C 360 31.16 -0.91 32.47
CA TYR C 360 31.49 -1.11 33.88
C TYR C 360 30.35 -0.59 34.75
N ARG C 361 30.20 0.74 34.78
CA ARG C 361 29.18 1.39 35.61
C ARG C 361 27.79 0.78 35.54
N LEU C 362 27.44 0.19 34.40
CA LEU C 362 26.10 -0.38 34.19
C LEU C 362 25.97 -1.84 34.65
N LYS C 363 27.12 -2.51 34.81
CA LYS C 363 27.16 -3.86 35.34
C LYS C 363 27.15 -3.77 36.86
N VAL C 364 28.07 -2.97 37.40
CA VAL C 364 28.07 -2.62 38.82
C VAL C 364 26.70 -2.09 39.28
N SER C 365 26.27 -0.95 38.74
CA SER C 365 24.94 -0.42 39.06
C SER C 365 23.84 -1.44 38.69
N GLY C 366 24.27 -2.63 38.31
CA GLY C 366 23.38 -3.72 37.91
C GLY C 366 22.15 -3.27 37.15
N SER C 367 22.36 -2.65 35.99
CA SER C 367 21.25 -2.00 35.29
C SER C 367 20.48 -2.95 34.39
N LYS C 368 19.20 -2.62 34.26
CA LYS C 368 18.25 -3.40 33.49
C LYS C 368 18.36 -3.13 31.98
N LYS C 369 19.03 -2.03 31.62
CA LYS C 369 18.97 -1.50 30.27
C LYS C 369 20.14 -1.96 29.41
N THR C 370 20.05 -1.70 28.11
CA THR C 370 21.10 -2.04 27.14
C THR C 370 21.38 -0.94 26.12
N VAL C 371 22.66 -0.62 25.92
CA VAL C 371 23.03 0.41 24.95
C VAL C 371 23.77 -0.18 23.75
N VAL C 372 23.17 -0.11 22.57
CA VAL C 372 23.84 -0.54 21.35
C VAL C 372 24.39 0.69 20.63
N ALA C 373 25.70 0.70 20.36
CA ALA C 373 26.34 1.92 19.91
C ALA C 373 27.01 1.76 18.57
N PHE C 374 26.55 2.59 17.62
CA PHE C 374 27.02 2.56 16.23
C PHE C 374 28.16 3.54 15.94
N ILE C 375 29.18 3.04 15.25
CA ILE C 375 30.18 3.91 14.66
C ILE C 375 30.03 3.84 13.13
N VAL C 376 29.36 4.86 12.58
CA VAL C 376 29.22 5.00 11.13
C VAL C 376 30.31 5.91 10.61
N MET C 377 31.45 5.30 10.28
CA MET C 377 32.60 6.04 9.75
C MET C 377 33.27 5.27 8.61
N PRO C 378 33.41 5.91 7.43
CA PRO C 378 33.78 5.16 6.22
C PRO C 378 35.22 4.71 6.29
N ALA C 379 35.47 3.42 6.05
CA ALA C 379 36.84 2.86 6.00
C ALA C 379 37.04 1.96 4.78
N LYS C 380 38.30 1.65 4.46
CA LYS C 380 38.60 0.77 3.33
C LYS C 380 38.03 -0.62 3.61
N ASN C 381 37.11 -1.07 2.77
CA ASN C 381 36.41 -2.33 3.03
C ASN C 381 36.12 -3.16 1.78
N ASN C 382 35.75 -4.43 1.99
CA ASN C 382 35.31 -5.31 0.91
C ASN C 382 33.86 -5.72 1.07
N SER C 383 32.97 -4.73 1.10
CA SER C 383 31.56 -4.99 1.37
C SER C 383 31.30 -5.85 2.61
N PHE C 384 30.14 -6.49 2.64
CA PHE C 384 29.66 -7.08 3.88
C PHE C 384 30.25 -8.43 4.22
N THR C 385 30.35 -8.72 5.52
CA THR C 385 30.84 -10.02 5.99
C THR C 385 29.75 -11.06 5.79
N VAL C 386 30.16 -12.25 5.35
CA VAL C 386 29.22 -13.35 5.13
C VAL C 386 28.40 -13.58 6.39
N GLU C 387 29.08 -13.54 7.53
CA GLU C 387 28.42 -13.69 8.81
C GLU C 387 27.27 -12.68 8.91
N ALA C 388 27.61 -11.39 8.79
CA ALA C 388 26.63 -10.32 8.96
C ALA C 388 25.45 -10.42 8.01
N LEU C 389 25.65 -10.96 6.81
CA LEU C 389 24.59 -11.05 5.83
C LEU C 389 23.65 -12.23 6.04
N LYS C 390 24.22 -13.36 6.46
CA LYS C 390 23.42 -14.53 6.82
C LYS C 390 22.49 -14.11 7.92
N GLY C 391 23.04 -13.42 8.91
CA GLY C 391 22.25 -12.84 9.99
C GLY C 391 20.91 -12.29 9.53
N GLN C 392 20.95 -11.22 8.75
CA GLN C 392 19.73 -10.56 8.33
C GLN C 392 18.86 -11.48 7.50
N ALA C 393 19.50 -12.29 6.67
CA ALA C 393 18.75 -13.18 5.79
C ALA C 393 17.85 -14.17 6.56
N GLU C 394 18.43 -14.86 7.52
CA GLU C 394 17.70 -15.91 8.24
C GLU C 394 16.59 -15.30 9.07
N VAL C 395 16.90 -14.17 9.69
CA VAL C 395 15.93 -13.45 10.51
C VAL C 395 14.78 -12.91 9.66
N ARG C 396 15.04 -12.64 8.39
CA ARG C 396 13.96 -12.19 7.51
C ARG C 396 13.09 -13.37 7.09
N ALA C 397 13.72 -14.51 6.84
CA ALA C 397 12.99 -15.72 6.49
C ALA C 397 12.10 -16.18 7.64
N LEU C 398 12.54 -15.92 8.87
CA LEU C 398 11.71 -16.19 10.04
C LEU C 398 10.45 -15.34 9.90
N GLU C 399 10.63 -14.03 9.71
CA GLU C 399 9.52 -13.10 9.58
C GLU C 399 8.49 -13.56 8.54
N ASN C 400 8.95 -13.92 7.36
CA ASN C 400 8.05 -14.46 6.36
C ASN C 400 7.30 -15.66 6.88
N THR C 401 8.02 -16.71 7.21
CA THR C 401 7.38 -17.93 7.66
C THR C 401 6.34 -17.68 8.76
N VAL C 402 6.70 -16.87 9.76
CA VAL C 402 5.75 -16.52 10.82
C VAL C 402 4.49 -15.92 10.20
N HIS C 403 4.69 -14.89 9.38
CA HIS C 403 3.57 -14.29 8.65
C HIS C 403 2.70 -15.31 7.89
N GLU C 404 3.32 -16.09 7.00
CA GLU C 404 2.60 -17.12 6.24
C GLU C 404 1.77 -17.96 7.19
N VAL C 405 2.42 -18.42 8.26
CA VAL C 405 1.78 -19.29 9.21
C VAL C 405 0.60 -18.59 9.85
N THR C 406 0.81 -17.37 10.36
CA THR C 406 -0.26 -16.66 11.04
C THR C 406 -1.44 -16.40 10.11
N THR C 407 -1.17 -16.02 8.86
CA THR C 407 -2.30 -15.72 7.99
C THR C 407 -3.08 -17.00 7.66
N SER C 408 -2.41 -18.15 7.75
CA SER C 408 -3.10 -19.43 7.64
C SER C 408 -4.03 -19.63 8.83
N ILE C 409 -3.50 -19.39 10.03
CA ILE C 409 -4.30 -19.42 11.25
C ILE C 409 -5.49 -18.49 11.07
N GLY C 410 -5.21 -17.27 10.62
CA GLY C 410 -6.25 -16.31 10.33
C GLY C 410 -7.40 -16.91 9.54
N LYS C 411 -7.11 -17.40 8.35
CA LYS C 411 -8.15 -17.98 7.50
C LYS C 411 -8.88 -19.10 8.20
N ARG C 412 -8.13 -19.98 8.84
CA ARG C 412 -8.75 -21.08 9.57
C ARG C 412 -9.69 -20.61 10.69
N ILE C 413 -9.24 -19.65 11.51
CA ILE C 413 -10.06 -19.12 12.59
C ILE C 413 -11.32 -18.49 12.07
N PHE C 414 -11.18 -17.65 11.07
CA PHE C 414 -12.32 -16.97 10.45
C PHE C 414 -13.32 -17.91 9.82
N ASP C 415 -12.84 -18.74 8.90
CA ASP C 415 -13.72 -19.68 8.24
C ASP C 415 -14.57 -20.54 9.20
N HIS C 416 -14.03 -20.86 10.37
CA HIS C 416 -14.76 -21.60 11.38
C HIS C 416 -15.90 -20.72 11.86
N ALA C 417 -15.58 -19.48 12.21
CA ALA C 417 -16.55 -18.55 12.79
C ALA C 417 -17.65 -18.20 11.80
N ILE C 418 -17.29 -17.98 10.56
CA ILE C 418 -18.28 -17.56 9.60
C ILE C 418 -19.29 -18.67 9.33
N ARG C 419 -18.88 -19.91 9.59
CA ARG C 419 -19.67 -21.09 9.29
C ARG C 419 -20.61 -21.43 10.45
N TYR C 420 -20.31 -20.90 11.62
CA TYR C 420 -21.02 -21.18 12.87
C TYR C 420 -22.51 -20.94 12.71
N PRO C 421 -23.32 -21.97 12.98
CA PRO C 421 -22.87 -23.29 13.45
C PRO C 421 -22.17 -24.19 12.39
N GLU C 435 -4.41 -26.65 19.33
CA GLU C 435 -3.46 -26.66 18.20
C GLU C 435 -4.06 -26.26 16.85
N LEU C 436 -3.84 -24.99 16.49
CA LEU C 436 -4.28 -24.42 15.20
C LEU C 436 -3.18 -24.47 14.18
N LEU C 437 -1.98 -24.79 14.66
CA LEU C 437 -0.80 -25.00 13.83
C LEU C 437 -0.69 -26.45 13.43
N LYS C 438 -0.95 -26.75 12.15
CA LYS C 438 -0.80 -28.12 11.71
C LYS C 438 0.67 -28.53 11.73
N SER C 439 0.92 -29.83 11.60
CA SER C 439 2.28 -30.34 11.51
C SER C 439 3.05 -29.56 10.43
N SER C 440 2.47 -29.50 9.23
CA SER C 440 3.08 -28.77 8.14
C SER C 440 3.78 -27.49 8.61
N ASP C 441 3.04 -26.68 9.38
CA ASP C 441 3.51 -25.34 9.78
C ASP C 441 4.57 -25.41 10.86
N LYS C 442 4.37 -26.32 11.82
CA LYS C 442 5.35 -26.57 12.88
C LYS C 442 6.74 -26.87 12.30
N VAL C 443 6.78 -27.68 11.25
CA VAL C 443 8.05 -28.02 10.62
C VAL C 443 8.81 -26.80 10.09
N MET C 444 8.22 -26.07 9.15
CA MET C 444 8.92 -24.92 8.58
C MET C 444 9.14 -23.84 9.63
N LEU C 445 8.37 -23.86 10.71
CA LEU C 445 8.65 -22.95 11.82
C LEU C 445 9.89 -23.40 12.57
N LYS C 446 10.00 -24.70 12.77
CA LYS C 446 11.07 -25.25 13.58
C LYS C 446 12.39 -25.06 12.85
N ARG C 447 12.32 -25.19 11.53
CA ARG C 447 13.52 -25.07 10.71
C ARG C 447 14.07 -23.67 10.73
N ARG C 448 13.18 -22.67 10.77
CA ARG C 448 13.59 -21.27 10.67
C ARG C 448 14.18 -20.81 11.99
N ILE C 449 13.78 -21.50 13.06
CA ILE C 449 14.27 -21.18 14.39
C ILE C 449 15.66 -21.77 14.54
N LEU C 450 15.83 -22.95 13.96
CA LEU C 450 17.08 -23.68 14.07
C LEU C 450 18.19 -22.99 13.30
N ALA C 451 17.81 -22.25 12.28
CA ALA C 451 18.78 -21.59 11.43
C ALA C 451 19.41 -20.39 12.14
N LEU C 452 18.86 -20.04 13.30
CA LEU C 452 19.40 -18.91 14.07
C LEU C 452 20.53 -19.31 15.01
N ARG C 453 20.57 -20.59 15.38
CA ARG C 453 21.62 -21.09 16.24
C ARG C 453 22.97 -20.63 15.68
N ARG C 454 23.82 -20.07 16.53
CA ARG C 454 25.16 -19.74 16.09
C ARG C 454 26.22 -20.57 16.83
N PRO C 455 27.22 -21.09 16.06
CA PRO C 455 28.37 -21.89 16.49
C PRO C 455 28.83 -21.57 17.92
N GLU C 456 28.82 -22.55 18.81
CA GLU C 456 29.07 -22.28 20.23
C GLU C 456 30.18 -21.27 20.50
N GLY C 457 29.89 -20.32 21.40
CA GLY C 457 30.88 -19.36 21.85
C GLY C 457 31.27 -18.31 20.84
N GLN C 458 30.68 -18.37 19.64
CA GLN C 458 30.85 -17.29 18.67
C GLN C 458 29.92 -16.14 19.02
N LEU C 459 30.51 -14.96 19.22
CA LEU C 459 29.75 -13.76 19.59
C LEU C 459 29.29 -12.95 18.37
N PRO C 460 28.31 -12.05 18.58
CA PRO C 460 27.97 -11.06 17.55
C PRO C 460 29.19 -10.20 17.22
N PRO C 461 29.49 -10.09 15.92
CA PRO C 461 30.66 -9.32 15.45
C PRO C 461 30.63 -7.87 15.92
N ILE C 462 31.80 -7.22 15.94
CA ILE C 462 31.89 -5.80 16.26
C ILE C 462 31.96 -5.00 14.96
N VAL C 463 31.99 -5.69 13.83
CA VAL C 463 32.12 -5.02 12.56
C VAL C 463 31.21 -5.67 11.51
N THR C 464 30.61 -4.85 10.67
CA THR C 464 29.69 -5.36 9.67
C THR C 464 30.36 -5.66 8.31
N HIS C 465 31.60 -5.23 8.13
CA HIS C 465 32.26 -5.36 6.84
C HIS C 465 33.55 -6.16 6.85
N ASN C 466 34.00 -6.50 5.65
CA ASN C 466 35.34 -7.04 5.44
C ASN C 466 36.36 -5.91 5.44
N MET C 467 37.06 -5.79 6.57
CA MET C 467 38.06 -4.73 6.75
C MET C 467 39.34 -5.02 5.98
N VAL C 468 39.80 -4.06 5.19
CA VAL C 468 40.99 -4.25 4.39
C VAL C 468 42.20 -3.79 5.17
N ASP C 469 42.45 -4.42 6.31
CA ASP C 469 43.53 -4.00 7.22
C ASP C 469 43.08 -4.25 8.64
N ASP C 470 42.52 -5.42 8.87
CA ASP C 470 41.90 -5.70 10.15
C ASP C 470 42.84 -5.46 11.35
N ALA C 471 44.14 -5.46 11.09
CA ALA C 471 45.12 -5.40 12.17
C ALA C 471 45.53 -4.00 12.55
N ASN C 472 45.46 -3.06 11.60
CA ASN C 472 45.99 -1.71 11.80
C ASN C 472 44.93 -0.64 12.01
N ASP C 473 43.68 -0.98 11.73
CA ASP C 473 42.59 -0.02 11.84
C ASP C 473 42.47 0.50 13.27
N LEU C 474 42.44 1.82 13.40
CA LEU C 474 42.42 2.48 14.69
C LEU C 474 41.16 2.15 15.52
N ILE C 475 40.01 2.10 14.84
CA ILE C 475 38.72 1.91 15.50
C ILE C 475 38.56 0.49 16.06
N LEU C 476 38.87 -0.52 15.25
CA LEU C 476 38.79 -1.91 15.72
C LEU C 476 39.74 -2.13 16.89
N ASN C 477 40.97 -1.64 16.76
CA ASN C 477 42.00 -1.89 17.76
C ASN C 477 41.69 -1.24 19.09
N LYS C 478 41.01 -0.10 19.07
CA LYS C 478 40.59 0.52 20.32
C LYS C 478 39.44 -0.27 20.95
N ILE C 479 38.51 -0.75 20.13
CA ILE C 479 37.39 -1.51 20.69
C ILE C 479 37.83 -2.92 21.08
N ARG C 480 39.05 -3.29 20.70
CA ARG C 480 39.66 -4.51 21.22
C ARG C 480 40.34 -4.21 22.55
N GLN C 481 41.22 -3.21 22.54
CA GLN C 481 41.90 -2.75 23.75
C GLN C 481 40.93 -2.62 24.93
N VAL C 482 39.70 -2.20 24.69
CA VAL C 482 38.70 -2.09 25.76
C VAL C 482 37.83 -3.36 25.92
N GLN C 483 38.00 -4.33 25.02
CA GLN C 483 37.36 -5.63 25.14
C GLN C 483 35.84 -5.58 25.17
N LEU C 484 35.27 -4.66 24.39
CA LEU C 484 33.83 -4.65 24.15
C LEU C 484 33.55 -5.62 23.02
N PHE C 485 33.15 -6.85 23.37
CA PHE C 485 33.06 -7.88 22.35
C PHE C 485 31.64 -8.41 22.17
N ASN C 486 30.68 -7.78 22.84
CA ASN C 486 29.28 -8.12 22.66
C ASN C 486 28.82 -9.43 23.30
N SER C 487 29.56 -9.88 24.31
CA SER C 487 29.11 -11.01 25.12
C SER C 487 27.96 -10.54 26.01
N PRO C 488 27.03 -11.46 26.34
CA PRO C 488 25.75 -11.11 26.97
C PRO C 488 25.91 -10.38 28.29
N SER C 489 27.03 -10.65 28.95
CA SER C 489 27.42 -9.98 30.19
C SER C 489 27.51 -8.47 29.98
N ASP C 490 28.17 -8.08 28.88
CA ASP C 490 28.35 -6.68 28.42
C ASP C 490 27.05 -5.89 28.21
N ARG C 491 26.94 -4.74 28.84
CA ARG C 491 25.70 -3.98 28.79
C ARG C 491 25.68 -2.89 27.73
N VAL C 492 26.84 -2.59 27.16
CA VAL C 492 26.88 -1.79 25.94
C VAL C 492 27.44 -2.60 24.78
N LYS C 493 26.64 -2.78 23.74
CA LYS C 493 27.06 -3.55 22.57
C LYS C 493 27.70 -2.64 21.50
N MET C 494 28.57 -3.18 20.65
CA MET C 494 29.43 -2.34 19.84
C MET C 494 29.32 -2.68 18.36
N ILE C 495 28.82 -1.74 17.56
CA ILE C 495 28.66 -2.00 16.13
C ILE C 495 29.41 -1.00 15.24
N PHE C 496 30.43 -1.49 14.55
CA PHE C 496 31.19 -0.63 13.65
C PHE C 496 30.75 -0.90 12.21
N HIS C 497 30.28 0.15 11.53
CA HIS C 497 29.76 0.06 10.16
C HIS C 497 30.50 1.04 9.29
N PRO C 498 31.67 0.61 8.78
CA PRO C 498 32.64 1.43 8.07
C PRO C 498 32.18 1.82 6.66
N GLU C 499 31.01 2.44 6.56
CA GLU C 499 30.42 2.70 5.26
C GLU C 499 29.21 3.61 5.42
N PHE C 500 29.08 4.64 4.60
CA PHE C 500 27.90 5.49 4.70
C PHE C 500 26.61 4.71 4.56
N LEU C 501 25.51 5.33 4.94
CA LEU C 501 24.23 4.65 4.97
C LEU C 501 23.36 4.97 3.73
N ASN C 502 22.78 3.90 3.15
CA ASN C 502 21.91 3.98 1.98
C ASN C 502 20.70 3.07 2.15
N ALA C 503 19.51 3.51 1.77
CA ALA C 503 18.31 2.76 2.12
C ALA C 503 18.32 1.33 1.55
N ASN C 504 19.22 1.12 0.59
CA ASN C 504 19.25 -0.11 -0.19
C ASN C 504 20.24 -1.14 0.36
N ASN C 505 20.64 -0.99 1.62
CA ASN C 505 21.60 -1.91 2.23
C ASN C 505 21.00 -3.17 2.81
N PRO C 506 21.56 -4.32 2.42
CA PRO C 506 21.16 -5.65 2.89
C PRO C 506 21.13 -5.71 4.41
N ILE C 507 22.06 -4.99 5.03
CA ILE C 507 22.20 -4.96 6.47
C ILE C 507 21.29 -3.93 7.16
N LEU C 508 21.46 -2.65 6.83
CA LEU C 508 20.80 -1.60 7.61
C LEU C 508 20.03 -0.67 6.69
N GLY C 509 18.74 -0.96 6.50
CA GLY C 509 17.99 -0.39 5.39
C GLY C 509 17.56 1.06 5.49
N LEU C 510 18.46 1.93 5.95
CA LEU C 510 18.12 3.34 6.11
C LEU C 510 19.05 4.24 5.33
N ASP C 511 18.61 5.46 5.06
CA ASP C 511 19.52 6.52 4.63
C ASP C 511 20.11 7.04 5.91
N TYR C 512 21.07 7.94 5.85
CA TYR C 512 21.65 8.45 7.08
C TYR C 512 20.64 9.28 7.87
N ASP C 513 19.91 10.17 7.19
CA ASP C 513 18.92 11.00 7.88
C ASP C 513 17.88 10.12 8.59
N GLU C 514 17.41 9.07 7.91
CA GLU C 514 16.52 8.09 8.53
C GLU C 514 17.11 7.49 9.80
N PHE C 515 18.35 7.02 9.69
CA PHE C 515 19.04 6.39 10.81
C PHE C 515 19.19 7.36 11.98
N VAL C 516 19.70 8.54 11.71
CA VAL C 516 19.88 9.50 12.79
C VAL C 516 18.60 9.63 13.61
N ARG C 517 17.49 9.84 12.92
CA ARG C 517 16.22 10.05 13.58
C ARG C 517 15.80 8.86 14.44
N GLY C 518 16.12 7.65 13.97
CA GLY C 518 15.76 6.45 14.69
C GLY C 518 16.55 6.21 15.98
N CYS C 519 17.58 7.02 16.21
CA CYS C 519 18.44 6.83 17.38
C CYS C 519 18.03 7.65 18.59
N HIS C 520 18.75 7.49 19.69
CA HIS C 520 18.33 8.09 20.93
C HIS C 520 19.30 9.22 21.31
N LEU C 521 20.55 9.08 20.92
CA LEU C 521 21.56 10.05 21.31
C LEU C 521 22.78 10.03 20.37
N GLY C 522 23.07 11.15 19.72
CA GLY C 522 24.30 11.25 18.97
C GLY C 522 25.43 11.67 19.90
N VAL C 523 26.61 11.12 19.67
CA VAL C 523 27.78 11.44 20.51
C VAL C 523 29.03 11.85 19.69
N PHE C 524 29.37 13.14 19.73
CA PHE C 524 30.44 13.68 18.88
C PHE C 524 31.46 14.45 19.72
N PRO C 525 32.36 13.71 20.36
CA PRO C 525 33.41 14.10 21.31
C PRO C 525 34.63 14.72 20.62
N SER C 526 34.38 15.66 19.73
CA SER C 526 35.39 16.12 18.79
C SER C 526 36.52 16.91 19.46
N TYR C 527 37.73 16.74 18.94
CA TYR C 527 38.91 17.40 19.45
C TYR C 527 39.32 18.57 18.57
N TYR C 528 39.30 18.36 17.27
CA TYR C 528 39.49 19.47 16.34
C TYR C 528 38.34 19.50 15.35
N GLU C 529 37.56 20.57 15.40
CA GLU C 529 36.33 20.62 14.62
C GLU C 529 35.82 22.04 14.58
N PRO C 530 36.20 22.77 13.53
CA PRO C 530 35.93 24.19 13.35
C PRO C 530 34.44 24.51 13.30
N TRP C 531 33.62 23.59 12.83
CA TRP C 531 32.19 23.74 12.98
C TRP C 531 31.58 22.45 13.46
N GLY C 532 31.47 21.50 12.55
CA GLY C 532 30.83 20.25 12.89
C GLY C 532 29.40 20.19 12.41
N TYR C 533 29.23 19.81 11.16
CA TYR C 533 27.89 19.72 10.64
C TYR C 533 27.16 18.51 11.19
N THR C 534 27.88 17.41 11.44
CA THR C 534 27.25 16.18 11.95
C THR C 534 26.41 16.39 13.21
N PRO C 535 26.99 17.05 14.24
CA PRO C 535 26.17 17.34 15.43
C PRO C 535 25.06 18.37 15.19
N ALA C 536 25.35 19.41 14.42
CA ALA C 536 24.36 20.46 14.19
C ALA C 536 23.18 19.93 13.40
N GLU C 537 23.45 19.03 12.46
CA GLU C 537 22.34 18.45 11.70
C GLU C 537 21.68 17.35 12.51
N CYS C 538 22.42 16.82 13.47
CA CYS C 538 21.84 15.89 14.43
C CYS C 538 20.76 16.60 15.22
N THR C 539 21.07 17.82 15.64
CA THR C 539 20.15 18.63 16.43
C THR C 539 18.93 19.13 15.63
N VAL C 540 19.18 19.55 14.40
CA VAL C 540 18.09 20.02 13.55
C VAL C 540 17.02 18.92 13.38
N MET C 541 17.47 17.67 13.35
CA MET C 541 16.56 16.54 13.16
C MET C 541 15.85 16.12 14.44
N GLY C 542 16.10 16.89 15.50
CA GLY C 542 15.41 16.67 16.77
C GLY C 542 15.96 15.52 17.56
N VAL C 543 17.28 15.35 17.54
CA VAL C 543 17.89 14.32 18.36
C VAL C 543 18.87 14.92 19.37
N PRO C 544 18.77 14.45 20.63
CA PRO C 544 19.73 14.79 21.70
C PRO C 544 21.12 14.41 21.24
N SER C 545 22.11 15.19 21.66
CA SER C 545 23.47 15.00 21.18
C SER C 545 24.49 15.47 22.20
N ILE C 546 25.68 14.89 22.15
CA ILE C 546 26.77 15.38 22.99
C ILE C 546 27.89 15.92 22.12
N THR C 547 28.24 17.19 22.28
CA THR C 547 29.42 17.74 21.59
C THR C 547 30.50 18.19 22.58
N THR C 548 31.51 18.92 22.11
CA THR C 548 32.54 19.43 23.02
C THR C 548 32.65 20.96 22.97
N ASN C 549 33.56 21.51 23.76
CA ASN C 549 33.72 22.96 23.86
C ASN C 549 34.91 23.41 23.04
N VAL C 550 35.46 22.46 22.28
CA VAL C 550 36.48 22.77 21.27
C VAL C 550 35.88 22.58 19.87
N SER C 551 34.63 22.11 19.85
CA SER C 551 33.85 22.10 18.62
C SER C 551 33.32 23.50 18.37
N GLY C 552 33.28 23.88 17.11
CA GLY C 552 32.77 25.18 16.72
C GLY C 552 31.30 25.21 17.08
N PHE C 553 30.60 24.15 16.71
CA PHE C 553 29.19 24.05 17.00
C PHE C 553 28.96 23.99 18.49
N GLY C 554 29.84 23.28 19.19
CA GLY C 554 29.84 23.29 20.63
C GLY C 554 29.97 24.72 21.14
N SER C 555 31.13 25.34 20.85
CA SER C 555 31.40 26.75 21.13
C SER C 555 30.13 27.60 20.96
N TYR C 556 29.55 27.54 19.77
CA TYR C 556 28.36 28.33 19.44
C TYR C 556 27.16 27.98 20.31
N MET C 557 26.96 26.68 20.50
CA MET C 557 25.81 26.21 21.24
C MET C 557 25.84 26.68 22.70
N GLU C 558 27.05 26.67 23.27
CA GLU C 558 27.27 27.08 24.66
C GLU C 558 26.64 28.43 24.97
N ASP C 559 26.62 29.31 23.97
CA ASP C 559 26.06 30.66 24.11
C ASP C 559 24.55 30.70 23.98
N LEU C 560 23.90 29.55 24.12
CA LEU C 560 22.45 29.50 24.11
C LEU C 560 21.90 28.54 25.19
N ALA C 566 19.95 24.36 30.89
CA ALA C 566 21.07 24.15 29.97
C ALA C 566 20.99 22.84 29.12
N LYS C 567 21.49 21.74 29.69
CA LYS C 567 21.45 20.41 29.04
C LYS C 567 20.03 19.93 28.79
N ASP C 568 19.06 20.53 29.47
CA ASP C 568 17.66 20.10 29.39
C ASP C 568 17.16 20.16 27.96
N TYR C 569 17.86 20.92 27.12
CA TYR C 569 17.45 21.14 25.74
C TYR C 569 18.00 20.11 24.77
N GLY C 570 18.70 19.12 25.30
CA GLY C 570 19.14 18.00 24.49
C GLY C 570 20.54 18.20 24.00
N ILE C 571 21.23 19.19 24.55
CA ILE C 571 22.61 19.40 24.19
C ILE C 571 23.53 19.36 25.39
N TYR C 572 24.29 18.28 25.46
CA TYR C 572 25.33 18.15 26.47
C TYR C 572 26.64 18.64 25.86
N ILE C 573 27.41 19.40 26.65
CA ILE C 573 28.71 19.85 26.18
C ILE C 573 29.81 19.38 27.11
N VAL C 574 30.61 18.44 26.62
CA VAL C 574 31.79 17.96 27.34
C VAL C 574 32.89 19.01 27.28
N ASP C 575 33.53 19.28 28.42
CA ASP C 575 34.66 20.20 28.43
C ASP C 575 35.93 19.44 27.99
N ARG C 576 36.43 19.75 26.80
CA ARG C 576 37.64 19.10 26.30
C ARG C 576 38.85 20.04 26.37
N ARG C 577 38.59 21.32 26.67
CA ARG C 577 39.58 22.40 26.61
C ARG C 577 40.26 22.73 27.95
N PHE C 578 39.51 22.55 29.05
CA PHE C 578 40.01 22.91 30.37
C PHE C 578 40.30 21.70 31.26
N LYS C 579 39.36 20.77 31.37
CA LYS C 579 39.57 19.51 32.10
C LYS C 579 40.59 18.61 31.40
N ALA C 580 41.27 17.77 32.17
CA ALA C 580 42.34 16.94 31.64
C ALA C 580 41.76 15.80 30.82
N PRO C 581 42.60 15.17 29.95
CA PRO C 581 42.11 14.13 29.04
C PRO C 581 41.22 13.12 29.74
N ASP C 582 41.57 12.76 30.98
CA ASP C 582 40.78 11.75 31.68
C ASP C 582 39.45 12.30 32.23
N GLU C 583 39.50 13.48 32.85
CA GLU C 583 38.29 14.07 33.42
C GLU C 583 37.26 14.32 32.33
N SER C 584 37.77 14.63 31.14
CA SER C 584 36.93 14.79 29.97
C SER C 584 36.16 13.50 29.77
N VAL C 585 36.91 12.40 29.63
CA VAL C 585 36.32 11.09 29.42
C VAL C 585 35.25 10.83 30.47
N GLU C 586 35.62 11.03 31.73
CA GLU C 586 34.70 10.78 32.84
C GLU C 586 33.44 11.62 32.73
N GLN C 587 33.61 12.88 32.39
CA GLN C 587 32.46 13.76 32.19
C GLN C 587 31.52 13.19 31.13
N LEU C 588 32.15 12.55 30.14
CA LEU C 588 31.40 11.94 29.06
C LEU C 588 30.54 10.82 29.64
N VAL C 589 31.17 9.94 30.42
CA VAL C 589 30.48 8.78 30.96
C VAL C 589 29.30 9.19 31.84
N ASP C 590 29.48 10.27 32.61
CA ASP C 590 28.43 10.81 33.48
C ASP C 590 27.23 11.22 32.63
N TYR C 591 27.53 11.84 31.49
CA TYR C 591 26.50 12.34 30.60
C TYR C 591 25.69 11.19 30.03
N MET C 592 26.40 10.16 29.57
CA MET C 592 25.76 8.97 29.02
C MET C 592 24.89 8.26 30.08
N GLU C 593 25.49 8.01 31.24
CA GLU C 593 24.78 7.41 32.37
C GLU C 593 23.47 8.16 32.62
N GLU C 594 23.58 9.46 32.83
CA GLU C 594 22.40 10.29 33.08
C GLU C 594 21.33 10.04 32.05
N PHE C 595 21.76 9.88 30.80
CA PHE C 595 20.81 9.66 29.72
C PHE C 595 20.15 8.28 29.82
N VAL C 596 20.96 7.27 30.13
CA VAL C 596 20.43 5.92 30.28
C VAL C 596 19.36 5.83 31.38
N LYS C 597 19.61 6.53 32.49
CA LYS C 597 18.72 6.47 33.67
C LYS C 597 17.59 7.47 33.55
N LYS C 598 17.19 7.78 32.32
CA LYS C 598 16.11 8.71 32.12
C LYS C 598 14.84 7.88 31.98
N THR C 599 13.75 8.40 32.54
CA THR C 599 12.46 7.71 32.45
C THR C 599 11.86 7.88 31.06
N ALA C 600 10.87 7.06 30.73
CA ALA C 600 10.22 7.16 29.43
C ALA C 600 9.70 8.57 29.17
N ALA C 601 9.27 9.23 30.25
CA ALA C 601 8.72 10.57 30.16
C ALA C 601 9.79 11.66 30.18
N GLN C 602 10.85 11.44 30.95
CA GLN C 602 11.98 12.37 30.98
C GLN C 602 12.66 12.52 29.62
N ALA C 603 12.68 11.43 28.86
CA ALA C 603 13.29 11.40 27.53
C ALA C 603 12.39 12.12 26.52
N ILE C 604 11.08 11.83 26.55
CA ILE C 604 10.14 12.50 25.64
C ILE C 604 10.08 13.99 25.93
N ASN C 605 10.46 14.38 27.13
CA ASN C 605 10.57 15.82 27.47
C ASN C 605 11.69 16.51 26.68
N GLN C 606 12.92 16.06 26.91
CA GLN C 606 14.10 16.51 26.18
C GLN C 606 13.88 16.57 24.67
N ARG C 607 13.70 15.40 24.08
CA ARG C 607 13.45 15.26 22.65
C ARG C 607 12.52 16.33 22.10
N ASN C 608 11.43 16.59 22.82
CA ASN C 608 10.50 17.63 22.40
C ASN C 608 11.14 19.01 22.51
N ARG C 609 12.07 19.14 23.43
CA ARG C 609 12.78 20.40 23.64
C ARG C 609 13.85 20.66 22.59
N THR C 610 14.67 19.66 22.30
CA THR C 610 15.68 19.83 21.26
C THR C 610 15.00 20.12 19.93
N GLU C 611 13.86 19.49 19.69
CA GLU C 611 13.16 19.62 18.42
C GLU C 611 12.79 21.06 18.08
N ARG C 612 12.66 21.88 19.12
CA ARG C 612 12.31 23.28 18.93
C ARG C 612 13.55 24.15 18.71
N LEU C 613 14.71 23.66 19.15
CA LEU C 613 15.99 24.30 18.86
C LEU C 613 16.25 24.39 17.36
N SER C 614 15.70 23.43 16.61
CA SER C 614 15.98 23.33 15.18
C SER C 614 15.92 24.68 14.44
N ASP C 615 14.84 25.43 14.61
CA ASP C 615 14.64 26.67 13.88
C ASP C 615 15.67 27.75 14.19
N LEU C 616 16.42 27.57 15.27
CA LEU C 616 17.47 28.51 15.61
C LEU C 616 18.65 28.42 14.63
N LEU C 617 18.79 27.27 13.99
CA LEU C 617 19.98 26.99 13.17
C LEU C 617 19.74 27.16 11.68
N ASP C 618 18.53 27.56 11.28
CA ASP C 618 18.27 27.86 9.88
C ASP C 618 19.02 29.11 9.47
N TRP C 619 19.23 29.28 8.17
CA TRP C 619 19.95 30.44 7.67
C TRP C 619 19.18 31.73 7.96
N LYS C 620 17.85 31.64 7.89
CA LYS C 620 17.00 32.78 8.16
C LYS C 620 17.42 33.51 9.44
N ARG C 621 18.10 32.83 10.35
CA ARG C 621 18.57 33.51 11.55
C ARG C 621 20.09 33.65 11.57
N MET C 622 20.77 32.66 11.01
CA MET C 622 22.24 32.65 11.02
C MET C 622 22.81 33.54 9.93
N GLY C 623 22.01 33.76 8.90
CA GLY C 623 22.38 34.66 7.81
C GLY C 623 22.62 36.10 8.25
N LEU C 624 22.02 36.49 9.37
CA LEU C 624 22.10 37.87 9.86
C LEU C 624 23.49 38.21 10.34
N GLU C 625 24.30 37.18 10.57
CA GLU C 625 25.70 37.40 10.94
C GLU C 625 26.54 37.83 9.74
N TYR C 626 26.13 37.38 8.57
CA TYR C 626 26.79 37.74 7.33
C TYR C 626 26.47 39.19 7.02
N VAL C 627 25.21 39.56 7.24
CA VAL C 627 24.79 40.94 7.01
C VAL C 627 25.59 41.89 7.89
N LYS C 628 25.81 41.48 9.15
CA LYS C 628 26.64 42.27 10.05
C LYS C 628 28.05 42.41 9.47
N ALA C 629 28.53 41.32 8.87
CA ALA C 629 29.89 41.28 8.35
C ALA C 629 30.02 42.20 7.17
N ARG C 630 29.13 42.03 6.19
CA ARG C 630 29.15 42.85 4.97
C ARG C 630 29.03 44.34 5.31
N GLN C 631 28.08 44.67 6.17
CA GLN C 631 27.85 46.05 6.53
C GLN C 631 29.01 46.65 7.31
N LEU C 632 29.67 45.85 8.15
CA LEU C 632 30.87 46.36 8.82
C LEU C 632 31.94 46.66 7.77
N ALA C 633 31.97 45.85 6.72
CA ALA C 633 32.93 46.08 5.64
C ALA C 633 32.67 47.41 4.93
N LEU C 634 31.39 47.76 4.78
CA LEU C 634 31.01 49.03 4.17
C LEU C 634 31.33 50.21 5.11
N ARG C 635 30.87 50.13 6.35
CA ARG C 635 31.16 51.17 7.33
C ARG C 635 32.66 51.46 7.46
N ARG C 636 33.49 50.43 7.26
CA ARG C 636 34.94 50.66 7.31
C ARG C 636 35.51 51.27 6.01
N GLY C 637 34.80 51.05 4.91
CA GLY C 637 35.29 51.44 3.60
C GLY C 637 34.93 52.85 3.25
N TYR C 638 33.73 53.25 3.64
CA TYR C 638 33.22 54.58 3.32
C TYR C 638 32.70 55.27 4.56
N PRO C 639 33.58 55.50 5.55
CA PRO C 639 33.16 55.89 6.91
C PRO C 639 32.20 57.07 6.84
N ASP C 640 32.45 57.96 5.88
CA ASP C 640 31.63 59.14 5.70
C ASP C 640 30.25 58.80 5.14
N GLN C 641 30.21 58.17 3.97
CA GLN C 641 28.93 57.87 3.34
C GLN C 641 28.02 57.05 4.25
N PHE C 642 28.65 56.27 5.11
CA PHE C 642 27.90 55.40 6.01
C PHE C 642 27.15 56.25 7.03
N ARG C 643 27.83 57.27 7.56
CA ARG C 643 27.23 58.18 8.53
C ARG C 643 25.94 58.79 8.02
N GLU C 644 25.97 59.21 6.76
CA GLU C 644 24.81 59.79 6.10
C GLU C 644 23.63 58.82 6.10
N LEU C 645 23.90 57.57 5.75
CA LEU C 645 22.85 56.57 5.61
C LEU C 645 22.25 56.13 6.96
N VAL C 646 23.00 56.34 8.03
CA VAL C 646 22.56 55.88 9.36
C VAL C 646 22.08 57.03 10.27
N GLY C 647 22.63 58.23 10.05
CA GLY C 647 22.20 59.40 10.78
C GLY C 647 23.06 59.71 11.99
N GLU C 648 24.18 58.99 12.11
CA GLU C 648 25.09 59.17 13.23
C GLU C 648 26.38 58.45 12.88
N GLU C 649 27.29 58.33 13.85
CA GLU C 649 28.48 57.49 13.63
C GLU C 649 28.53 56.29 14.58
N LEU C 650 28.35 55.10 14.01
CA LEU C 650 28.34 53.86 14.76
C LEU C 650 29.75 53.29 14.89
N ASN C 651 29.94 52.42 15.88
CA ASN C 651 31.24 51.82 16.16
C ASN C 651 31.68 50.81 15.09
N ASP C 652 32.96 50.81 14.75
CA ASP C 652 33.45 49.96 13.67
C ASP C 652 34.62 49.05 14.09
N SER C 653 34.55 48.48 15.29
CA SER C 653 35.61 47.56 15.74
C SER C 653 35.19 46.09 15.78
N ASN C 654 33.90 45.80 15.97
CA ASN C 654 33.35 44.46 15.72
C ASN C 654 32.10 44.53 14.88
N MET C 655 31.58 43.37 14.52
CA MET C 655 30.31 43.33 13.81
C MET C 655 29.17 43.39 14.82
N ASP C 656 29.48 42.97 16.05
CA ASP C 656 28.52 43.11 17.12
C ASP C 656 28.56 44.53 17.65
N ALA C 657 29.77 45.09 17.69
CA ALA C 657 29.95 46.49 18.05
C ALA C 657 29.15 47.43 17.14
N LEU C 658 28.92 47.01 15.90
CA LEU C 658 28.14 47.81 14.95
C LEU C 658 26.64 47.75 15.24
N ALA C 659 26.10 46.53 15.33
CA ALA C 659 24.69 46.39 15.68
C ALA C 659 24.50 45.60 16.97
N SER D 22 -18.05 -12.35 62.89
CA SER D 22 -17.30 -11.18 62.42
C SER D 22 -16.63 -11.37 61.05
N ARG D 23 -16.78 -10.38 60.20
CA ARG D 23 -16.50 -10.50 58.76
C ARG D 23 -15.24 -9.77 58.33
N ASP D 24 -14.69 -10.18 57.19
CA ASP D 24 -13.44 -9.59 56.70
C ASP D 24 -13.70 -8.35 55.85
N LEU D 25 -13.46 -7.17 56.39
CA LEU D 25 -13.64 -5.94 55.65
C LEU D 25 -12.60 -5.84 54.56
N GLN D 26 -11.43 -6.39 54.86
CA GLN D 26 -10.28 -6.36 53.96
C GLN D 26 -10.61 -7.00 52.63
N ASN D 27 -10.79 -8.32 52.65
CA ASN D 27 -11.14 -9.08 51.45
C ASN D 27 -12.65 -9.34 51.39
N HIS D 28 -13.37 -8.50 50.64
CA HIS D 28 -14.83 -8.50 50.64
C HIS D 28 -15.40 -8.81 49.27
N LEU D 29 -16.73 -8.80 49.18
CA LEU D 29 -17.46 -9.17 47.96
C LEU D 29 -18.16 -7.97 47.30
N LEU D 30 -18.16 -7.88 45.97
CA LEU D 30 -18.80 -6.75 45.32
C LEU D 30 -19.86 -7.17 44.32
N PHE D 31 -21.09 -6.68 44.54
CA PHE D 31 -22.21 -6.93 43.62
C PHE D 31 -22.76 -5.62 43.09
N GLU D 32 -22.48 -5.33 41.83
CA GLU D 32 -22.95 -4.10 41.24
C GLU D 32 -24.20 -4.43 40.47
N THR D 33 -25.29 -3.72 40.75
CA THR D 33 -26.58 -4.01 40.12
C THR D 33 -27.13 -2.84 39.32
N ALA D 34 -27.49 -3.07 38.06
CA ALA D 34 -28.14 -2.03 37.25
C ALA D 34 -28.99 -2.64 36.15
N THR D 35 -29.99 -1.91 35.68
CA THR D 35 -30.85 -2.39 34.62
C THR D 35 -30.06 -2.71 33.36
N GLU D 36 -28.91 -2.08 33.18
CA GLU D 36 -28.20 -2.11 31.91
C GLU D 36 -27.23 -3.27 31.72
N VAL D 37 -26.85 -3.94 32.79
CA VAL D 37 -25.77 -4.95 32.71
C VAL D 37 -25.48 -5.51 31.32
N ALA D 38 -26.19 -6.53 30.89
CA ALA D 38 -25.83 -7.01 29.56
C ALA D 38 -26.82 -6.61 28.47
N ASN D 39 -27.22 -5.34 28.45
CA ASN D 39 -28.03 -4.79 27.36
C ASN D 39 -28.02 -3.28 27.27
N ARG D 40 -27.49 -2.76 26.17
CA ARG D 40 -27.51 -1.34 25.93
C ARG D 40 -28.96 -0.87 25.91
N VAL D 41 -29.32 -0.08 26.91
CA VAL D 41 -30.61 0.56 26.99
C VAL D 41 -30.38 1.99 27.42
N GLY D 42 -29.38 2.19 28.28
CA GLY D 42 -28.99 3.51 28.74
C GLY D 42 -27.55 3.84 28.42
N GLY D 43 -27.01 4.83 29.12
CA GLY D 43 -25.62 5.19 28.95
C GLY D 43 -24.83 4.55 30.06
N ILE D 44 -25.56 4.03 31.04
CA ILE D 44 -24.97 3.33 32.14
C ILE D 44 -24.27 2.09 31.63
N TYR D 45 -24.89 1.44 30.66
CA TYR D 45 -24.25 0.35 29.96
C TYR D 45 -22.80 0.72 29.70
N SER D 46 -22.60 1.87 29.07
CA SER D 46 -21.25 2.32 28.76
C SER D 46 -20.41 2.45 30.03
N VAL D 47 -20.93 3.15 31.02
CA VAL D 47 -20.19 3.30 32.28
C VAL D 47 -19.70 1.95 32.77
N LEU D 48 -20.62 1.04 33.01
CA LEU D 48 -20.27 -0.25 33.58
C LEU D 48 -19.31 -1.03 32.71
N LYS D 49 -19.54 -1.03 31.40
CA LYS D 49 -18.71 -1.79 30.46
C LYS D 49 -17.24 -1.34 30.47
N SER D 50 -17.02 -0.03 30.56
CA SER D 50 -15.68 0.54 30.53
C SER D 50 -15.02 0.55 31.91
N LYS D 51 -15.81 0.34 32.97
CA LYS D 51 -15.27 0.27 34.33
C LYS D 51 -14.96 -1.17 34.70
N ALA D 52 -15.44 -2.10 33.89
CA ALA D 52 -15.25 -3.53 34.15
C ALA D 52 -13.78 -3.92 34.27
N PRO D 53 -12.98 -3.66 33.22
CA PRO D 53 -11.56 -4.02 33.20
C PRO D 53 -10.82 -3.63 34.49
N ILE D 54 -11.05 -2.42 34.97
CA ILE D 54 -10.37 -1.97 36.18
C ILE D 54 -10.86 -2.68 37.42
N THR D 55 -12.17 -2.93 37.54
CA THR D 55 -12.72 -3.53 38.75
C THR D 55 -12.59 -5.05 38.78
N VAL D 56 -12.49 -5.67 37.62
CA VAL D 56 -12.22 -7.10 37.53
C VAL D 56 -10.79 -7.30 37.93
N ALA D 57 -9.95 -6.36 37.51
CA ALA D 57 -8.55 -6.41 37.84
C ALA D 57 -8.39 -6.42 39.35
N GLN D 58 -9.15 -5.58 40.05
CA GLN D 58 -9.05 -5.48 41.49
C GLN D 58 -9.70 -6.65 42.19
N TYR D 59 -10.97 -6.90 41.90
CA TYR D 59 -11.78 -7.87 42.64
C TYR D 59 -11.75 -9.31 42.08
N LYS D 60 -11.10 -9.52 40.95
CA LYS D 60 -11.23 -10.78 40.20
C LYS D 60 -12.61 -11.46 40.26
N ASP D 61 -12.65 -12.66 40.84
CA ASP D 61 -13.89 -13.45 40.83
C ASP D 61 -14.76 -13.21 42.04
N HIS D 62 -14.44 -12.18 42.82
CA HIS D 62 -15.26 -11.78 43.95
C HIS D 62 -16.32 -10.75 43.52
N TYR D 63 -16.21 -10.34 42.25
CA TYR D 63 -17.05 -9.29 41.70
C TYR D 63 -18.07 -9.85 40.73
N HIS D 64 -19.35 -9.58 41.00
CA HIS D 64 -20.41 -9.96 40.07
C HIS D 64 -21.30 -8.78 39.69
N LEU D 65 -21.66 -8.70 38.42
CA LEU D 65 -22.64 -7.72 38.00
C LEU D 65 -23.98 -8.43 38.02
N ILE D 66 -25.04 -7.76 38.50
CA ILE D 66 -26.37 -8.34 38.54
C ILE D 66 -27.33 -7.49 37.75
N GLY D 67 -28.26 -8.10 37.05
CA GLY D 67 -29.27 -7.32 36.34
C GLY D 67 -30.41 -8.18 35.85
N PRO D 68 -31.44 -7.55 35.27
CA PRO D 68 -32.54 -8.30 34.65
C PRO D 68 -32.06 -8.97 33.37
N LEU D 69 -32.47 -10.21 33.14
CA LEU D 69 -32.16 -10.84 31.87
C LEU D 69 -33.07 -10.27 30.81
N ASN D 70 -32.48 -9.92 29.66
CA ASN D 70 -33.21 -9.42 28.49
C ASN D 70 -33.18 -10.53 27.48
N LYS D 71 -34.27 -11.26 27.36
CA LYS D 71 -34.28 -12.46 26.54
C LYS D 71 -34.03 -12.18 25.06
N ALA D 72 -33.97 -10.92 24.70
CA ALA D 72 -33.82 -10.54 23.30
C ALA D 72 -32.37 -10.38 22.86
N THR D 73 -31.48 -10.06 23.79
CA THR D 73 -30.12 -9.65 23.45
C THR D 73 -29.05 -10.45 24.19
N TYR D 74 -29.41 -11.01 25.33
CA TYR D 74 -28.42 -11.64 26.18
C TYR D 74 -27.51 -12.63 25.43
N GLN D 75 -28.06 -13.32 24.43
CA GLN D 75 -27.29 -14.31 23.67
C GLN D 75 -26.14 -13.74 22.85
N ASN D 76 -26.13 -12.42 22.62
CA ASN D 76 -25.10 -11.80 21.79
C ASN D 76 -24.01 -11.26 22.66
N GLU D 77 -24.32 -11.06 23.94
CA GLU D 77 -23.40 -10.37 24.86
C GLU D 77 -22.84 -11.25 25.97
N VAL D 78 -23.44 -12.42 26.18
CA VAL D 78 -23.07 -13.24 27.30
C VAL D 78 -22.57 -14.64 26.98
N ASP D 79 -21.33 -14.91 27.40
CA ASP D 79 -20.79 -16.26 27.38
C ASP D 79 -21.52 -17.01 28.48
N ILE D 80 -22.47 -17.85 28.11
CA ILE D 80 -23.20 -18.59 29.12
C ILE D 80 -22.32 -19.67 29.77
N LEU D 81 -22.40 -19.77 31.09
CA LEU D 81 -21.58 -20.72 31.84
C LEU D 81 -22.43 -21.66 32.65
N ASP D 82 -21.88 -22.85 32.92
CA ASP D 82 -22.53 -23.81 33.80
C ASP D 82 -22.11 -23.54 35.23
N TRP D 83 -23.03 -23.03 36.02
CA TRP D 83 -22.74 -22.55 37.36
C TRP D 83 -22.85 -23.66 38.37
N LYS D 84 -23.21 -24.85 37.91
CA LYS D 84 -23.38 -25.98 38.81
C LYS D 84 -22.12 -26.83 38.97
N LYS D 85 -21.24 -26.82 37.96
CA LYS D 85 -20.02 -27.60 38.03
C LYS D 85 -19.23 -27.14 39.24
N PRO D 86 -18.69 -28.09 40.01
CA PRO D 86 -17.89 -27.74 41.19
C PRO D 86 -16.77 -26.78 40.83
N GLU D 87 -16.35 -26.80 39.58
CA GLU D 87 -15.28 -25.93 39.11
C GLU D 87 -15.68 -24.46 39.00
N ALA D 88 -16.97 -24.18 38.90
CA ALA D 88 -17.44 -22.83 38.61
C ALA D 88 -17.08 -21.79 39.66
N PHE D 89 -16.79 -22.24 40.88
CA PHE D 89 -16.47 -21.34 41.99
C PHE D 89 -15.29 -21.80 42.87
N SER D 90 -14.40 -20.87 43.22
CA SER D 90 -13.36 -21.16 44.21
C SER D 90 -14.07 -21.62 45.47
N ASP D 91 -13.37 -22.33 46.35
CA ASP D 91 -14.03 -22.78 47.54
C ASP D 91 -14.42 -21.62 48.42
N GLU D 92 -13.61 -20.58 48.49
CA GLU D 92 -13.97 -19.43 49.32
C GLU D 92 -15.20 -18.72 48.78
N MET D 93 -15.48 -18.92 47.49
CA MET D 93 -16.63 -18.33 46.84
C MET D 93 -17.82 -19.27 46.76
N ARG D 94 -17.71 -20.46 47.34
CA ARG D 94 -18.82 -21.42 47.40
C ARG D 94 -20.17 -20.80 47.64
N PRO D 95 -20.29 -20.00 48.72
CA PRO D 95 -21.56 -19.46 49.19
C PRO D 95 -22.41 -18.94 48.07
N VAL D 96 -21.84 -18.13 47.19
CA VAL D 96 -22.59 -17.60 46.07
C VAL D 96 -23.22 -18.74 45.26
N GLN D 97 -22.51 -19.86 45.13
CA GLN D 97 -23.00 -20.93 44.30
C GLN D 97 -24.22 -21.53 44.93
N HIS D 98 -24.12 -21.84 46.22
CA HIS D 98 -25.23 -22.42 46.95
C HIS D 98 -26.39 -21.45 46.98
N ALA D 99 -26.08 -20.16 47.04
CA ALA D 99 -27.08 -19.12 46.99
C ALA D 99 -27.91 -19.27 45.73
N LEU D 100 -27.24 -19.39 44.59
CA LEU D 100 -27.94 -19.63 43.33
C LEU D 100 -28.68 -20.96 43.36
N GLN D 101 -28.03 -21.99 43.87
CA GLN D 101 -28.69 -23.28 44.04
C GLN D 101 -30.03 -23.09 44.72
N THR D 102 -30.01 -22.50 45.91
CA THR D 102 -31.20 -22.19 46.69
C THR D 102 -32.21 -21.41 45.89
N MET D 103 -31.73 -20.40 45.18
CA MET D 103 -32.60 -19.56 44.37
C MET D 103 -33.35 -20.39 43.33
N GLU D 104 -32.67 -21.40 42.78
CA GLU D 104 -33.29 -22.23 41.77
C GLU D 104 -34.37 -23.09 42.36
N SER D 105 -34.16 -23.57 43.58
CA SER D 105 -35.14 -24.38 44.31
C SER D 105 -36.50 -23.74 44.30
N ARG D 106 -36.54 -22.50 44.76
CA ARG D 106 -37.78 -21.75 44.92
C ARG D 106 -38.35 -21.27 43.58
N GLY D 107 -37.67 -21.61 42.49
CA GLY D 107 -38.20 -21.45 41.14
C GLY D 107 -37.78 -20.20 40.38
N VAL D 108 -36.67 -19.61 40.81
CA VAL D 108 -36.15 -18.41 40.17
C VAL D 108 -35.15 -18.80 39.09
N HIS D 109 -35.32 -18.29 37.88
CA HIS D 109 -34.45 -18.66 36.77
C HIS D 109 -33.50 -17.52 36.39
N PHE D 110 -32.31 -17.88 35.95
CA PHE D 110 -31.29 -16.88 35.70
C PHE D 110 -30.18 -17.45 34.84
N VAL D 111 -29.39 -16.55 34.25
CA VAL D 111 -28.24 -16.93 33.44
C VAL D 111 -27.00 -16.55 34.22
N TYR D 112 -26.11 -17.51 34.46
CA TYR D 112 -24.80 -17.18 35.00
C TYR D 112 -23.91 -17.17 33.80
N GLY D 113 -22.97 -16.23 33.75
CA GLY D 113 -22.06 -16.15 32.63
C GLY D 113 -21.04 -15.01 32.69
N ARG D 114 -20.15 -14.99 31.71
CA ARG D 114 -19.20 -13.91 31.54
C ARG D 114 -19.82 -12.93 30.56
N TRP D 115 -19.73 -11.65 30.85
CA TRP D 115 -20.17 -10.62 29.91
C TRP D 115 -19.03 -10.38 28.94
N LEU D 116 -19.28 -10.55 27.64
CA LEU D 116 -18.21 -10.53 26.66
C LEU D 116 -17.65 -9.14 26.36
N ILE D 117 -17.09 -8.48 27.37
CA ILE D 117 -16.35 -7.25 27.17
C ILE D 117 -14.92 -7.43 27.61
N GLU D 118 -14.10 -6.40 27.37
CA GLU D 118 -12.76 -6.37 27.94
C GLU D 118 -12.99 -6.31 29.42
N GLY D 119 -12.38 -7.27 30.11
CA GLY D 119 -12.61 -7.49 31.53
C GLY D 119 -13.27 -8.84 31.77
N ALA D 120 -14.27 -9.15 30.97
CA ALA D 120 -15.02 -10.39 31.05
C ALA D 120 -15.47 -10.71 32.47
N PRO D 121 -16.17 -9.75 33.11
CA PRO D 121 -16.66 -9.90 34.48
C PRO D 121 -17.79 -10.89 34.55
N LYS D 122 -17.91 -11.61 35.66
CA LYS D 122 -18.97 -12.59 35.77
C LYS D 122 -20.30 -11.89 36.09
N VAL D 123 -21.37 -12.45 35.55
CA VAL D 123 -22.65 -11.75 35.47
C VAL D 123 -23.78 -12.66 35.88
N ILE D 124 -24.71 -12.16 36.67
CA ILE D 124 -25.90 -12.92 37.06
C ILE D 124 -27.15 -12.21 36.52
N LEU D 125 -27.85 -12.84 35.58
CA LEU D 125 -28.96 -12.17 34.94
C LEU D 125 -30.27 -12.85 35.30
N PHE D 126 -31.05 -12.28 36.23
CA PHE D 126 -32.30 -12.89 36.70
C PHE D 126 -33.43 -12.83 35.70
N ASP D 127 -34.10 -13.97 35.49
CA ASP D 127 -35.18 -14.07 34.51
C ASP D 127 -36.46 -13.59 35.15
N LEU D 128 -36.77 -12.31 34.92
CA LEU D 128 -37.88 -11.65 35.59
C LEU D 128 -39.21 -12.36 35.42
N ASP D 129 -39.31 -13.25 34.43
CA ASP D 129 -40.55 -13.94 34.13
C ASP D 129 -40.81 -15.02 35.15
N SER D 130 -39.74 -15.64 35.61
CA SER D 130 -39.82 -16.80 36.48
C SER D 130 -40.17 -16.40 37.90
N VAL D 131 -40.61 -15.17 38.06
CA VAL D 131 -40.82 -14.58 39.38
C VAL D 131 -41.95 -13.57 39.28
N ARG D 132 -42.45 -13.38 38.07
CA ARG D 132 -43.54 -12.46 37.78
C ARG D 132 -44.84 -12.78 38.52
N GLY D 133 -44.91 -13.98 39.09
CA GLY D 133 -46.07 -14.40 39.85
C GLY D 133 -46.20 -13.69 41.18
N TYR D 134 -45.12 -13.72 41.96
CA TYR D 134 -45.03 -13.00 43.21
C TYR D 134 -45.33 -11.49 43.05
N SER D 135 -45.68 -11.07 41.83
CA SER D 135 -45.88 -9.64 41.52
C SER D 135 -46.87 -8.94 42.43
N ASN D 136 -48.05 -9.50 42.60
CA ASN D 136 -49.06 -8.82 43.39
C ASN D 136 -48.72 -8.80 44.86
N GLU D 137 -48.19 -9.92 45.34
CA GLU D 137 -47.77 -10.01 46.73
C GLU D 137 -46.73 -8.94 47.04
N TRP D 138 -45.77 -8.78 46.13
CA TRP D 138 -44.67 -7.86 46.30
C TRP D 138 -45.08 -6.40 46.16
N LYS D 139 -45.84 -6.05 45.12
CA LYS D 139 -46.32 -4.68 44.96
C LYS D 139 -46.96 -4.23 46.26
N GLY D 140 -47.64 -5.17 46.93
CA GLY D 140 -48.26 -4.92 48.22
C GLY D 140 -47.24 -4.70 49.32
N ASP D 141 -46.38 -5.69 49.53
CA ASP D 141 -45.35 -5.58 50.55
C ASP D 141 -44.59 -4.27 50.44
N LEU D 142 -44.32 -3.81 49.21
CA LEU D 142 -43.56 -2.58 49.00
C LEU D 142 -44.34 -1.41 49.57
N TRP D 143 -45.59 -1.28 49.16
CA TRP D 143 -46.46 -0.22 49.65
C TRP D 143 -46.48 -0.15 51.16
N SER D 144 -46.53 -1.30 51.81
CA SER D 144 -46.64 -1.32 53.26
C SER D 144 -45.31 -1.52 53.96
N LEU D 145 -44.23 -0.99 53.37
CA LEU D 145 -42.92 -0.95 54.03
C LEU D 145 -42.26 0.35 53.66
N VAL D 146 -42.67 0.92 52.53
CA VAL D 146 -42.04 2.14 52.06
C VAL D 146 -43.09 3.07 51.46
N GLY D 147 -44.33 2.59 51.40
CA GLY D 147 -45.42 3.41 50.89
C GLY D 147 -45.22 3.82 49.45
N ILE D 148 -44.62 2.94 48.66
CA ILE D 148 -44.39 3.21 47.25
C ILE D 148 -45.54 2.66 46.39
N PRO D 149 -46.40 3.57 45.88
CA PRO D 149 -47.53 3.26 45.01
C PRO D 149 -47.03 2.56 43.76
N SER D 150 -47.90 1.85 43.03
CA SER D 150 -47.43 1.12 41.87
C SER D 150 -48.56 0.85 40.92
N PRO D 151 -48.88 1.81 40.04
CA PRO D 151 -49.92 1.56 39.03
C PRO D 151 -49.54 0.35 38.20
N GLU D 152 -50.53 -0.34 37.64
CA GLU D 152 -50.27 -1.57 36.91
C GLU D 152 -49.96 -1.37 35.44
N ASN D 153 -50.12 -0.12 34.96
CA ASN D 153 -49.82 0.21 33.57
C ASN D 153 -48.40 0.75 33.37
N ASP D 154 -47.62 0.77 34.44
CA ASP D 154 -46.21 1.13 34.37
C ASP D 154 -45.37 -0.12 34.41
N PHE D 155 -44.94 -0.57 33.23
CA PHE D 155 -44.21 -1.82 33.13
C PHE D 155 -42.78 -1.72 33.63
N GLU D 156 -42.18 -0.54 33.49
CA GLU D 156 -40.81 -0.33 33.95
C GLU D 156 -40.70 -0.49 35.44
N THR D 157 -41.66 0.03 36.20
CA THR D 157 -41.62 -0.10 37.66
C THR D 157 -41.99 -1.51 38.11
N ASN D 158 -42.90 -2.16 37.40
CA ASN D 158 -43.21 -3.56 37.69
C ASN D 158 -41.92 -4.34 37.63
N ASP D 159 -41.20 -4.18 36.53
CA ASP D 159 -39.92 -4.84 36.33
C ASP D 159 -38.95 -4.39 37.40
N ALA D 160 -39.03 -3.13 37.79
CA ALA D 160 -38.09 -2.58 38.75
C ALA D 160 -38.33 -3.16 40.12
N ILE D 161 -39.59 -3.44 40.41
CA ILE D 161 -39.95 -4.06 41.69
C ILE D 161 -39.55 -5.52 41.64
N LEU D 162 -39.91 -6.20 40.56
CA LEU D 162 -39.55 -7.60 40.38
C LEU D 162 -38.05 -7.79 40.56
N LEU D 163 -37.26 -6.97 39.87
CA LEU D 163 -35.80 -7.02 39.97
C LEU D 163 -35.38 -6.77 41.39
N GLY D 164 -35.93 -5.73 41.98
CA GLY D 164 -35.62 -5.40 43.35
C GLY D 164 -35.83 -6.53 44.35
N TYR D 165 -37.04 -7.09 44.38
CA TYR D 165 -37.34 -8.15 45.34
C TYR D 165 -36.47 -9.36 45.15
N THR D 166 -36.10 -9.64 43.92
CA THR D 166 -35.32 -10.82 43.59
C THR D 166 -33.91 -10.65 44.05
N VAL D 167 -33.35 -9.48 43.79
CA VAL D 167 -31.96 -9.19 44.14
C VAL D 167 -31.80 -9.09 45.66
N ALA D 168 -32.70 -8.39 46.32
CA ALA D 168 -32.68 -8.31 47.77
C ALA D 168 -32.67 -9.72 48.33
N TRP D 169 -33.50 -10.57 47.72
CA TRP D 169 -33.66 -11.99 48.07
C TRP D 169 -32.35 -12.75 47.90
N PHE D 170 -31.69 -12.51 46.77
CA PHE D 170 -30.43 -13.19 46.46
C PHE D 170 -29.30 -12.75 47.39
N LEU D 171 -29.35 -11.51 47.86
CA LEU D 171 -28.33 -11.00 48.75
C LEU D 171 -28.60 -11.51 50.16
N GLY D 172 -29.88 -11.60 50.50
CA GLY D 172 -30.29 -12.24 51.74
C GLY D 172 -29.64 -13.59 51.85
N GLU D 173 -29.74 -14.38 50.80
CA GLU D 173 -29.19 -15.73 50.76
C GLU D 173 -27.67 -15.78 50.89
N VAL D 174 -26.99 -14.87 50.21
CA VAL D 174 -25.53 -14.83 50.22
C VAL D 174 -25.03 -14.42 51.59
N ALA D 175 -25.68 -13.40 52.17
CA ALA D 175 -25.33 -12.90 53.49
C ALA D 175 -25.53 -13.99 54.51
N HIS D 176 -26.52 -14.83 54.25
CA HIS D 176 -26.79 -15.97 55.11
C HIS D 176 -25.68 -17.02 55.03
N LEU D 177 -25.38 -17.47 53.81
CA LEU D 177 -24.47 -18.59 53.57
C LEU D 177 -23.01 -18.24 53.76
N ASP D 178 -22.62 -17.03 53.34
CA ASP D 178 -21.23 -16.61 53.46
C ASP D 178 -21.00 -15.94 54.81
N SER D 179 -19.95 -16.35 55.50
CA SER D 179 -19.68 -15.80 56.83
C SER D 179 -18.24 -15.29 56.97
N GLN D 180 -17.51 -15.33 55.86
CA GLN D 180 -16.12 -14.91 55.84
C GLN D 180 -15.94 -13.48 55.32
N HIS D 181 -16.59 -13.17 54.21
CA HIS D 181 -16.44 -11.87 53.57
C HIS D 181 -17.53 -10.91 54.01
N ALA D 182 -17.18 -9.65 54.15
CA ALA D 182 -18.18 -8.59 54.27
C ALA D 182 -18.78 -8.49 52.90
N ILE D 183 -19.98 -7.92 52.77
CA ILE D 183 -20.60 -7.85 51.44
C ILE D 183 -21.09 -6.46 51.05
N VAL D 184 -20.43 -5.83 50.09
CA VAL D 184 -20.91 -4.55 49.58
C VAL D 184 -21.72 -4.67 48.26
N ALA D 185 -22.87 -4.02 48.23
CA ALA D 185 -23.75 -4.11 47.08
C ALA D 185 -24.08 -2.73 46.53
N HIS D 186 -23.61 -2.46 45.30
CA HIS D 186 -23.76 -1.18 44.62
C HIS D 186 -24.95 -1.24 43.67
N PHE D 187 -25.79 -0.20 43.65
CA PHE D 187 -26.93 -0.13 42.74
C PHE D 187 -26.94 1.16 41.93
N HIS D 188 -27.10 1.07 40.61
CA HIS D 188 -27.11 2.27 39.78
C HIS D 188 -28.49 2.63 39.23
N GLU D 189 -28.93 3.84 39.56
CA GLU D 189 -30.19 4.41 39.06
C GLU D 189 -31.47 3.78 39.65
N TRP D 190 -32.57 4.52 39.61
CA TRP D 190 -33.77 4.13 40.35
C TRP D 190 -34.39 2.82 39.99
N LEU D 191 -34.28 2.42 38.73
CA LEU D 191 -34.86 1.16 38.25
C LEU D 191 -34.26 -0.05 38.93
N ALA D 192 -33.01 0.05 39.35
CA ALA D 192 -32.36 -1.05 40.06
C ALA D 192 -32.37 -0.80 41.57
N GLY D 193 -33.21 0.13 41.98
CA GLY D 193 -33.12 0.67 43.32
C GLY D 193 -34.20 0.27 44.30
N VAL D 194 -35.10 -0.63 43.89
CA VAL D 194 -36.13 -1.08 44.81
C VAL D 194 -35.51 -2.00 45.86
N ALA D 195 -34.41 -2.65 45.50
CA ALA D 195 -33.78 -3.58 46.40
C ALA D 195 -33.26 -2.89 47.66
N LEU D 196 -33.12 -1.58 47.61
CA LEU D 196 -32.42 -0.84 48.65
C LEU D 196 -33.21 -0.69 49.95
N PRO D 197 -34.48 -0.25 49.83
CA PRO D 197 -35.34 -0.24 51.02
C PRO D 197 -35.38 -1.60 51.70
N LEU D 198 -35.74 -2.62 50.96
CA LEU D 198 -35.78 -3.97 51.49
C LEU D 198 -34.54 -4.30 52.31
N CYS D 199 -33.36 -4.03 51.77
CA CYS D 199 -32.14 -4.38 52.50
C CYS D 199 -32.04 -3.74 53.89
N ARG D 200 -32.32 -2.43 53.95
CA ARG D 200 -32.33 -1.71 55.21
C ARG D 200 -33.45 -2.19 56.13
N LYS D 201 -34.65 -2.31 55.61
CA LYS D 201 -35.76 -2.82 56.38
C LYS D 201 -35.46 -4.21 56.99
N ARG D 202 -35.14 -5.20 56.15
CA ARG D 202 -34.90 -6.57 56.61
C ARG D 202 -33.57 -6.71 57.38
N ARG D 203 -32.86 -5.60 57.57
CA ARG D 203 -31.56 -5.61 58.24
C ARG D 203 -30.65 -6.74 57.74
N ILE D 204 -30.57 -6.88 56.41
CA ILE D 204 -29.70 -7.85 55.72
C ILE D 204 -28.25 -7.46 55.96
N ASP D 205 -27.34 -8.40 56.10
CA ASP D 205 -25.95 -8.00 56.39
C ASP D 205 -25.06 -7.63 55.17
N VAL D 206 -25.47 -6.58 54.45
CA VAL D 206 -24.66 -6.03 53.37
C VAL D 206 -24.62 -4.52 53.52
N VAL D 207 -23.50 -3.89 53.18
CA VAL D 207 -23.46 -2.44 53.11
C VAL D 207 -23.81 -2.00 51.68
N THR D 208 -24.66 -0.99 51.55
CA THR D 208 -25.24 -0.66 50.26
C THR D 208 -24.83 0.73 49.76
N ILE D 209 -24.56 0.82 48.46
CA ILE D 209 -24.26 2.11 47.81
C ILE D 209 -25.24 2.40 46.68
N PHE D 210 -25.83 3.58 46.66
CA PHE D 210 -26.70 3.96 45.57
C PHE D 210 -26.15 5.16 44.82
N THR D 211 -25.88 4.97 43.53
CA THR D 211 -25.48 6.05 42.65
C THR D 211 -26.61 6.44 41.70
N THR D 212 -26.81 7.73 41.50
CA THR D 212 -27.82 8.18 40.58
C THR D 212 -27.18 9.06 39.51
N HIS D 213 -27.43 8.70 38.25
CA HIS D 213 -26.78 9.32 37.11
C HIS D 213 -27.63 10.43 36.53
N ALA D 214 -28.54 10.95 37.34
CA ALA D 214 -29.50 11.92 36.89
C ALA D 214 -30.59 11.84 37.93
N THR D 215 -31.55 12.72 37.85
CA THR D 215 -32.69 12.62 38.73
C THR D 215 -33.93 12.57 37.87
N LEU D 216 -35.02 12.05 38.40
CA LEU D 216 -36.24 11.99 37.62
C LEU D 216 -36.78 13.38 37.36
N LEU D 217 -36.86 14.20 38.39
CA LEU D 217 -37.41 15.53 38.24
C LEU D 217 -36.50 16.43 37.39
N GLY D 218 -35.19 16.25 37.52
CA GLY D 218 -34.25 16.98 36.69
C GLY D 218 -34.64 16.83 35.23
N ARG D 219 -34.67 15.60 34.75
CA ARG D 219 -35.04 15.35 33.36
C ARG D 219 -36.37 16.01 33.03
N TYR D 220 -37.42 15.71 33.79
CA TYR D 220 -38.76 16.19 33.46
C TYR D 220 -38.98 17.71 33.48
N LEU D 221 -38.24 18.43 34.32
CA LEU D 221 -38.37 19.88 34.34
C LEU D 221 -37.71 20.48 33.11
N CYS D 222 -36.49 20.06 32.82
CA CYS D 222 -35.72 20.63 31.72
C CYS D 222 -36.25 20.28 30.33
N ALA D 223 -37.23 19.39 30.26
CA ALA D 223 -37.75 18.94 28.96
C ALA D 223 -38.78 19.90 28.34
N SER D 224 -39.04 21.02 29.00
CA SER D 224 -39.86 22.05 28.39
C SER D 224 -38.97 23.21 27.89
N GLY D 225 -38.32 23.92 28.81
CA GLY D 225 -37.40 25.00 28.46
C GLY D 225 -37.52 26.23 29.36
N ASP D 228 -37.22 27.10 33.32
CA ASP D 228 -35.90 27.33 33.92
C ASP D 228 -35.64 26.33 35.05
N PHE D 229 -34.36 26.13 35.32
CA PHE D 229 -33.92 25.08 36.22
C PHE D 229 -32.99 25.56 37.31
N TYR D 230 -31.70 25.50 37.01
CA TYR D 230 -30.67 25.62 38.03
C TYR D 230 -30.82 26.75 39.08
N ASN D 231 -31.65 27.74 38.76
CA ASN D 231 -31.96 28.77 39.74
C ASN D 231 -33.07 28.36 40.69
N CYS D 232 -34.29 28.36 40.19
CA CYS D 232 -35.48 28.10 41.00
C CYS D 232 -35.74 26.62 41.32
N LEU D 233 -34.72 25.77 41.24
CA LEU D 233 -34.91 24.35 41.52
C LEU D 233 -34.85 24.10 43.01
N GLU D 234 -34.29 25.05 43.74
CA GLU D 234 -34.07 24.90 45.16
C GLU D 234 -35.35 25.21 45.89
N SER D 235 -36.43 25.42 45.15
CA SER D 235 -37.62 26.00 45.74
C SER D 235 -38.90 25.47 45.14
N VAL D 236 -38.81 24.27 44.55
CA VAL D 236 -39.97 23.66 43.92
C VAL D 236 -40.53 22.61 44.84
N ASP D 237 -41.86 22.50 44.84
CA ASP D 237 -42.51 21.48 45.66
C ASP D 237 -42.39 20.13 44.97
N VAL D 238 -41.43 19.34 45.42
CA VAL D 238 -41.15 18.05 44.80
C VAL D 238 -42.39 17.14 44.73
N ASP D 239 -43.06 16.94 45.86
CA ASP D 239 -44.22 16.07 45.87
C ASP D 239 -45.31 16.52 44.89
N HIS D 240 -45.39 17.82 44.61
CA HIS D 240 -46.41 18.30 43.69
C HIS D 240 -46.00 18.21 42.22
N GLU D 241 -44.75 18.56 41.94
CA GLU D 241 -44.24 18.53 40.56
C GLU D 241 -44.15 17.09 40.04
N ALA D 242 -43.71 16.18 40.91
CA ALA D 242 -43.69 14.76 40.57
C ALA D 242 -45.11 14.34 40.19
N GLY D 243 -46.09 14.79 40.97
CA GLY D 243 -47.48 14.56 40.63
C GLY D 243 -47.81 15.13 39.26
N ARG D 244 -47.60 16.43 39.10
CA ARG D 244 -47.93 17.11 37.85
C ARG D 244 -47.50 16.33 36.61
N PHE D 245 -46.43 15.55 36.71
CA PHE D 245 -45.88 14.87 35.54
C PHE D 245 -46.35 13.43 35.44
N GLY D 246 -47.00 12.94 36.50
CA GLY D 246 -47.46 11.56 36.55
C GLY D 246 -46.33 10.63 36.90
N ILE D 247 -45.43 11.14 37.73
CA ILE D 247 -44.15 10.50 37.97
C ILE D 247 -44.05 10.06 39.42
N TYR D 248 -45.10 10.30 40.20
CA TYR D 248 -44.97 10.19 41.65
C TYR D 248 -44.33 8.90 42.13
N HIS D 249 -44.90 7.78 41.71
CA HIS D 249 -44.44 6.47 42.16
C HIS D 249 -42.97 6.22 41.80
N ARG D 250 -42.54 6.73 40.65
CA ARG D 250 -41.16 6.57 40.20
C ARG D 250 -40.29 7.41 41.09
N TYR D 251 -40.70 8.66 41.29
CA TYR D 251 -40.00 9.58 42.17
C TYR D 251 -39.82 8.96 43.57
N CYS D 252 -40.86 8.30 44.09
CA CYS D 252 -40.81 7.68 45.42
C CYS D 252 -39.77 6.59 45.50
N ILE D 253 -39.60 5.81 44.44
CA ILE D 253 -38.55 4.80 44.38
C ILE D 253 -37.16 5.43 44.32
N GLU D 254 -36.99 6.45 43.49
CA GLU D 254 -35.70 7.11 43.39
C GLU D 254 -35.34 7.70 44.75
N ARG D 255 -36.33 8.23 45.45
CA ARG D 255 -36.11 8.84 46.78
C ARG D 255 -35.80 7.78 47.82
N ALA D 256 -36.65 6.78 47.92
CA ALA D 256 -36.44 5.66 48.82
C ALA D 256 -35.05 5.08 48.62
N ALA D 257 -34.66 4.89 47.36
CA ALA D 257 -33.33 4.37 47.03
C ALA D 257 -32.22 5.21 47.65
N ALA D 258 -32.35 6.53 47.53
CA ALA D 258 -31.34 7.48 48.00
C ALA D 258 -31.25 7.54 49.52
N HIS D 259 -32.34 7.29 50.22
CA HIS D 259 -32.31 7.36 51.67
C HIS D 259 -31.96 6.04 52.35
N SER D 260 -32.30 4.91 51.72
CA SER D 260 -32.05 3.61 52.33
C SER D 260 -30.58 3.21 52.23
N ALA D 261 -29.90 3.79 51.24
CA ALA D 261 -28.53 3.41 50.97
C ALA D 261 -27.59 3.92 52.04
N ASP D 262 -26.55 3.14 52.33
CA ASP D 262 -25.57 3.53 53.34
C ASP D 262 -24.72 4.68 52.84
N VAL D 263 -24.42 4.67 51.54
CA VAL D 263 -23.67 5.74 50.90
C VAL D 263 -24.42 6.20 49.65
N PHE D 264 -24.74 7.48 49.57
CA PHE D 264 -25.48 8.00 48.43
C PHE D 264 -24.60 8.88 47.60
N THR D 265 -24.49 8.58 46.29
CA THR D 265 -23.58 9.30 45.39
C THR D 265 -24.26 9.72 44.08
N THR D 266 -23.59 10.58 43.31
CA THR D 266 -24.01 10.88 41.95
C THR D 266 -22.78 10.97 41.09
N VAL D 267 -22.97 11.05 39.78
CA VAL D 267 -21.85 11.05 38.82
C VAL D 267 -21.10 12.36 38.73
N SER D 268 -21.77 13.47 39.07
CA SER D 268 -21.20 14.78 38.85
C SER D 268 -21.48 15.73 39.98
N GLN D 269 -20.61 16.72 40.10
CA GLN D 269 -20.81 17.76 41.09
C GLN D 269 -22.15 18.46 40.89
N ILE D 270 -22.41 18.86 39.65
CA ILE D 270 -23.62 19.60 39.30
C ILE D 270 -24.89 18.79 39.61
N THR D 271 -24.88 17.51 39.27
CA THR D 271 -26.03 16.65 39.54
C THR D 271 -26.23 16.44 41.04
N ALA D 272 -25.15 16.57 41.81
CA ALA D 272 -25.21 16.36 43.25
C ALA D 272 -25.97 17.49 43.95
N PHE D 273 -25.87 18.69 43.40
CA PHE D 273 -26.59 19.85 43.90
C PHE D 273 -28.07 19.65 43.56
N GLU D 274 -28.31 19.28 42.32
CA GLU D 274 -29.63 18.95 41.84
C GLU D 274 -30.23 17.88 42.73
N ALA D 275 -29.40 16.91 43.10
CA ALA D 275 -29.89 15.75 43.85
C ALA D 275 -30.26 16.16 45.24
N GLU D 276 -29.39 16.96 45.85
CA GLU D 276 -29.60 17.37 47.23
C GLU D 276 -30.95 18.01 47.43
N HIS D 277 -31.31 18.95 46.57
CA HIS D 277 -32.57 19.67 46.72
C HIS D 277 -33.80 18.93 46.19
N LEU D 278 -33.59 18.03 45.23
CA LEU D 278 -34.71 17.33 44.60
C LEU D 278 -35.07 15.99 45.24
N LEU D 279 -34.07 15.25 45.71
CA LEU D 279 -34.33 13.98 46.39
C LEU D 279 -34.29 14.17 47.89
N LYS D 280 -33.65 15.26 48.32
CA LYS D 280 -33.58 15.63 49.74
C LYS D 280 -32.56 14.79 50.50
N ARG D 281 -31.41 14.55 49.91
CA ARG D 281 -30.27 14.02 50.65
C ARG D 281 -28.99 14.47 50.01
N LYS D 282 -28.06 14.94 50.83
CA LYS D 282 -26.78 15.40 50.31
C LYS D 282 -25.87 14.22 50.00
N PRO D 283 -25.49 14.08 48.73
CA PRO D 283 -24.57 13.05 48.25
C PRO D 283 -23.29 13.02 49.06
N ASP D 284 -22.81 11.83 49.39
CA ASP D 284 -21.63 11.68 50.25
C ASP D 284 -20.41 11.74 49.39
N GLY D 285 -20.62 11.86 48.08
CA GLY D 285 -19.50 11.94 47.16
C GLY D 285 -19.89 11.88 45.69
N ILE D 286 -18.87 12.01 44.84
CA ILE D 286 -19.06 12.05 43.42
C ILE D 286 -18.36 10.87 42.83
N LEU D 287 -18.98 10.25 41.82
CA LEU D 287 -18.38 9.13 41.09
C LEU D 287 -18.36 9.42 39.60
N PRO D 288 -17.43 10.28 39.18
CA PRO D 288 -17.30 10.78 37.81
C PRO D 288 -16.96 9.63 36.89
N ASN D 289 -17.46 9.68 35.66
CA ASN D 289 -17.27 8.59 34.70
C ASN D 289 -15.95 8.72 33.93
N GLY D 290 -15.07 7.74 34.08
CA GLY D 290 -13.82 7.74 33.33
C GLY D 290 -14.00 6.89 32.09
N LEU D 291 -12.96 6.77 31.27
CA LEU D 291 -13.01 5.98 30.05
C LEU D 291 -11.87 4.98 30.00
N ASN D 292 -11.95 4.03 29.09
CA ASN D 292 -10.84 3.12 28.87
C ASN D 292 -9.86 3.73 27.85
N VAL D 293 -9.05 4.69 28.30
CA VAL D 293 -8.28 5.57 27.41
C VAL D 293 -7.41 4.85 26.36
N ILE D 294 -6.91 3.67 26.73
CA ILE D 294 -6.13 2.85 25.80
C ILE D 294 -6.94 2.54 24.54
N LYS D 295 -8.25 2.48 24.69
CA LYS D 295 -9.18 2.11 23.63
C LYS D 295 -9.29 3.19 22.54
N PHE D 296 -8.61 4.31 22.73
CA PHE D 296 -8.58 5.38 21.72
C PHE D 296 -7.19 5.48 21.10
N GLN D 297 -6.22 5.85 21.93
CA GLN D 297 -4.83 6.03 21.50
C GLN D 297 -4.05 4.71 21.52
N LEU D 305 -1.77 11.44 13.13
CA LEU D 305 -3.24 11.36 13.02
C LEU D 305 -4.08 12.57 12.59
N HIS D 306 -4.08 13.62 13.39
CA HIS D 306 -4.98 14.75 13.11
C HIS D 306 -4.92 15.24 11.65
N ALA D 307 -3.71 15.41 11.11
CA ALA D 307 -3.52 15.82 9.72
C ALA D 307 -4.11 14.80 8.75
N LEU D 308 -3.78 13.53 8.96
CA LEU D 308 -4.28 12.45 8.12
C LEU D 308 -5.82 12.44 8.00
N LYS D 309 -6.48 12.79 9.10
CA LYS D 309 -7.93 12.73 9.19
C LYS D 309 -8.57 14.03 8.71
N LYS D 310 -7.93 15.15 9.04
CA LYS D 310 -8.39 16.44 8.55
C LYS D 310 -8.52 16.38 7.02
N GLU D 311 -7.63 15.63 6.38
CA GLU D 311 -7.61 15.53 4.92
C GLU D 311 -8.85 14.84 4.37
N LYS D 312 -9.32 13.82 5.08
CA LYS D 312 -10.56 13.16 4.70
C LYS D 312 -11.73 14.16 4.77
N ILE D 313 -11.66 15.06 5.74
CA ILE D 313 -12.68 16.10 5.90
C ILE D 313 -12.56 17.17 4.84
N ASN D 314 -11.34 17.55 4.52
CA ASN D 314 -11.12 18.42 3.38
C ASN D 314 -11.82 17.84 2.14
N ASP D 315 -11.54 16.58 1.85
CA ASP D 315 -12.14 15.86 0.73
C ASP D 315 -13.67 16.01 0.72
N PHE D 316 -14.30 15.97 1.89
CA PHE D 316 -15.77 16.15 1.94
C PHE D 316 -16.19 17.58 1.65
N VAL D 317 -15.53 18.55 2.29
CA VAL D 317 -15.83 19.96 2.08
C VAL D 317 -15.67 20.39 0.62
N ARG D 318 -14.74 19.78 -0.11
CA ARG D 318 -14.56 20.13 -1.51
C ARG D 318 -15.69 19.60 -2.35
N GLY D 319 -16.10 18.38 -2.08
CA GLY D 319 -17.21 17.81 -2.82
C GLY D 319 -18.52 18.50 -2.53
N HIS D 320 -18.58 19.18 -1.41
CA HIS D 320 -19.83 19.78 -0.97
C HIS D 320 -19.99 21.20 -1.49
N PHE D 321 -18.90 21.95 -1.45
CA PHE D 321 -18.94 23.31 -1.95
C PHE D 321 -18.49 23.40 -3.40
N HIS D 322 -18.53 22.27 -4.11
CA HIS D 322 -18.13 22.27 -5.52
C HIS D 322 -18.85 23.36 -6.25
N GLY D 323 -18.17 23.99 -7.20
CA GLY D 323 -18.80 25.01 -8.02
C GLY D 323 -18.86 26.37 -7.38
N CYS D 324 -18.46 26.45 -6.11
CA CYS D 324 -18.29 27.74 -5.45
C CYS D 324 -17.42 27.62 -4.21
N PHE D 325 -16.19 27.17 -4.46
CA PHE D 325 -15.21 26.93 -3.43
C PHE D 325 -14.26 28.12 -3.31
N ASP D 326 -14.68 29.12 -2.54
CA ASP D 326 -14.04 30.43 -2.51
C ASP D 326 -13.17 30.74 -1.29
N PHE D 327 -12.74 29.72 -0.54
CA PHE D 327 -11.96 29.99 0.67
C PHE D 327 -10.79 29.05 0.79
N ASP D 328 -9.83 29.39 1.65
CA ASP D 328 -8.57 28.64 1.77
C ASP D 328 -8.61 27.58 2.85
N LEU D 329 -8.53 26.31 2.44
CA LEU D 329 -8.60 25.24 3.41
C LEU D 329 -7.44 25.27 4.39
N ASP D 330 -6.33 25.84 3.96
CA ASP D 330 -5.17 26.05 4.83
C ASP D 330 -5.47 27.15 5.85
N ASN D 331 -6.63 27.75 5.72
CA ASN D 331 -7.00 28.86 6.59
C ASN D 331 -8.44 28.76 7.08
N THR D 332 -8.96 27.53 7.13
CA THR D 332 -10.29 27.27 7.67
C THR D 332 -10.26 26.31 8.86
N LEU D 333 -11.13 26.55 9.82
CA LEU D 333 -11.24 25.73 11.01
C LEU D 333 -12.54 24.89 11.03
N TYR D 334 -12.45 23.67 11.54
CA TYR D 334 -13.63 22.81 11.63
C TYR D 334 -14.15 22.72 13.05
N PHE D 335 -15.35 23.25 13.26
CA PHE D 335 -16.07 23.16 14.54
C PHE D 335 -17.10 22.04 14.45
N PHE D 336 -17.40 21.39 15.57
CA PHE D 336 -18.43 20.35 15.56
C PHE D 336 -19.14 20.16 16.89
N ILE D 337 -20.45 19.95 16.80
CA ILE D 337 -21.24 19.48 17.94
C ILE D 337 -21.81 18.11 17.56
N ALA D 338 -21.89 17.18 18.52
CA ALA D 338 -22.34 15.84 18.20
C ALA D 338 -23.09 15.18 19.34
N GLY D 339 -23.78 14.08 19.04
CA GLY D 339 -24.44 13.30 20.07
C GLY D 339 -25.92 13.04 19.80
N ARG D 340 -26.63 12.62 20.84
CA ARG D 340 -28.06 12.36 20.79
C ARG D 340 -28.76 13.64 20.41
N TYR D 341 -29.84 13.55 19.65
CA TYR D 341 -30.57 14.72 19.22
C TYR D 341 -31.50 15.30 20.30
N GLU D 342 -30.95 16.06 21.24
CA GLU D 342 -31.76 16.78 22.22
C GLU D 342 -31.54 18.26 22.03
N TYR D 343 -32.35 18.88 21.18
CA TYR D 343 -32.15 20.27 20.79
C TYR D 343 -31.84 21.21 21.95
N LYS D 344 -32.75 21.31 22.92
CA LYS D 344 -32.51 22.21 24.05
C LYS D 344 -31.34 21.74 24.93
N ASN D 345 -31.40 20.49 25.38
CA ASN D 345 -30.46 19.98 26.38
C ASN D 345 -28.99 19.88 25.96
N LYS D 346 -28.73 19.43 24.73
CA LYS D 346 -27.36 19.36 24.22
C LYS D 346 -26.83 20.74 23.87
N GLY D 347 -27.76 21.71 23.79
CA GLY D 347 -27.40 23.10 23.54
C GLY D 347 -27.14 23.38 22.08
N ALA D 348 -27.90 22.71 21.21
CA ALA D 348 -27.83 22.94 19.78
C ALA D 348 -28.22 24.37 19.44
N ASP D 349 -29.32 24.82 20.04
CA ASP D 349 -29.80 26.20 19.89
C ASP D 349 -28.67 27.24 20.09
N MET D 350 -28.07 27.25 21.27
CA MET D 350 -26.96 28.13 21.57
C MET D 350 -25.84 28.00 20.56
N PHE D 351 -25.55 26.78 20.17
CA PHE D 351 -24.51 26.53 19.18
C PHE D 351 -24.79 27.23 17.87
N ILE D 352 -25.92 26.90 17.23
CA ILE D 352 -26.29 27.57 15.99
C ILE D 352 -26.32 29.09 16.16
N GLU D 353 -27.02 29.57 17.19
CA GLU D 353 -27.11 31.00 17.46
C GLU D 353 -25.73 31.66 17.58
N ALA D 354 -24.89 31.14 18.47
CA ALA D 354 -23.54 31.68 18.71
C ALA D 354 -22.70 31.70 17.43
N LEU D 355 -22.96 30.77 16.52
CA LEU D 355 -22.24 30.73 15.26
C LEU D 355 -22.68 31.85 14.34
N ALA D 356 -23.99 32.10 14.26
CA ALA D 356 -24.53 33.25 13.54
C ALA D 356 -23.84 34.54 13.98
N ARG D 357 -23.66 34.66 15.28
CA ARG D 357 -23.01 35.83 15.85
C ARG D 357 -21.52 35.84 15.54
N LEU D 358 -20.89 34.66 15.53
CA LEU D 358 -19.47 34.57 15.21
C LEU D 358 -19.26 34.91 13.74
N ASN D 359 -20.35 34.88 12.98
CA ASN D 359 -20.32 35.20 11.56
C ASN D 359 -20.20 36.71 11.42
N TYR D 360 -21.19 37.41 11.97
CA TYR D 360 -21.17 38.86 12.06
C TYR D 360 -19.77 39.33 12.42
N ARG D 361 -19.33 39.03 13.63
CA ARG D 361 -18.03 39.46 14.12
C ARG D 361 -16.85 39.23 13.15
N LEU D 362 -16.94 38.19 12.34
CA LEU D 362 -15.86 37.83 11.42
C LEU D 362 -15.94 38.56 10.07
N LYS D 363 -17.12 39.07 9.76
CA LYS D 363 -17.30 39.88 8.56
C LYS D 363 -16.87 41.31 8.88
N VAL D 364 -17.42 41.86 9.97
CA VAL D 364 -16.99 43.15 10.50
C VAL D 364 -15.48 43.18 10.75
N SER D 365 -14.97 42.31 11.62
CA SER D 365 -13.53 42.24 11.85
C SER D 365 -12.79 41.89 10.56
N GLY D 366 -13.54 41.85 9.45
CA GLY D 366 -13.04 41.49 8.13
C GLY D 366 -11.98 40.40 8.12
N SER D 367 -12.34 39.20 8.56
CA SER D 367 -11.34 38.19 8.81
C SER D 367 -11.03 37.40 7.56
N LYS D 368 -9.80 36.92 7.51
CA LYS D 368 -9.28 36.15 6.41
C LYS D 368 -9.72 34.67 6.46
N LYS D 369 -10.21 34.24 7.62
CA LYS D 369 -10.39 32.81 7.91
C LYS D 369 -11.82 32.34 7.64
N THR D 370 -12.02 31.02 7.67
CA THR D 370 -13.35 30.44 7.46
C THR D 370 -13.62 29.30 8.44
N VAL D 371 -14.80 29.30 9.04
CA VAL D 371 -15.18 28.22 9.94
C VAL D 371 -16.31 27.38 9.36
N VAL D 372 -16.04 26.09 9.11
CA VAL D 372 -17.08 25.18 8.68
C VAL D 372 -17.53 24.35 9.88
N ALA D 373 -18.82 24.33 10.16
CA ALA D 373 -19.29 23.76 11.43
C ALA D 373 -20.29 22.66 11.23
N PHE D 374 -19.94 21.48 11.74
CA PHE D 374 -20.76 20.27 11.62
C PHE D 374 -21.69 20.00 12.81
N ILE D 375 -22.94 19.69 12.49
CA ILE D 375 -23.86 19.15 13.48
C ILE D 375 -24.14 17.67 13.16
N VAL D 376 -23.46 16.79 13.88
CA VAL D 376 -23.64 15.36 13.72
C VAL D 376 -24.61 14.92 14.79
N MET D 377 -25.90 14.95 14.45
CA MET D 377 -26.95 14.54 15.38
C MET D 377 -28.03 13.77 14.65
N PRO D 378 -28.33 12.53 15.09
CA PRO D 378 -29.15 11.63 14.28
C PRO D 378 -30.59 12.08 14.22
N ALA D 379 -31.17 12.20 13.02
CA ALA D 379 -32.59 12.56 12.87
C ALA D 379 -33.30 11.62 11.88
N LYS D 380 -34.62 11.65 11.87
CA LYS D 380 -35.37 10.83 10.92
C LYS D 380 -35.07 11.29 9.50
N ASN D 381 -34.50 10.38 8.69
CA ASN D 381 -34.06 10.73 7.34
C ASN D 381 -34.30 9.66 6.28
N ASN D 382 -34.18 10.06 5.02
CA ASN D 382 -34.20 9.14 3.89
C ASN D 382 -32.87 9.09 3.15
N SER D 383 -31.82 8.70 3.86
CA SER D 383 -30.46 8.70 3.28
C SER D 383 -30.09 10.00 2.57
N PHE D 384 -29.12 9.91 1.67
CA PHE D 384 -28.47 11.11 1.18
C PHE D 384 -29.25 11.85 0.11
N THR D 385 -29.06 13.16 0.06
CA THR D 385 -29.66 14.00 -0.97
C THR D 385 -28.92 13.81 -2.28
N VAL D 386 -29.66 13.75 -3.38
CA VAL D 386 -29.06 13.58 -4.68
C VAL D 386 -28.01 14.66 -4.93
N GLU D 387 -28.35 15.89 -4.55
CA GLU D 387 -27.41 16.99 -4.66
C GLU D 387 -26.08 16.63 -3.98
N ALA D 388 -26.15 16.33 -2.68
CA ALA D 388 -24.95 16.05 -1.87
C ALA D 388 -24.12 14.90 -2.42
N LEU D 389 -24.76 13.92 -3.07
CA LEU D 389 -24.03 12.75 -3.58
C LEU D 389 -23.32 13.03 -4.88
N LYS D 390 -23.98 13.78 -5.76
CA LYS D 390 -23.40 14.21 -7.02
C LYS D 390 -22.14 14.98 -6.69
N GLY D 391 -22.26 15.89 -5.74
CA GLY D 391 -21.11 16.64 -5.25
C GLY D 391 -19.85 15.78 -5.16
N GLN D 392 -19.86 14.82 -4.24
CA GLN D 392 -18.67 14.02 -3.98
C GLN D 392 -18.27 13.24 -5.20
N ALA D 393 -19.25 12.77 -5.95
CA ALA D 393 -18.96 11.94 -7.12
C ALA D 393 -18.12 12.68 -8.17
N GLU D 394 -18.56 13.88 -8.52
CA GLU D 394 -17.92 14.62 -9.61
C GLU D 394 -16.54 15.04 -9.17
N VAL D 395 -16.43 15.47 -7.91
CA VAL D 395 -15.15 15.89 -7.36
C VAL D 395 -14.18 14.73 -7.27
N ARG D 396 -14.70 13.51 -7.19
CA ARG D 396 -13.81 12.35 -7.13
C ARG D 396 -13.33 12.04 -8.54
N ALA D 397 -14.23 12.19 -9.51
CA ALA D 397 -13.90 11.94 -10.92
C ALA D 397 -12.88 12.95 -11.39
N LEU D 398 -12.91 14.15 -10.84
CA LEU D 398 -11.87 15.12 -11.12
C LEU D 398 -10.55 14.55 -10.65
N GLU D 399 -10.49 14.14 -9.38
CA GLU D 399 -9.27 13.57 -8.80
C GLU D 399 -8.68 12.47 -9.69
N ASN D 400 -9.49 11.49 -10.08
CA ASN D 400 -9.02 10.45 -11.00
C ASN D 400 -8.44 11.04 -12.26
N THR D 401 -9.26 11.73 -13.02
CA THR D 401 -8.78 12.32 -14.25
C THR D 401 -7.48 13.12 -14.12
N VAL D 402 -7.40 13.99 -13.13
CA VAL D 402 -6.14 14.66 -12.86
C VAL D 402 -5.00 13.65 -12.72
N HIS D 403 -5.18 12.69 -11.81
CA HIS D 403 -4.19 11.65 -11.61
C HIS D 403 -3.76 10.96 -12.92
N GLU D 404 -4.73 10.41 -13.65
CA GLU D 404 -4.47 9.78 -14.94
C GLU D 404 -3.61 10.70 -15.79
N VAL D 405 -4.06 11.94 -15.92
CA VAL D 405 -3.39 12.90 -16.76
C VAL D 405 -1.95 13.13 -16.30
N THR D 406 -1.76 13.39 -15.01
CA THR D 406 -0.42 13.64 -14.48
C THR D 406 0.51 12.45 -14.66
N THR D 407 0.03 11.23 -14.42
CA THR D 407 0.93 10.10 -14.57
C THR D 407 1.28 9.91 -16.04
N SER D 408 0.41 10.36 -16.95
CA SER D 408 0.75 10.38 -18.37
C SER D 408 1.88 11.35 -18.63
N ILE D 409 1.77 12.55 -18.06
CA ILE D 409 2.85 13.54 -18.10
C ILE D 409 4.14 12.95 -17.53
N GLY D 410 4.04 12.33 -16.36
CA GLY D 410 5.17 11.64 -15.78
C GLY D 410 5.91 10.76 -16.77
N LYS D 411 5.22 9.77 -17.33
CA LYS D 411 5.82 8.86 -18.30
C LYS D 411 6.47 9.63 -19.44
N ARG D 412 5.75 10.63 -19.95
CA ARG D 412 6.27 11.38 -21.09
C ARG D 412 7.53 12.14 -20.72
N ILE D 413 7.53 12.78 -19.55
CA ILE D 413 8.71 13.54 -19.10
C ILE D 413 9.93 12.65 -18.89
N PHE D 414 9.72 11.55 -18.16
CA PHE D 414 10.77 10.57 -17.92
C PHE D 414 11.33 9.98 -19.19
N ASP D 415 10.46 9.38 -20.01
CA ASP D 415 10.88 8.74 -21.25
C ASP D 415 11.74 9.65 -22.14
N HIS D 416 11.48 10.95 -22.07
CA HIS D 416 12.28 11.91 -22.81
C HIS D 416 13.67 11.98 -22.20
N ALA D 417 13.73 12.14 -20.88
CA ALA D 417 15.00 12.26 -20.17
C ALA D 417 15.87 11.02 -20.27
N ILE D 418 15.27 9.85 -20.09
CA ILE D 418 16.01 8.60 -20.15
C ILE D 418 16.67 8.40 -21.53
N ARG D 419 16.07 8.99 -22.57
CA ARG D 419 16.48 8.77 -23.95
C ARG D 419 17.58 9.73 -24.33
N TYR D 420 17.74 10.77 -23.51
CA TYR D 420 18.64 11.89 -23.80
C TYR D 420 20.10 11.48 -23.95
N PRO D 421 20.74 11.97 -25.02
CA PRO D 421 20.07 12.80 -26.05
C PRO D 421 19.01 12.11 -26.97
N GLU D 435 3.51 22.80 -23.79
CA GLU D 435 2.33 21.91 -23.71
C GLU D 435 2.64 20.41 -23.68
N LEU D 436 2.61 19.85 -22.48
CA LEU D 436 2.80 18.42 -22.26
C LEU D 436 1.49 17.68 -22.20
N LEU D 437 0.42 18.47 -22.12
CA LEU D 437 -0.95 17.97 -22.15
C LEU D 437 -1.48 17.91 -23.57
N LYS D 438 -1.63 16.70 -24.12
CA LYS D 438 -2.19 16.60 -25.45
C LYS D 438 -3.66 17.06 -25.46
N SER D 439 -4.20 17.27 -26.65
CA SER D 439 -5.62 17.56 -26.80
C SER D 439 -6.45 16.54 -26.03
N SER D 440 -6.17 15.26 -26.28
CA SER D 440 -6.88 14.18 -25.62
C SER D 440 -7.14 14.50 -24.15
N ASP D 441 -6.09 14.90 -23.44
CA ASP D 441 -6.15 15.08 -21.98
C ASP D 441 -6.87 16.38 -21.60
N LYS D 442 -6.63 17.44 -22.36
CA LYS D 442 -7.34 18.70 -22.20
C LYS D 442 -8.86 18.55 -22.24
N VAL D 443 -9.34 17.72 -23.16
CA VAL D 443 -10.78 17.45 -23.27
C VAL D 443 -11.37 16.83 -21.99
N MET D 444 -10.89 15.66 -21.58
CA MET D 444 -11.46 15.01 -20.41
C MET D 444 -11.18 15.85 -19.15
N LEU D 445 -10.18 16.71 -19.20
CA LEU D 445 -9.97 17.63 -18.08
C LEU D 445 -11.03 18.70 -18.05
N LYS D 446 -11.34 19.22 -19.23
CA LYS D 446 -12.28 20.33 -19.37
C LYS D 446 -13.66 19.86 -18.97
N ARG D 447 -13.95 18.60 -19.27
CA ARG D 447 -15.26 18.05 -19.01
C ARG D 447 -15.49 17.90 -17.52
N ARG D 448 -14.41 17.57 -16.80
CA ARG D 448 -14.53 17.23 -15.40
C ARG D 448 -14.66 18.50 -14.59
N ILE D 449 -14.14 19.58 -15.17
CA ILE D 449 -14.22 20.89 -14.54
C ILE D 449 -15.60 21.48 -14.74
N LEU D 450 -16.16 21.25 -15.91
CA LEU D 450 -17.48 21.76 -16.25
C LEU D 450 -18.57 21.10 -15.43
N ALA D 451 -18.33 19.88 -14.98
CA ALA D 451 -19.32 19.14 -14.24
C ALA D 451 -19.50 19.68 -12.84
N LEU D 452 -18.62 20.60 -12.45
CA LEU D 452 -18.67 21.19 -11.13
C LEU D 452 -19.57 22.42 -11.08
N ARG D 453 -19.78 23.06 -12.23
CA ARG D 453 -20.65 24.22 -12.29
C ARG D 453 -21.96 23.88 -11.59
N ARG D 454 -22.41 24.74 -10.71
CA ARG D 454 -23.73 24.54 -10.12
C ARG D 454 -24.74 25.64 -10.51
N PRO D 455 -25.97 25.22 -10.87
CA PRO D 455 -27.12 26.05 -11.27
C PRO D 455 -27.11 27.43 -10.63
N GLU D 456 -27.06 28.49 -11.43
CA GLU D 456 -26.89 29.84 -10.88
C GLU D 456 -27.69 30.13 -9.60
N GLY D 457 -27.00 30.73 -8.63
CA GLY D 457 -27.61 31.16 -7.38
C GLY D 457 -27.98 30.05 -6.42
N GLN D 458 -27.72 28.80 -6.81
CA GLN D 458 -27.91 27.67 -5.91
C GLN D 458 -26.71 27.58 -4.99
N LEU D 459 -26.95 27.64 -3.68
CA LEU D 459 -25.88 27.57 -2.68
C LEU D 459 -25.61 26.15 -2.19
N PRO D 460 -24.46 25.94 -1.55
CA PRO D 460 -24.18 24.68 -0.86
C PRO D 460 -25.24 24.41 0.20
N PRO D 461 -25.83 23.22 0.18
CA PRO D 461 -26.89 22.85 1.12
C PRO D 461 -26.45 23.00 2.59
N ILE D 462 -27.41 23.15 3.50
CA ILE D 462 -27.11 23.15 4.93
C ILE D 462 -27.35 21.76 5.50
N VAL D 463 -27.85 20.85 4.67
CA VAL D 463 -28.14 19.49 5.14
C VAL D 463 -27.69 18.45 4.14
N THR D 464 -27.16 17.33 4.63
CA THR D 464 -26.64 16.29 3.75
C THR D 464 -27.66 15.21 3.43
N HIS D 465 -28.80 15.20 4.12
CA HIS D 465 -29.79 14.13 3.97
C HIS D 465 -31.18 14.60 3.53
N ASN D 466 -31.99 13.62 3.14
CA ASN D 466 -33.41 13.83 2.95
C ASN D 466 -34.14 13.81 4.30
N MET D 467 -34.50 15.00 4.78
CA MET D 467 -35.14 15.16 6.07
C MET D 467 -36.61 14.78 6.00
N VAL D 468 -37.02 13.92 6.92
CA VAL D 468 -38.40 13.44 6.92
C VAL D 468 -39.25 14.35 7.77
N ASP D 469 -39.33 15.63 7.41
CA ASP D 469 -40.03 16.63 8.22
C ASP D 469 -39.30 17.93 8.08
N ASP D 470 -38.98 18.30 6.86
CA ASP D 470 -38.10 19.44 6.63
C ASP D 470 -38.62 20.72 7.28
N ALA D 471 -39.92 20.76 7.58
CA ALA D 471 -40.54 21.99 8.05
C ALA D 471 -40.53 22.15 9.55
N ASN D 472 -40.50 21.02 10.28
CA ASN D 472 -40.67 21.02 11.74
C ASN D 472 -39.41 20.73 12.53
N ASP D 473 -38.37 20.29 11.84
CA ASP D 473 -37.11 19.96 12.49
C ASP D 473 -36.51 21.18 13.19
N LEU D 474 -36.13 21.01 14.45
CA LEU D 474 -35.65 22.10 15.28
C LEU D 474 -34.33 22.69 14.78
N ILE D 475 -33.43 21.81 14.33
CA ILE D 475 -32.09 22.21 13.91
C ILE D 475 -32.08 23.01 12.60
N LEU D 476 -32.80 22.52 11.59
CA LEU D 476 -32.91 23.27 10.33
C LEU D 476 -33.56 24.64 10.54
N ASN D 477 -34.69 24.67 11.24
CA ASN D 477 -35.42 25.91 11.47
C ASN D 477 -34.62 26.97 12.23
N LYS D 478 -33.74 26.55 13.14
CA LYS D 478 -32.91 27.52 13.84
C LYS D 478 -31.85 28.02 12.88
N ILE D 479 -31.30 27.14 12.05
CA ILE D 479 -30.25 27.60 11.13
C ILE D 479 -30.85 28.36 9.96
N ARG D 480 -32.18 28.36 9.85
CA ARG D 480 -32.86 29.25 8.92
C ARG D 480 -33.11 30.61 9.59
N GLN D 481 -33.73 30.55 10.77
CA GLN D 481 -33.96 31.76 11.58
C GLN D 481 -32.72 32.65 11.61
N VAL D 482 -31.52 32.05 11.66
CA VAL D 482 -30.28 32.85 11.70
C VAL D 482 -29.67 33.10 10.30
N GLN D 483 -30.27 32.50 9.29
CA GLN D 483 -29.91 32.75 7.89
C GLN D 483 -28.46 32.44 7.55
N LEU D 484 -27.91 31.39 8.15
CA LEU D 484 -26.64 30.84 7.76
C LEU D 484 -26.87 29.91 6.58
N PHE D 485 -26.65 30.40 5.37
CA PHE D 485 -27.06 29.65 4.20
C PHE D 485 -25.89 29.29 3.31
N ASN D 486 -24.69 29.58 3.77
CA ASN D 486 -23.48 29.17 3.06
C ASN D 486 -23.16 29.98 1.79
N SER D 487 -23.71 31.18 1.69
CA SER D 487 -23.30 32.10 0.62
C SER D 487 -21.88 32.59 0.91
N PRO D 488 -21.10 32.89 -0.13
CA PRO D 488 -19.66 33.15 -0.03
C PRO D 488 -19.32 34.30 0.90
N SER D 489 -20.25 35.24 1.03
CA SER D 489 -20.16 36.34 1.97
C SER D 489 -19.99 35.85 3.41
N ASP D 490 -20.80 34.84 3.77
CA ASP D 490 -20.80 34.16 5.09
C ASP D 490 -19.46 33.52 5.46
N ARG D 491 -18.95 33.87 6.63
CA ARG D 491 -17.63 33.38 7.02
C ARG D 491 -17.67 32.11 7.88
N VAL D 492 -18.85 31.74 8.37
CA VAL D 492 -19.03 30.43 8.97
C VAL D 492 -20.04 29.63 8.16
N LYS D 493 -19.58 28.49 7.64
CA LYS D 493 -20.44 27.64 6.83
C LYS D 493 -21.13 26.57 7.73
N MET D 494 -22.30 26.09 7.31
CA MET D 494 -23.13 25.28 8.19
C MET D 494 -23.48 23.90 7.59
N ILE D 495 -23.03 22.83 8.22
CA ILE D 495 -23.29 21.51 7.69
C ILE D 495 -24.00 20.63 8.70
N PHE D 496 -25.24 20.25 8.39
CA PHE D 496 -26.01 19.39 9.28
C PHE D 496 -26.07 17.98 8.72
N HIS D 497 -25.56 17.01 9.49
CA HIS D 497 -25.43 15.62 9.03
C HIS D 497 -26.15 14.73 10.01
N PRO D 498 -27.48 14.58 9.82
CA PRO D 498 -28.40 13.93 10.74
C PRO D 498 -28.23 12.42 10.75
N GLU D 499 -27.03 11.95 11.03
CA GLU D 499 -26.74 10.53 10.94
C GLU D 499 -25.37 10.22 11.52
N PHE D 500 -25.25 9.17 12.32
CA PHE D 500 -23.94 8.84 12.86
C PHE D 500 -22.93 8.59 11.76
N LEU D 501 -21.67 8.57 12.15
CA LEU D 501 -20.60 8.49 11.17
C LEU D 501 -20.04 7.07 11.08
N ASN D 502 -19.86 6.62 9.83
CA ASN D 502 -19.32 5.30 9.48
C ASN D 502 -18.31 5.42 8.34
N ALA D 503 -17.19 4.70 8.39
CA ALA D 503 -16.13 4.91 7.39
C ALA D 503 -16.58 4.67 5.95
N ASN D 504 -17.72 3.98 5.83
CA ASN D 504 -18.23 3.53 4.53
C ASN D 504 -19.25 4.49 3.89
N ASN D 505 -19.25 5.74 4.34
CA ASN D 505 -20.20 6.74 3.80
C ASN D 505 -19.74 7.41 2.53
N PRO D 506 -20.61 7.39 1.51
CA PRO D 506 -20.40 8.05 0.22
C PRO D 506 -20.00 9.51 0.40
N ILE D 507 -20.59 10.16 1.40
CA ILE D 507 -20.33 11.57 1.70
C ILE D 507 -19.07 11.79 2.55
N LEU D 508 -19.04 11.26 3.77
CA LEU D 508 -17.99 11.63 4.72
C LEU D 508 -17.31 10.38 5.26
N GLY D 509 -16.22 9.99 4.62
CA GLY D 509 -15.68 8.65 4.81
C GLY D 509 -14.93 8.35 6.10
N LEU D 510 -15.47 8.79 7.24
CA LEU D 510 -14.82 8.55 8.51
C LEU D 510 -15.72 7.81 9.50
N ASP D 511 -15.10 7.21 10.52
CA ASP D 511 -15.84 6.78 11.68
C ASP D 511 -15.96 8.03 12.53
N TYR D 512 -16.71 7.97 13.63
CA TYR D 512 -16.82 9.16 14.46
C TYR D 512 -15.47 9.50 15.12
N ASP D 513 -14.77 8.49 15.64
CA ASP D 513 -13.49 8.78 16.29
C ASP D 513 -12.51 9.42 15.31
N GLU D 514 -12.47 8.91 14.09
CA GLU D 514 -11.67 9.52 13.03
C GLU D 514 -12.03 10.99 12.81
N PHE D 515 -13.32 11.26 12.66
CA PHE D 515 -13.82 12.61 12.42
C PHE D 515 -13.47 13.55 13.55
N VAL D 516 -13.77 13.14 14.77
CA VAL D 516 -13.45 14.00 15.90
C VAL D 516 -12.01 14.47 15.81
N ARG D 517 -11.08 13.54 15.62
CA ARG D 517 -9.67 13.86 15.62
C ARG D 517 -9.29 14.85 14.53
N GLY D 518 -9.97 14.74 13.41
CA GLY D 518 -9.68 15.59 12.27
C GLY D 518 -10.17 17.01 12.41
N CYS D 519 -10.92 17.30 13.47
CA CYS D 519 -11.47 18.63 13.65
C CYS D 519 -10.57 19.52 14.50
N HIS D 520 -11.03 20.75 14.73
CA HIS D 520 -10.21 21.73 15.42
C HIS D 520 -10.79 22.05 16.81
N LEU D 521 -12.10 21.98 16.95
CA LEU D 521 -12.71 22.36 18.19
C LEU D 521 -14.10 21.74 18.34
N GLY D 522 -14.32 20.96 19.39
CA GLY D 522 -15.64 20.45 19.65
C GLY D 522 -16.37 21.49 20.48
N VAL D 523 -17.67 21.63 20.24
CA VAL D 523 -18.48 22.61 20.97
C VAL D 523 -19.76 21.98 21.57
N PHE D 524 -19.81 21.86 22.89
CA PHE D 524 -20.93 21.17 23.53
C PHE D 524 -21.51 22.01 24.66
N PRO D 525 -22.35 22.98 24.29
CA PRO D 525 -23.02 24.01 25.08
C PRO D 525 -24.22 23.48 25.89
N SER D 526 -24.02 22.38 26.60
CA SER D 526 -25.13 21.60 27.14
C SER D 526 -25.85 22.30 28.27
N TYR D 527 -27.17 22.11 28.33
CA TYR D 527 -27.99 22.72 29.37
C TYR D 527 -28.37 21.73 30.46
N TYR D 528 -28.74 20.52 30.06
CA TYR D 528 -28.92 19.43 31.01
C TYR D 528 -28.09 18.22 30.59
N GLU D 529 -27.13 17.85 31.41
CA GLU D 529 -26.14 16.85 31.02
C GLU D 529 -25.38 16.41 32.24
N PRO D 530 -25.84 15.34 32.87
CA PRO D 530 -25.34 14.81 34.13
C PRO D 530 -23.88 14.40 34.05
N TRP D 531 -23.43 13.92 32.89
CA TRP D 531 -22.00 13.74 32.69
C TRP D 531 -21.54 14.34 31.38
N GLY D 532 -21.86 13.65 30.29
CA GLY D 532 -21.46 14.12 29.00
C GLY D 532 -20.26 13.37 28.50
N TYR D 533 -20.48 12.24 27.85
CA TYR D 533 -19.38 11.47 27.36
C TYR D 533 -18.81 12.06 26.08
N THR D 534 -19.67 12.69 25.28
CA THR D 534 -19.22 13.32 24.03
C THR D 534 -18.04 14.29 24.22
N PRO D 535 -18.19 15.28 25.14
CA PRO D 535 -17.05 16.18 25.40
C PRO D 535 -15.86 15.46 26.04
N ALA D 536 -16.11 14.59 27.00
CA ALA D 536 -15.02 13.94 27.69
C ALA D 536 -14.23 13.04 26.75
N GLU D 537 -14.90 12.40 25.81
CA GLU D 537 -14.17 11.56 24.90
C GLU D 537 -13.56 12.42 23.81
N CYS D 538 -14.12 13.61 23.65
CA CYS D 538 -13.53 14.59 22.75
C CYS D 538 -12.16 14.92 23.29
N THR D 539 -12.09 15.16 24.60
CA THR D 539 -10.84 15.55 25.25
C THR D 539 -9.81 14.43 25.29
N VAL D 540 -10.27 13.21 25.53
CA VAL D 540 -9.36 12.08 25.59
C VAL D 540 -8.62 11.93 24.27
N MET D 541 -9.31 12.24 23.16
CA MET D 541 -8.74 12.13 21.82
C MET D 541 -7.84 13.31 21.43
N GLY D 542 -7.61 14.20 22.37
CA GLY D 542 -6.68 15.30 22.17
C GLY D 542 -7.24 16.43 21.33
N VAL D 543 -8.51 16.73 21.52
CA VAL D 543 -9.10 17.87 20.82
C VAL D 543 -9.64 18.90 21.80
N PRO D 544 -9.33 20.18 21.53
CA PRO D 544 -9.89 21.31 22.27
C PRO D 544 -11.39 21.26 22.19
N SER D 545 -12.05 21.73 23.26
CA SER D 545 -13.50 21.59 23.39
C SER D 545 -14.09 22.65 24.30
N ILE D 546 -15.35 23.00 24.04
CA ILE D 546 -16.06 23.93 24.90
C ILE D 546 -17.22 23.22 25.55
N THR D 547 -17.24 23.16 26.89
CA THR D 547 -18.41 22.64 27.60
C THR D 547 -19.07 23.72 28.46
N THR D 548 -19.98 23.34 29.34
CA THR D 548 -20.62 24.32 30.24
C THR D 548 -20.39 23.98 31.71
N ASN D 549 -20.94 24.82 32.59
CA ASN D 549 -20.76 24.62 34.02
C ASN D 549 -22.03 23.99 34.64
N VAL D 550 -22.94 23.59 33.76
CA VAL D 550 -24.09 22.79 34.13
C VAL D 550 -23.94 21.36 33.56
N SER D 551 -22.88 21.17 32.79
CA SER D 551 -22.44 19.84 32.41
C SER D 551 -21.70 19.18 33.57
N GLY D 552 -21.93 17.88 33.73
CA GLY D 552 -21.26 17.12 34.76
C GLY D 552 -19.79 17.16 34.49
N PHE D 553 -19.44 16.89 33.23
CA PHE D 553 -18.05 16.90 32.82
C PHE D 553 -17.46 18.29 32.92
N GLY D 554 -18.25 19.30 32.56
CA GLY D 554 -17.87 20.67 32.82
C GLY D 554 -17.57 20.85 34.30
N SER D 555 -18.60 20.68 35.13
CA SER D 555 -18.48 20.71 36.59
C SER D 555 -17.16 20.09 37.06
N TYR D 556 -16.95 18.83 36.70
CA TYR D 556 -15.73 18.11 37.08
C TYR D 556 -14.46 18.76 36.56
N MET D 557 -14.51 19.17 35.29
CA MET D 557 -13.32 19.74 34.67
C MET D 557 -12.88 21.04 35.36
N GLU D 558 -13.88 21.85 35.75
CA GLU D 558 -13.63 23.13 36.41
C GLU D 558 -12.67 23.04 37.60
N ASP D 559 -12.72 21.95 38.34
CA ASP D 559 -11.83 21.77 39.49
C ASP D 559 -10.42 21.34 39.10
N LEU D 560 -10.04 21.62 37.86
CA LEU D 560 -8.68 21.38 37.41
C LEU D 560 -8.28 22.41 36.32
N ALA D 566 -5.70 28.13 32.93
CA ALA D 566 -7.02 27.51 32.88
C ALA D 566 -7.44 26.95 31.48
N LYS D 567 -8.01 27.81 30.63
CA LYS D 567 -8.42 27.46 29.25
C LYS D 567 -7.25 27.02 28.38
N ASP D 568 -6.04 27.36 28.79
CA ASP D 568 -4.82 27.08 28.03
C ASP D 568 -4.72 25.60 27.72
N TYR D 569 -5.42 24.79 28.51
CA TYR D 569 -5.34 23.34 28.40
C TYR D 569 -6.33 22.76 27.41
N GLY D 570 -7.06 23.65 26.73
CA GLY D 570 -7.93 23.21 25.65
C GLY D 570 -9.33 22.97 26.13
N ILE D 571 -9.63 23.41 27.34
CA ILE D 571 -10.99 23.31 27.83
C ILE D 571 -11.55 24.67 28.19
N TYR D 572 -12.50 25.13 27.40
CA TYR D 572 -13.21 26.36 27.69
C TYR D 572 -14.50 25.97 28.41
N ILE D 573 -14.87 26.71 29.45
CA ILE D 573 -16.11 26.42 30.14
C ILE D 573 -17.03 27.63 30.10
N VAL D 574 -18.11 27.54 29.33
CA VAL D 574 -19.13 28.58 29.30
C VAL D 574 -19.97 28.54 30.57
N ASP D 575 -20.21 29.70 31.16
CA ASP D 575 -21.09 29.77 32.33
C ASP D 575 -22.56 29.79 31.87
N ARG D 576 -23.27 28.70 32.11
CA ARG D 576 -24.67 28.62 31.74
C ARG D 576 -25.58 28.72 32.96
N ARG D 577 -24.98 28.69 34.15
CA ARG D 577 -25.70 28.62 35.43
C ARG D 577 -25.91 29.97 36.10
N PHE D 578 -24.97 30.89 35.92
CA PHE D 578 -25.03 32.18 36.60
C PHE D 578 -25.34 33.33 35.66
N LYS D 579 -24.60 33.43 34.55
CA LYS D 579 -24.91 34.44 33.52
C LYS D 579 -26.26 34.18 32.84
N ALA D 580 -26.86 35.24 32.31
CA ALA D 580 -28.19 35.16 31.71
C ALA D 580 -28.09 34.50 30.34
N PRO D 581 -29.23 33.98 29.82
CA PRO D 581 -29.22 33.25 28.56
C PRO D 581 -28.40 33.93 27.47
N ASP D 582 -28.49 35.25 27.39
CA ASP D 582 -27.77 35.98 26.35
C ASP D 582 -26.26 36.14 26.64
N GLU D 583 -25.90 36.47 27.87
CA GLU D 583 -24.49 36.62 28.20
C GLU D 583 -23.76 35.29 28.01
N SER D 584 -24.48 34.20 28.24
CA SER D 584 -23.95 32.87 28.00
C SER D 584 -23.55 32.78 26.54
N VAL D 585 -24.53 33.01 25.67
CA VAL D 585 -24.30 32.99 24.23
C VAL D 585 -23.07 33.83 23.87
N GLU D 586 -23.05 35.07 24.32
CA GLU D 586 -21.97 35.99 24.04
C GLU D 586 -20.63 35.42 24.50
N GLN D 587 -20.60 34.86 25.70
CA GLN D 587 -19.37 34.25 26.22
C GLN D 587 -18.91 33.15 25.28
N LEU D 588 -19.87 32.49 24.66
CA LEU D 588 -19.58 31.43 23.72
C LEU D 588 -18.87 32.03 22.52
N VAL D 589 -19.41 33.12 22.00
CA VAL D 589 -18.88 33.72 20.78
C VAL D 589 -17.44 34.21 21.00
N ASP D 590 -17.19 34.77 22.18
CA ASP D 590 -15.87 35.26 22.57
C ASP D 590 -14.89 34.12 22.54
N TYR D 591 -15.32 32.97 23.06
CA TYR D 591 -14.47 31.79 23.12
C TYR D 591 -14.11 31.32 21.71
N MET D 592 -15.11 31.29 20.82
CA MET D 592 -14.90 30.85 19.45
C MET D 592 -13.96 31.82 18.73
N GLU D 593 -14.28 33.11 18.83
CA GLU D 593 -13.44 34.16 18.24
C GLU D 593 -11.99 33.97 18.64
N GLU D 594 -11.74 33.96 19.96
CA GLU D 594 -10.40 33.75 20.47
C GLU D 594 -9.71 32.57 19.78
N PHE D 595 -10.45 31.50 19.55
CA PHE D 595 -9.90 30.30 18.92
C PHE D 595 -9.54 30.56 17.46
N VAL D 596 -10.44 31.23 16.75
CA VAL D 596 -10.19 31.54 15.34
C VAL D 596 -8.91 32.39 15.17
N LYS D 597 -8.72 33.36 16.06
CA LYS D 597 -7.59 34.29 15.97
C LYS D 597 -6.33 33.72 16.61
N LYS D 598 -6.21 32.42 16.61
CA LYS D 598 -5.05 31.79 17.19
C LYS D 598 -4.07 31.56 16.05
N THR D 599 -2.79 31.77 16.34
CA THR D 599 -1.74 31.55 15.35
C THR D 599 -1.50 30.05 15.16
N ALA D 600 -0.80 29.69 14.08
CA ALA D 600 -0.52 28.29 13.81
C ALA D 600 0.20 27.64 14.98
N ALA D 601 1.02 28.43 15.66
CA ALA D 601 1.80 27.93 16.78
C ALA D 601 1.03 27.95 18.10
N GLN D 602 0.16 28.96 18.25
CA GLN D 602 -0.69 29.03 19.44
C GLN D 602 -1.66 27.84 19.53
N ALA D 603 -2.11 27.37 18.37
CA ALA D 603 -3.01 26.24 18.31
C ALA D 603 -2.28 24.94 18.60
N ILE D 604 -1.10 24.75 18.00
CA ILE D 604 -0.30 23.55 18.27
C ILE D 604 0.18 23.49 19.72
N ASN D 605 0.20 24.63 20.39
CA ASN D 605 0.48 24.64 21.82
C ASN D 605 -0.64 23.98 22.64
N GLN D 606 -1.85 24.55 22.56
CA GLN D 606 -3.05 24.04 23.20
C GLN D 606 -3.20 22.54 22.95
N ARG D 607 -3.42 22.18 21.69
CA ARG D 607 -3.59 20.81 21.27
C ARG D 607 -2.65 19.85 21.97
N ASN D 608 -1.38 20.24 22.08
CA ASN D 608 -0.40 19.42 22.77
C ASN D 608 -0.66 19.37 24.26
N ARG D 609 -1.29 20.42 24.77
CA ARG D 609 -1.63 20.48 26.17
C ARG D 609 -2.86 19.66 26.55
N THR D 610 -3.92 19.77 25.75
CA THR D 610 -5.11 18.97 26.00
C THR D 610 -4.75 17.49 25.90
N GLU D 611 -3.85 17.16 24.98
CA GLU D 611 -3.51 15.77 24.71
C GLU D 611 -2.96 15.07 25.93
N ARG D 612 -2.37 15.85 26.84
CA ARG D 612 -1.81 15.28 28.05
C ARG D 612 -2.86 15.14 29.18
N LEU D 613 -3.94 15.90 29.06
CA LEU D 613 -5.08 15.77 29.96
C LEU D 613 -5.70 14.38 29.88
N SER D 614 -5.58 13.76 28.71
CA SER D 614 -6.23 12.48 28.46
C SER D 614 -6.08 11.48 29.62
N ASP D 615 -4.86 11.27 30.09
CA ASP D 615 -4.60 10.24 31.10
C ASP D 615 -5.25 10.52 32.43
N LEU D 616 -5.74 11.75 32.62
CA LEU D 616 -6.44 12.10 33.84
C LEU D 616 -7.82 11.46 33.90
N LEU D 617 -8.36 11.11 32.74
CA LEU D 617 -9.73 10.64 32.65
C LEU D 617 -9.86 9.12 32.52
N ASP D 618 -8.75 8.41 32.54
CA ASP D 618 -8.80 6.95 32.54
C ASP D 618 -9.37 6.46 33.87
N TRP D 619 -9.87 5.23 33.87
CA TRP D 619 -10.42 4.66 35.09
C TRP D 619 -9.34 4.50 36.15
N LYS D 620 -8.12 4.19 35.71
CA LYS D 620 -7.01 4.00 36.62
C LYS D 620 -6.91 5.14 37.63
N ARG D 621 -7.44 6.31 37.29
CA ARG D 621 -7.46 7.40 38.26
C ARG D 621 -8.86 7.70 38.80
N MET D 622 -9.88 7.51 37.95
CA MET D 622 -11.24 7.85 38.33
C MET D 622 -11.89 6.74 39.14
N GLY D 623 -11.30 5.55 39.03
CA GLY D 623 -11.75 4.39 39.78
C GLY D 623 -11.57 4.55 41.27
N LEU D 624 -10.64 5.43 41.65
CA LEU D 624 -10.30 5.62 43.06
C LEU D 624 -11.41 6.31 43.82
N GLU D 625 -12.33 6.92 43.08
CA GLU D 625 -13.51 7.50 43.71
C GLU D 625 -14.52 6.43 44.15
N TYR D 626 -14.52 5.31 43.43
CA TYR D 626 -15.41 4.21 43.76
C TYR D 626 -14.86 3.55 45.00
N VAL D 627 -13.54 3.40 45.05
CA VAL D 627 -12.93 2.82 46.23
C VAL D 627 -13.26 3.64 47.47
N LYS D 628 -13.22 4.96 47.34
CA LYS D 628 -13.60 5.82 48.44
C LYS D 628 -15.03 5.51 48.84
N ALA D 629 -15.88 5.29 47.85
CA ALA D 629 -17.30 5.10 48.09
C ALA D 629 -17.54 3.81 48.81
N ARG D 630 -16.96 2.73 48.28
CA ARG D 630 -17.15 1.41 48.87
C ARG D 630 -16.63 1.37 50.30
N GLN D 631 -15.43 1.90 50.50
CA GLN D 631 -14.84 1.91 51.82
C GLN D 631 -15.61 2.77 52.81
N LEU D 632 -16.16 3.90 52.37
CA LEU D 632 -17.03 4.67 53.27
C LEU D 632 -18.24 3.83 53.66
N ALA D 633 -18.72 3.01 52.73
CA ALA D 633 -19.85 2.14 53.01
C ALA D 633 -19.50 1.12 54.10
N LEU D 634 -18.26 0.66 54.11
CA LEU D 634 -17.80 -0.28 55.13
C LEU D 634 -17.60 0.39 56.48
N ARG D 635 -16.86 1.50 56.48
CA ARG D 635 -16.68 2.29 57.69
C ARG D 635 -18.00 2.68 58.35
N ARG D 636 -19.06 2.87 57.56
CA ARG D 636 -20.37 3.17 58.14
C ARG D 636 -21.13 1.94 58.63
N GLY D 637 -20.79 0.77 58.09
CA GLY D 637 -21.52 -0.44 58.41
C GLY D 637 -20.95 -1.15 59.63
N TYR D 638 -19.63 -1.11 59.77
CA TYR D 638 -18.96 -1.82 60.84
C TYR D 638 -17.98 -0.88 61.54
N PRO D 639 -18.50 0.20 62.14
CA PRO D 639 -17.68 1.32 62.63
C PRO D 639 -16.53 0.79 63.48
N ASP D 640 -16.83 -0.24 64.27
CA ASP D 640 -15.85 -0.84 65.16
C ASP D 640 -14.76 -1.61 64.40
N GLN D 641 -15.17 -2.61 63.61
CA GLN D 641 -14.20 -3.44 62.89
C GLN D 641 -13.29 -2.59 62.02
N PHE D 642 -13.81 -1.44 61.57
CA PHE D 642 -13.07 -0.55 60.69
C PHE D 642 -11.92 0.08 61.46
N ARG D 643 -12.21 0.50 62.69
CA ARG D 643 -11.21 1.11 63.54
C ARG D 643 -10.00 0.20 63.70
N GLU D 644 -10.26 -1.08 63.92
CA GLU D 644 -9.20 -2.08 64.09
C GLU D 644 -8.29 -2.13 62.88
N LEU D 645 -8.90 -2.15 61.69
CA LEU D 645 -8.16 -2.28 60.45
C LEU D 645 -7.34 -1.03 60.11
N VAL D 646 -7.72 0.11 60.67
CA VAL D 646 -7.06 1.36 60.32
C VAL D 646 -6.14 1.89 61.41
N GLY D 647 -6.45 1.54 62.66
CA GLY D 647 -5.61 1.90 63.78
C GLY D 647 -6.05 3.18 64.48
N GLU D 648 -7.22 3.69 64.09
CA GLU D 648 -7.76 4.91 64.68
C GLU D 648 -9.22 5.00 64.28
N GLU D 649 -9.86 6.15 64.53
CA GLU D 649 -11.20 6.37 64.02
C GLU D 649 -11.25 7.55 63.03
N LEU D 650 -11.49 7.22 61.76
CA LEU D 650 -11.54 8.20 60.68
C LEU D 650 -12.95 8.74 60.51
N ASN D 651 -13.06 9.92 59.90
CA ASN D 651 -14.34 10.59 59.70
C ASN D 651 -15.24 9.88 58.67
N ASP D 652 -16.54 9.82 58.96
CA ASP D 652 -17.45 9.09 58.11
C ASP D 652 -18.61 9.94 57.58
N SER D 653 -18.36 11.19 57.23
CA SER D 653 -19.44 12.02 56.71
C SER D 653 -19.35 12.29 55.19
N ASN D 654 -18.15 12.26 54.63
CA ASN D 654 -17.98 12.19 53.17
C ASN D 654 -17.02 11.10 52.78
N MET D 655 -16.85 10.89 51.48
CA MET D 655 -15.86 9.94 51.01
C MET D 655 -14.52 10.64 50.95
N ASP D 656 -14.58 11.97 50.81
CA ASP D 656 -13.36 12.77 50.86
C ASP D 656 -12.97 13.00 52.31
N ALA D 657 -13.98 13.17 53.15
CA ALA D 657 -13.76 13.24 54.59
C ALA D 657 -13.05 11.98 55.13
N LEU D 658 -13.27 10.84 54.48
CA LEU D 658 -12.60 9.62 54.90
C LEU D 658 -11.13 9.60 54.48
N ALA D 659 -10.87 9.83 53.20
CA ALA D 659 -9.51 9.87 52.67
C ALA D 659 -9.12 11.25 52.10
#